data_5ZTE
#
_entry.id   5ZTE
#
_cell.length_a   124.212
_cell.length_b   216.189
_cell.length_c   98.449
_cell.angle_alpha   90.000
_cell.angle_beta   101.470
_cell.angle_gamma   90.000
#
_symmetry.space_group_name_H-M   'C 1 2 1'
#
loop_
_entity.id
_entity.type
_entity.pdbx_description
1 polymer '2-Cys peroxiredoxin BAS1, chloroplastic'
2 water water
#
_entity_poly.entity_id   1
_entity_poly.type   'polypeptide(L)'
_entity_poly.pdbx_seq_one_letter_code
;MPLVGNKAPDFEAEAVFDQEFIKVKLSDYIGKKYVILFFYPLDFTFVSPTEITAFSDRHSEFEKLNTEVLGVSVDSVFSH
LAWVQTDRKSGGLGDLNYPLISDVTKSISKSFGVLIHDQGIALRGLFIIDKEGVIQHSTINNLGIGRSVDETMRTLQALQ
YIQENPDEVCPAGWKPGEKSMKPDPKLSKEYFSAILEHHHHHH
;
_entity_poly.pdbx_strand_id   A,B,C,D,E,F,G,H,I,J
#
# COMPACT_ATOMS: atom_id res chain seq x y z
N PRO A 2 5.76 15.26 -49.18
CA PRO A 2 4.49 14.59 -49.45
C PRO A 2 4.63 13.26 -50.20
N LEU A 3 3.64 12.37 -50.08
CA LEU A 3 3.65 11.12 -50.84
C LEU A 3 3.51 11.39 -52.34
N VAL A 4 2.58 12.26 -52.71
CA VAL A 4 2.35 12.56 -54.11
C VAL A 4 3.61 13.22 -54.67
N GLY A 5 4.07 12.71 -55.81
CA GLY A 5 5.30 13.17 -56.43
C GLY A 5 6.53 12.36 -56.14
N ASN A 6 6.44 11.33 -55.29
CA ASN A 6 7.61 10.55 -54.92
C ASN A 6 7.32 9.07 -55.14
N LYS A 7 8.36 8.24 -55.09
CA LYS A 7 8.16 6.81 -55.21
C LYS A 7 7.25 6.32 -54.11
N ALA A 8 6.32 5.45 -54.47
CA ALA A 8 5.43 4.87 -53.49
C ALA A 8 6.23 3.99 -52.55
N PRO A 9 5.86 3.94 -51.28
CA PRO A 9 6.49 2.97 -50.37
C PRO A 9 6.21 1.55 -50.81
N ASP A 10 7.27 0.78 -51.05
CA ASP A 10 7.15 -0.59 -51.50
C ASP A 10 6.60 -1.49 -50.40
N PHE A 11 5.92 -2.56 -50.79
CA PHE A 11 5.49 -3.58 -49.84
C PHE A 11 5.46 -4.95 -50.52
N GLU A 12 5.48 -5.99 -49.69
CA GLU A 12 5.20 -7.36 -50.09
C GLU A 12 4.17 -7.93 -49.14
N ALA A 13 3.03 -8.36 -49.66
CA ALA A 13 1.95 -8.78 -48.79
C ALA A 13 1.19 -9.93 -49.44
N GLU A 14 0.55 -10.73 -48.60
CA GLU A 14 -0.31 -11.79 -49.10
C GLU A 14 -1.63 -11.20 -49.58
N ALA A 15 -2.24 -11.87 -50.55
CA ALA A 15 -3.46 -11.35 -51.14
C ALA A 15 -4.29 -12.51 -51.65
N VAL A 16 -5.55 -12.22 -51.95
CA VAL A 16 -6.47 -13.17 -52.57
C VAL A 16 -6.67 -12.75 -54.01
N PHE A 17 -6.50 -13.69 -54.93
CA PHE A 17 -6.73 -13.47 -56.35
C PHE A 17 -7.25 -14.77 -56.94
N ASP A 18 -8.40 -14.68 -57.62
CA ASP A 18 -9.08 -15.84 -58.17
C ASP A 18 -9.33 -16.90 -57.10
N GLN A 19 -9.68 -16.45 -55.90
CA GLN A 19 -9.92 -17.32 -54.73
C GLN A 19 -8.70 -18.19 -54.40
N GLU A 20 -7.50 -17.66 -54.68
CA GLU A 20 -6.25 -18.28 -54.29
C GLU A 20 -5.40 -17.28 -53.52
N PHE A 21 -4.50 -17.81 -52.71
CA PHE A 21 -3.57 -16.99 -51.94
C PHE A 21 -2.33 -16.73 -52.80
N ILE A 22 -2.00 -15.46 -53.01
CA ILE A 22 -0.82 -15.06 -53.75
C ILE A 22 -0.03 -14.09 -52.90
N LYS A 23 1.13 -13.70 -53.41
CA LYS A 23 1.93 -12.61 -52.86
C LYS A 23 1.91 -11.49 -53.88
N VAL A 24 1.94 -10.25 -53.40
CA VAL A 24 1.94 -9.07 -54.25
C VAL A 24 3.04 -8.16 -53.75
N LYS A 25 3.93 -7.77 -54.65
CA LYS A 25 5.00 -6.83 -54.37
C LYS A 25 4.78 -5.62 -55.25
N LEU A 26 4.63 -4.45 -54.63
CA LEU A 26 4.22 -3.26 -55.39
C LEU A 26 5.26 -2.89 -56.44
N SER A 27 6.55 -2.95 -56.08
CA SER A 27 7.59 -2.59 -57.02
C SER A 27 7.61 -3.48 -58.26
N ASP A 28 7.02 -4.69 -58.18
CA ASP A 28 6.95 -5.56 -59.34
C ASP A 28 6.10 -5.00 -60.46
N TYR A 29 5.28 -3.99 -60.20
CA TYR A 29 4.51 -3.39 -61.28
C TYR A 29 5.27 -2.28 -61.98
N ILE A 30 6.40 -1.84 -61.42
CA ILE A 30 7.17 -0.78 -62.02
C ILE A 30 7.67 -1.21 -63.40
N GLY A 31 7.52 -0.31 -64.37
CA GLY A 31 7.85 -0.60 -65.76
C GLY A 31 6.80 -1.38 -66.51
N LYS A 32 5.81 -1.94 -65.84
CA LYS A 32 4.85 -2.85 -66.46
C LYS A 32 3.44 -2.28 -66.50
N LYS A 33 2.92 -1.80 -65.36
CA LYS A 33 1.56 -1.28 -65.35
C LYS A 33 1.46 -0.05 -64.46
N TYR A 34 0.52 0.83 -64.81
CA TYR A 34 0.00 1.76 -63.83
C TYR A 34 -0.74 0.99 -62.74
N VAL A 35 -0.76 1.55 -61.53
CA VAL A 35 -1.39 0.91 -60.39
C VAL A 35 -2.41 1.85 -59.77
N ILE A 36 -3.62 1.35 -59.56
CA ILE A 36 -4.62 2.05 -58.76
C ILE A 36 -4.70 1.31 -57.44
N LEU A 37 -4.08 1.89 -56.40
CA LEU A 37 -3.98 1.28 -55.09
C LEU A 37 -5.00 1.97 -54.18
N PHE A 38 -6.04 1.27 -53.77
CA PHE A 38 -7.04 1.88 -52.91
C PHE A 38 -7.17 1.08 -51.62
N PHE A 39 -7.27 1.82 -50.52
CA PHE A 39 -7.53 1.26 -49.20
C PHE A 39 -9.01 1.39 -48.87
N TYR A 40 -9.50 0.45 -48.09
CA TYR A 40 -10.84 0.52 -47.54
C TYR A 40 -10.76 0.04 -46.09
N PRO A 41 -11.73 0.44 -45.25
CA PRO A 41 -11.57 0.21 -43.80
C PRO A 41 -11.62 -1.23 -43.35
N LEU A 42 -12.68 -1.98 -43.67
CA LEU A 42 -12.86 -3.31 -43.11
C LEU A 42 -13.66 -4.19 -44.06
N ASP A 43 -13.44 -5.49 -43.94
CA ASP A 43 -14.26 -6.48 -44.62
C ASP A 43 -15.65 -6.56 -44.01
N PHE A 44 -16.62 -6.97 -44.84
CA PHE A 44 -18.00 -7.17 -44.40
C PHE A 44 -18.64 -5.87 -43.90
N THR A 45 -18.31 -4.76 -44.53
CA THR A 45 -18.94 -3.49 -44.20
C THR A 45 -19.83 -3.05 -45.38
N PHE A 46 -19.93 -1.74 -45.61
CA PHE A 46 -21.10 -1.22 -46.33
C PHE A 46 -20.76 -0.34 -47.53
N VAL A 47 -20.02 0.76 -47.33
CA VAL A 47 -19.53 1.52 -48.48
C VAL A 47 -18.47 0.70 -49.24
N SER A 48 -17.57 0.05 -48.49
CA SER A 48 -16.45 -0.69 -49.06
C SER A 48 -16.85 -1.74 -50.10
N PRO A 49 -17.84 -2.62 -49.87
CA PRO A 49 -18.20 -3.57 -50.94
C PRO A 49 -18.65 -2.90 -52.22
N THR A 50 -19.39 -1.79 -52.12
CA THR A 50 -19.81 -1.07 -53.33
C THR A 50 -18.61 -0.51 -54.08
N GLU A 51 -17.60 -0.02 -53.35
CA GLU A 51 -16.41 0.45 -54.06
C GLU A 51 -15.68 -0.70 -54.73
N ILE A 52 -15.49 -1.79 -54.00
CA ILE A 52 -14.70 -2.92 -54.49
C ILE A 52 -15.35 -3.52 -55.73
N THR A 53 -16.66 -3.73 -55.68
CA THR A 53 -17.37 -4.29 -56.84
C THR A 53 -17.46 -3.31 -57.98
N ALA A 54 -17.56 -2.01 -57.69
CA ALA A 54 -17.53 -1.02 -58.76
C ALA A 54 -16.23 -1.11 -59.55
N PHE A 55 -15.09 -1.20 -58.85
CA PHE A 55 -13.82 -1.33 -59.55
C PHE A 55 -13.69 -2.67 -60.25
N SER A 56 -14.21 -3.74 -59.67
CA SER A 56 -14.14 -5.04 -60.33
C SER A 56 -14.93 -5.03 -61.64
N ASP A 57 -16.11 -4.40 -61.63
CA ASP A 57 -16.96 -4.40 -62.81
C ASP A 57 -16.37 -3.61 -63.97
N ARG A 58 -15.57 -2.58 -63.68
CA ARG A 58 -14.94 -1.80 -64.73
C ARG A 58 -13.47 -2.12 -64.88
N HIS A 59 -13.03 -3.24 -64.32
CA HIS A 59 -11.62 -3.60 -64.35
C HIS A 59 -11.09 -3.76 -65.78
N SER A 60 -11.93 -4.22 -66.72
CA SER A 60 -11.46 -4.41 -68.09
C SER A 60 -11.06 -3.09 -68.73
N GLU A 61 -11.80 -2.01 -68.43
CA GLU A 61 -11.41 -0.70 -68.93
C GLU A 61 -10.02 -0.30 -68.44
N PHE A 62 -9.70 -0.63 -67.19
CA PHE A 62 -8.36 -0.32 -66.68
C PHE A 62 -7.31 -1.27 -67.26
N GLU A 63 -7.67 -2.53 -67.48
CA GLU A 63 -6.73 -3.49 -68.05
C GLU A 63 -6.32 -3.10 -69.47
N LYS A 64 -7.28 -2.61 -70.26
CA LYS A 64 -6.96 -2.09 -71.59
C LYS A 64 -6.08 -0.85 -71.54
N LEU A 65 -6.05 -0.14 -70.42
CA LEU A 65 -5.19 1.02 -70.24
C LEU A 65 -3.89 0.70 -69.50
N ASN A 66 -3.50 -0.57 -69.45
CA ASN A 66 -2.23 -1.00 -68.81
C ASN A 66 -2.20 -0.64 -67.32
N THR A 67 -3.31 -0.89 -66.65
CA THR A 67 -3.47 -0.54 -65.26
C THR A 67 -4.01 -1.74 -64.49
N GLU A 68 -3.42 -1.99 -63.33
CA GLU A 68 -3.90 -2.97 -62.37
C GLU A 68 -4.59 -2.25 -61.23
N VAL A 69 -5.60 -2.91 -60.65
CA VAL A 69 -6.28 -2.42 -59.45
C VAL A 69 -5.84 -3.27 -58.26
N LEU A 70 -5.56 -2.62 -57.14
CA LEU A 70 -5.18 -3.30 -55.90
C LEU A 70 -6.00 -2.73 -54.75
N GLY A 71 -6.79 -3.57 -54.11
CA GLY A 71 -7.53 -3.20 -52.91
C GLY A 71 -6.80 -3.69 -51.66
N VAL A 72 -6.79 -2.86 -50.63
CA VAL A 72 -6.05 -3.16 -49.40
C VAL A 72 -6.93 -2.81 -48.21
N SER A 73 -6.95 -3.69 -47.22
CA SER A 73 -7.50 -3.38 -45.90
C SER A 73 -6.72 -4.18 -44.85
N VAL A 74 -6.96 -3.86 -43.57
CA VAL A 74 -6.21 -4.51 -42.50
C VAL A 74 -6.68 -5.93 -42.18
N ASP A 75 -7.70 -6.44 -42.87
CA ASP A 75 -8.20 -7.78 -42.63
C ASP A 75 -7.22 -8.85 -43.15
N SER A 76 -7.42 -10.09 -42.69
CA SER A 76 -6.61 -11.21 -43.14
C SER A 76 -7.11 -11.76 -44.48
N VAL A 77 -6.28 -12.62 -45.08
CA VAL A 77 -6.69 -13.23 -46.34
C VAL A 77 -7.84 -14.20 -46.14
N PHE A 78 -8.05 -14.68 -44.91
CA PHE A 78 -9.19 -15.57 -44.70
C PHE A 78 -10.50 -14.81 -44.65
N SER A 79 -10.50 -13.62 -44.03
CA SER A 79 -11.64 -12.74 -44.16
C SER A 79 -11.86 -12.36 -45.62
N HIS A 80 -10.78 -12.02 -46.33
CA HIS A 80 -10.92 -11.69 -47.74
C HIS A 80 -11.55 -12.82 -48.52
N LEU A 81 -11.06 -14.04 -48.32
CA LEU A 81 -11.60 -15.17 -49.07
C LEU A 81 -13.07 -15.42 -48.70
N ALA A 82 -13.38 -15.39 -47.39
CA ALA A 82 -14.76 -15.55 -46.97
C ALA A 82 -15.67 -14.49 -47.59
N TRP A 83 -15.16 -13.27 -47.73
CA TRP A 83 -15.96 -12.19 -48.28
C TRP A 83 -16.12 -12.32 -49.79
N VAL A 84 -15.08 -12.79 -50.48
CA VAL A 84 -15.19 -13.05 -51.92
C VAL A 84 -16.22 -14.16 -52.17
N GLN A 85 -16.25 -15.16 -51.31
CA GLN A 85 -17.18 -16.29 -51.48
C GLN A 85 -18.58 -16.00 -50.96
N THR A 86 -18.85 -14.77 -50.56
CA THR A 86 -20.18 -14.32 -50.18
C THR A 86 -20.82 -13.61 -51.37
N ASP A 87 -22.11 -13.86 -51.58
CA ASP A 87 -22.86 -13.24 -52.66
C ASP A 87 -22.99 -11.73 -52.45
N ARG A 88 -23.01 -10.99 -53.57
CA ARG A 88 -23.17 -9.53 -53.49
C ARG A 88 -24.50 -9.13 -52.86
N LYS A 89 -25.56 -9.89 -53.12
CA LYS A 89 -26.86 -9.61 -52.51
C LYS A 89 -26.84 -9.78 -51.00
N SER A 90 -25.87 -10.53 -50.49
CA SER A 90 -25.66 -10.76 -49.07
C SER A 90 -24.60 -9.84 -48.50
N GLY A 91 -24.29 -8.75 -49.20
CA GLY A 91 -23.23 -7.88 -48.74
C GLY A 91 -21.83 -8.34 -49.08
N GLY A 92 -21.69 -9.37 -49.91
CA GLY A 92 -20.39 -9.89 -50.27
C GLY A 92 -19.81 -9.24 -51.51
N LEU A 93 -18.72 -9.83 -51.99
CA LEU A 93 -18.02 -9.30 -53.15
C LEU A 93 -18.31 -10.07 -54.43
N GLY A 94 -18.67 -11.34 -54.31
CA GLY A 94 -18.71 -12.15 -55.50
C GLY A 94 -17.31 -12.30 -56.03
N ASP A 95 -17.21 -12.71 -57.28
CA ASP A 95 -15.90 -12.91 -57.85
C ASP A 95 -15.28 -11.56 -58.20
N LEU A 96 -13.97 -11.43 -57.95
CA LEU A 96 -13.21 -10.21 -58.16
C LEU A 96 -12.24 -10.35 -59.32
N ASN A 97 -12.04 -9.25 -60.01
CA ASN A 97 -11.14 -9.22 -61.17
C ASN A 97 -9.72 -8.82 -60.81
N TYR A 98 -9.44 -8.51 -59.53
CA TYR A 98 -8.14 -8.02 -59.13
C TYR A 98 -7.85 -8.52 -57.71
N PRO A 99 -6.60 -8.42 -57.27
CA PRO A 99 -6.24 -8.95 -55.95
C PRO A 99 -6.74 -8.13 -54.78
N LEU A 100 -7.17 -8.83 -53.72
CA LEU A 100 -7.49 -8.23 -52.41
C LEU A 100 -6.33 -8.47 -51.47
N ILE A 101 -5.63 -7.40 -51.08
CA ILE A 101 -4.40 -7.50 -50.30
C ILE A 101 -4.72 -7.39 -48.80
N SER A 102 -4.01 -8.20 -48.01
CA SER A 102 -4.17 -8.22 -46.57
C SER A 102 -3.00 -7.50 -45.90
N ASP A 103 -3.31 -6.45 -45.14
CA ASP A 103 -2.37 -5.64 -44.38
C ASP A 103 -2.52 -5.94 -42.88
N VAL A 104 -2.28 -7.19 -42.47
CA VAL A 104 -2.61 -7.57 -41.09
C VAL A 104 -1.75 -6.80 -40.09
N THR A 105 -0.48 -6.58 -40.41
CA THR A 105 0.39 -5.82 -39.50
C THR A 105 0.19 -4.33 -39.60
N LYS A 106 -0.63 -3.86 -40.55
CA LYS A 106 -0.98 -2.46 -40.73
C LYS A 106 0.18 -1.60 -41.18
N SER A 107 1.31 -2.20 -41.57
CA SER A 107 2.44 -1.40 -42.00
C SER A 107 2.15 -0.67 -43.31
N ILE A 108 1.37 -1.28 -44.19
CA ILE A 108 1.10 -0.65 -45.48
C ILE A 108 0.24 0.60 -45.28
N SER A 109 -0.87 0.45 -44.58
CA SER A 109 -1.71 1.60 -44.27
C SER A 109 -0.90 2.69 -43.58
N LYS A 110 -0.02 2.31 -42.67
CA LYS A 110 0.82 3.29 -41.98
C LYS A 110 1.73 4.04 -42.95
N SER A 111 2.39 3.32 -43.88
CA SER A 111 3.34 4.00 -44.75
C SER A 111 2.66 4.92 -45.77
N PHE A 112 1.40 4.67 -46.11
CA PHE A 112 0.67 5.57 -46.99
C PHE A 112 -0.13 6.64 -46.23
N GLY A 113 0.04 6.71 -44.90
CA GLY A 113 -0.59 7.72 -44.09
C GLY A 113 -2.11 7.67 -43.96
N VAL A 114 -2.73 6.52 -44.19
CA VAL A 114 -4.18 6.38 -44.14
C VAL A 114 -4.68 5.60 -42.93
N LEU A 115 -3.80 5.18 -42.04
CA LEU A 115 -4.20 4.41 -40.88
C LEU A 115 -4.71 5.32 -39.76
N ILE A 116 -5.96 5.12 -39.35
CA ILE A 116 -6.55 5.76 -38.17
C ILE A 116 -6.00 5.02 -36.95
N HIS A 117 -5.01 5.60 -36.26
CA HIS A 117 -4.36 4.87 -35.17
C HIS A 117 -5.31 4.59 -34.03
N ASP A 118 -6.26 5.51 -33.78
CA ASP A 118 -7.29 5.30 -32.78
C ASP A 118 -8.00 3.97 -32.97
N GLN A 119 -8.33 3.63 -34.23
CA GLN A 119 -9.21 2.50 -34.54
C GLN A 119 -8.53 1.34 -35.25
N GLY A 120 -7.27 1.49 -35.70
CA GLY A 120 -6.57 0.39 -36.33
C GLY A 120 -7.06 -0.01 -37.70
N ILE A 121 -7.72 0.90 -38.41
CA ILE A 121 -8.23 0.65 -39.75
C ILE A 121 -7.82 1.80 -40.66
N ALA A 122 -7.94 1.59 -41.96
CA ALA A 122 -7.51 2.58 -42.93
C ALA A 122 -8.68 3.44 -43.40
N LEU A 123 -8.38 4.70 -43.72
CA LEU A 123 -9.32 5.58 -44.39
C LEU A 123 -9.56 5.15 -45.83
N ARG A 124 -10.51 5.82 -46.48
CA ARG A 124 -10.79 5.61 -47.90
C ARG A 124 -9.79 6.41 -48.74
N GLY A 125 -8.52 5.98 -48.67
CA GLY A 125 -7.47 6.61 -49.45
C GLY A 125 -7.24 5.85 -50.75
N LEU A 126 -7.08 6.61 -51.84
CA LEU A 126 -6.81 6.03 -53.15
C LEU A 126 -5.60 6.73 -53.76
N PHE A 127 -4.73 5.95 -54.41
CA PHE A 127 -3.48 6.46 -54.95
C PHE A 127 -3.31 5.94 -56.38
N ILE A 128 -2.98 6.84 -57.30
CA ILE A 128 -2.64 6.46 -58.67
C ILE A 128 -1.13 6.51 -58.82
N ILE A 129 -0.54 5.37 -59.18
CA ILE A 129 0.90 5.17 -59.27
C ILE A 129 1.25 4.89 -60.72
N ASP A 130 2.28 5.56 -61.25
CA ASP A 130 2.63 5.38 -62.65
C ASP A 130 3.60 4.19 -62.82
N LYS A 131 3.97 3.94 -64.08
CA LYS A 131 4.82 2.80 -64.41
C LYS A 131 6.21 2.90 -63.79
N GLU A 132 6.62 4.09 -63.38
CA GLU A 132 7.90 4.25 -62.70
C GLU A 132 7.81 4.07 -61.20
N GLY A 133 6.60 3.85 -60.66
CA GLY A 133 6.41 3.69 -59.23
C GLY A 133 6.17 4.96 -58.46
N VAL A 134 5.89 6.07 -59.14
CA VAL A 134 5.74 7.38 -58.50
C VAL A 134 4.26 7.70 -58.33
N ILE A 135 3.89 8.12 -57.11
CA ILE A 135 2.52 8.51 -56.84
C ILE A 135 2.22 9.85 -57.52
N GLN A 136 1.18 9.88 -58.34
CA GLN A 136 0.78 11.06 -59.08
C GLN A 136 -0.53 11.65 -58.60
N HIS A 137 -1.33 10.88 -57.86
CA HIS A 137 -2.61 11.35 -57.38
C HIS A 137 -2.98 10.59 -56.12
N SER A 138 -3.62 11.27 -55.18
CA SER A 138 -4.18 10.66 -53.98
C SER A 138 -5.57 11.25 -53.75
N THR A 139 -6.53 10.39 -53.47
CA THR A 139 -7.86 10.77 -52.99
C THR A 139 -8.08 10.10 -51.66
N ILE A 140 -8.38 10.88 -50.64
CA ILE A 140 -8.58 10.36 -49.30
C ILE A 140 -9.91 10.86 -48.78
N ASN A 141 -10.86 9.94 -48.60
CA ASN A 141 -12.20 10.21 -48.10
C ASN A 141 -12.35 9.64 -46.70
N ASN A 142 -13.15 10.33 -45.89
CA ASN A 142 -13.56 9.77 -44.62
C ASN A 142 -14.52 8.60 -44.83
N LEU A 143 -14.75 7.85 -43.75
CA LEU A 143 -15.27 6.49 -43.88
C LEU A 143 -16.65 6.45 -44.54
N GLY A 144 -17.45 7.50 -44.37
CA GLY A 144 -18.81 7.46 -44.88
C GLY A 144 -19.03 7.84 -46.34
N ILE A 145 -18.04 8.41 -47.01
CA ILE A 145 -18.23 8.97 -48.36
C ILE A 145 -17.50 8.06 -49.34
N GLY A 146 -18.25 7.38 -50.18
CA GLY A 146 -17.64 6.52 -51.19
C GLY A 146 -16.95 7.32 -52.28
N ARG A 147 -15.96 6.69 -52.90
CA ARG A 147 -15.18 7.34 -53.95
C ARG A 147 -15.86 7.13 -55.31
N SER A 148 -15.22 7.61 -56.38
CA SER A 148 -15.81 7.62 -57.71
C SER A 148 -14.88 6.93 -58.70
N VAL A 149 -15.37 5.84 -59.32
CA VAL A 149 -14.59 5.21 -60.36
C VAL A 149 -14.42 6.14 -61.55
N ASP A 150 -15.44 6.95 -61.85
CA ASP A 150 -15.35 7.85 -63.00
C ASP A 150 -14.21 8.84 -62.83
N GLU A 151 -14.12 9.46 -61.66
CA GLU A 151 -13.04 10.43 -61.44
C GLU A 151 -11.67 9.76 -61.40
N THR A 152 -11.61 8.52 -60.91
CA THR A 152 -10.36 7.78 -60.99
C THR A 152 -9.96 7.55 -62.44
N MET A 153 -10.90 7.15 -63.29
CA MET A 153 -10.59 6.95 -64.70
C MET A 153 -10.14 8.25 -65.35
N ARG A 154 -10.80 9.35 -65.02
CA ARG A 154 -10.41 10.63 -65.61
C ARG A 154 -8.99 10.99 -65.21
N THR A 155 -8.69 10.93 -63.91
CA THR A 155 -7.33 11.30 -63.47
C THR A 155 -6.29 10.38 -64.11
N LEU A 156 -6.58 9.09 -64.18
CA LEU A 156 -5.65 8.16 -64.81
C LEU A 156 -5.43 8.50 -66.27
N GLN A 157 -6.52 8.83 -66.99
CA GLN A 157 -6.40 9.15 -68.40
C GLN A 157 -5.63 10.43 -68.63
N ALA A 158 -5.82 11.42 -67.75
CA ALA A 158 -5.03 12.65 -67.87
C ALA A 158 -3.55 12.37 -67.63
N LEU A 159 -3.24 11.57 -66.61
CA LEU A 159 -1.84 11.25 -66.35
C LEU A 159 -1.20 10.54 -67.52
N GLN A 160 -1.91 9.56 -68.09
CA GLN A 160 -1.38 8.86 -69.25
C GLN A 160 -1.22 9.83 -70.42
N TYR A 161 -2.15 10.77 -70.57
CA TYR A 161 -2.04 11.73 -71.66
C TYR A 161 -0.75 12.55 -71.52
N ILE A 162 -0.51 13.15 -70.35
CA ILE A 162 0.66 14.01 -70.23
C ILE A 162 1.93 13.20 -70.21
N GLN A 163 1.89 11.93 -69.84
CA GLN A 163 3.10 11.13 -69.89
C GLN A 163 3.38 10.61 -71.29
N GLU A 164 2.35 10.51 -72.13
CA GLU A 164 2.54 10.22 -73.53
C GLU A 164 2.93 11.47 -74.32
N ASN A 165 2.47 12.64 -73.89
CA ASN A 165 2.79 13.92 -74.51
C ASN A 165 3.47 14.79 -73.45
N PRO A 166 4.74 14.54 -73.15
CA PRO A 166 5.37 15.19 -71.98
C PRO A 166 5.48 16.70 -72.09
N ASP A 167 5.09 17.27 -73.24
CA ASP A 167 5.07 18.72 -73.42
C ASP A 167 3.72 19.34 -73.11
N GLU A 168 2.72 18.53 -72.72
CA GLU A 168 1.39 19.02 -72.42
C GLU A 168 1.07 18.90 -70.93
N VAL A 169 0.12 19.72 -70.50
CA VAL A 169 -0.47 19.64 -69.17
C VAL A 169 -1.98 19.74 -69.30
N CYS A 170 -2.68 19.21 -68.30
CA CYS A 170 -4.13 19.06 -68.41
C CYS A 170 -4.85 20.12 -67.59
N PRO A 171 -5.69 20.96 -68.21
CA PRO A 171 -6.43 21.96 -67.45
C PRO A 171 -7.48 21.32 -66.54
N ALA A 172 -8.16 22.16 -65.77
CA ALA A 172 -9.25 21.67 -64.92
C ALA A 172 -10.28 20.91 -65.74
N GLY A 173 -10.75 19.79 -65.20
CA GLY A 173 -11.81 19.02 -65.81
C GLY A 173 -11.46 18.33 -67.10
N TRP A 174 -10.17 18.26 -67.45
CA TRP A 174 -9.78 17.68 -68.73
C TRP A 174 -10.31 16.25 -68.88
N LYS A 175 -10.92 15.96 -70.02
CA LYS A 175 -11.30 14.63 -70.43
C LYS A 175 -10.70 14.35 -71.79
N PRO A 176 -10.56 13.09 -72.20
CA PRO A 176 -10.08 12.81 -73.55
C PRO A 176 -10.93 13.52 -74.60
N GLY A 177 -10.26 14.18 -75.55
CA GLY A 177 -10.91 15.00 -76.53
C GLY A 177 -10.83 16.49 -76.26
N GLU A 178 -10.61 16.88 -75.01
CA GLU A 178 -10.48 18.28 -74.62
C GLU A 178 -9.09 18.82 -74.94
N LYS A 179 -9.03 20.15 -75.01
CA LYS A 179 -7.79 20.87 -75.27
C LYS A 179 -6.81 20.66 -74.12
N SER A 180 -5.56 20.41 -74.45
CA SER A 180 -4.51 20.53 -73.45
C SER A 180 -3.84 21.89 -73.62
N MET A 181 -2.74 22.11 -72.91
CA MET A 181 -1.99 23.35 -73.02
C MET A 181 -0.52 23.05 -72.77
N LYS A 182 0.34 23.92 -73.28
CA LYS A 182 1.77 23.80 -73.10
C LYS A 182 2.22 24.66 -71.92
N PRO A 183 2.79 24.08 -70.83
CA PRO A 183 3.16 24.88 -69.65
C PRO A 183 4.38 25.76 -69.88
N ASP A 184 4.21 26.80 -70.70
CA ASP A 184 5.22 27.71 -71.12
C ASP A 184 4.56 29.07 -71.28
N PRO A 185 5.17 30.15 -70.78
CA PRO A 185 4.54 31.47 -70.95
C PRO A 185 4.12 31.76 -72.38
N LYS A 186 5.01 31.52 -73.36
CA LYS A 186 4.69 31.89 -74.74
C LYS A 186 3.84 30.85 -75.46
N LEU A 187 3.97 29.58 -75.11
CA LEU A 187 3.17 28.56 -75.79
C LEU A 187 1.78 28.39 -75.20
N SER A 188 1.62 28.68 -73.91
CA SER A 188 0.30 28.63 -73.29
C SER A 188 -0.66 29.64 -73.91
N LYS A 189 -0.13 30.65 -74.62
CA LYS A 189 -1.01 31.63 -75.26
C LYS A 189 -1.96 30.99 -76.25
N GLU A 190 -1.55 29.87 -76.85
CA GLU A 190 -2.42 29.14 -77.77
C GLU A 190 -3.73 28.76 -77.07
N TYR A 191 -3.63 28.23 -75.85
CA TYR A 191 -4.83 27.89 -75.09
C TYR A 191 -5.51 29.14 -74.57
N PHE A 192 -4.76 30.07 -73.99
CA PHE A 192 -5.37 31.20 -73.31
C PHE A 192 -6.17 32.09 -74.26
N SER A 193 -5.64 32.34 -75.46
CA SER A 193 -6.26 33.29 -76.39
C SER A 193 -7.61 32.79 -76.92
N ALA A 194 -7.88 31.50 -76.85
CA ALA A 194 -9.14 30.92 -77.30
C ALA A 194 -10.20 30.85 -76.20
N ILE A 195 -9.95 31.45 -75.04
CA ILE A 195 -10.94 31.43 -73.98
C ILE A 195 -12.15 32.26 -74.41
N LEU A 196 -13.34 31.69 -74.28
CA LEU A 196 -14.57 32.38 -74.65
C LEU A 196 -15.44 32.64 -73.43
N PRO B 2 5.81 -11.04 -14.24
CA PRO B 2 5.01 -11.96 -15.06
C PRO B 2 3.52 -11.59 -15.02
N LEU B 3 2.74 -12.00 -16.02
CA LEU B 3 1.30 -11.78 -15.96
C LEU B 3 0.64 -12.63 -14.88
N VAL B 4 1.00 -13.91 -14.80
CA VAL B 4 0.38 -14.80 -13.83
C VAL B 4 0.79 -14.39 -12.41
N GLY B 5 -0.20 -14.31 -11.53
CA GLY B 5 0.01 -13.83 -10.18
C GLY B 5 -0.33 -12.37 -9.98
N ASN B 6 -0.70 -11.66 -11.04
CA ASN B 6 -1.02 -10.24 -10.95
C ASN B 6 -2.36 -9.97 -11.61
N LYS B 7 -2.88 -8.77 -11.34
CA LYS B 7 -4.13 -8.35 -11.94
C LYS B 7 -4.02 -8.29 -13.45
N ALA B 8 -5.08 -8.74 -14.13
CA ALA B 8 -5.08 -8.73 -15.59
C ALA B 8 -5.05 -7.28 -16.11
N PRO B 9 -4.40 -7.05 -17.25
CA PRO B 9 -4.49 -5.74 -17.90
C PRO B 9 -5.94 -5.50 -18.32
N ASP B 10 -6.52 -4.40 -17.85
CA ASP B 10 -7.92 -4.13 -18.19
C ASP B 10 -8.05 -3.75 -19.66
N PHE B 11 -9.21 -4.04 -20.24
CA PHE B 11 -9.51 -3.59 -21.59
C PHE B 11 -11.00 -3.31 -21.72
N GLU B 12 -11.35 -2.47 -22.69
CA GLU B 12 -12.73 -2.26 -23.07
C GLU B 12 -12.82 -2.35 -24.59
N ALA B 13 -13.65 -3.28 -25.09
CA ALA B 13 -13.68 -3.57 -26.52
C ALA B 13 -15.09 -3.91 -26.95
N GLU B 14 -15.36 -3.73 -28.26
CA GLU B 14 -16.60 -4.18 -28.86
C GLU B 14 -16.55 -5.68 -29.06
N ALA B 15 -17.72 -6.30 -29.07
CA ALA B 15 -17.82 -7.75 -29.17
C ALA B 15 -19.13 -8.11 -29.84
N VAL B 16 -19.23 -9.38 -30.25
CA VAL B 16 -20.44 -9.94 -30.83
C VAL B 16 -21.06 -10.86 -29.79
N PHE B 17 -22.33 -10.64 -29.50
CA PHE B 17 -23.05 -11.53 -28.61
C PHE B 17 -24.51 -11.53 -29.03
N ASP B 18 -25.06 -12.72 -29.25
CA ASP B 18 -26.41 -12.88 -29.76
C ASP B 18 -26.60 -12.13 -31.08
N GLN B 19 -25.57 -12.16 -31.91
CA GLN B 19 -25.55 -11.47 -33.20
C GLN B 19 -25.80 -9.97 -33.05
N GLU B 20 -25.42 -9.39 -31.91
CA GLU B 20 -25.46 -7.95 -31.76
C GLU B 20 -24.11 -7.44 -31.27
N PHE B 21 -23.84 -6.18 -31.58
CA PHE B 21 -22.59 -5.54 -31.17
C PHE B 21 -22.78 -4.99 -29.77
N ILE B 22 -21.96 -5.45 -28.84
CA ILE B 22 -22.01 -5.03 -27.45
C ILE B 22 -20.61 -4.56 -27.04
N LYS B 23 -20.50 -4.06 -25.83
CA LYS B 23 -19.21 -3.70 -25.27
C LYS B 23 -18.89 -4.64 -24.10
N VAL B 24 -17.62 -4.91 -23.92
CA VAL B 24 -17.14 -5.73 -22.82
C VAL B 24 -15.97 -5.01 -22.18
N LYS B 25 -16.04 -4.85 -20.86
CA LYS B 25 -14.94 -4.32 -20.06
C LYS B 25 -14.53 -5.40 -19.09
N LEU B 26 -13.26 -5.80 -19.14
CA LEU B 26 -12.82 -6.96 -18.36
C LEU B 26 -12.97 -6.73 -16.86
N SER B 27 -12.58 -5.55 -16.38
CA SER B 27 -12.68 -5.27 -14.95
C SER B 27 -14.11 -5.38 -14.44
N ASP B 28 -15.11 -5.31 -15.32
CA ASP B 28 -16.50 -5.46 -14.90
C ASP B 28 -16.80 -6.82 -14.32
N TYR B 29 -15.98 -7.83 -14.52
CA TYR B 29 -16.31 -9.09 -13.90
C TYR B 29 -15.78 -9.22 -12.49
N ILE B 30 -14.90 -8.31 -12.05
CA ILE B 30 -14.32 -8.40 -10.72
C ILE B 30 -15.43 -8.37 -9.67
N GLY B 31 -15.31 -9.27 -8.70
CA GLY B 31 -16.31 -9.48 -7.67
C GLY B 31 -17.47 -10.34 -8.09
N LYS B 32 -17.58 -10.67 -9.38
CA LYS B 32 -18.77 -11.29 -9.94
C LYS B 32 -18.54 -12.68 -10.52
N LYS B 33 -17.58 -12.85 -11.43
CA LYS B 33 -17.35 -14.17 -12.04
C LYS B 33 -15.86 -14.40 -12.28
N TYR B 34 -15.47 -15.68 -12.29
CA TYR B 34 -14.22 -16.09 -12.90
C TYR B 34 -14.31 -15.88 -14.42
N VAL B 35 -13.15 -15.62 -15.04
CA VAL B 35 -13.11 -15.35 -16.47
C VAL B 35 -12.13 -16.31 -17.14
N ILE B 36 -12.57 -16.95 -18.20
CA ILE B 36 -11.68 -17.72 -19.06
C ILE B 36 -11.53 -16.91 -20.35
N LEU B 37 -10.40 -16.21 -20.46
CA LEU B 37 -10.13 -15.32 -21.58
C LEU B 37 -9.16 -16.02 -22.52
N PHE B 38 -9.63 -16.41 -23.70
CA PHE B 38 -8.78 -17.10 -24.64
C PHE B 38 -8.71 -16.34 -25.96
N PHE B 39 -7.50 -16.25 -26.50
CA PHE B 39 -7.17 -15.65 -27.77
C PHE B 39 -7.06 -16.73 -28.84
N TYR B 40 -7.39 -16.36 -30.06
CA TYR B 40 -7.11 -17.21 -31.21
C TYR B 40 -6.62 -16.29 -32.34
N PRO B 41 -5.86 -16.83 -33.28
CA PRO B 41 -5.22 -15.97 -34.28
C PRO B 41 -6.16 -15.25 -35.24
N LEU B 42 -7.02 -15.97 -35.97
CA LEU B 42 -7.81 -15.30 -36.99
C LEU B 42 -9.16 -15.98 -37.17
N ASP B 43 -10.15 -15.21 -37.62
CA ASP B 43 -11.43 -15.75 -38.03
C ASP B 43 -11.32 -16.54 -39.32
N PHE B 44 -12.25 -17.48 -39.50
CA PHE B 44 -12.33 -18.31 -40.70
C PHE B 44 -11.11 -19.19 -40.88
N THR B 45 -10.59 -19.71 -39.77
CA THR B 45 -9.48 -20.64 -39.81
C THR B 45 -9.97 -22.03 -39.38
N PHE B 46 -9.12 -22.80 -38.70
CA PHE B 46 -9.33 -24.24 -38.70
C PHE B 46 -9.30 -24.86 -37.31
N VAL B 47 -8.21 -24.69 -36.56
CA VAL B 47 -8.25 -25.08 -35.15
C VAL B 47 -9.20 -24.17 -34.37
N SER B 48 -9.17 -22.87 -34.67
CA SER B 48 -9.93 -21.88 -33.92
C SER B 48 -11.42 -22.17 -33.82
N PRO B 49 -12.14 -22.49 -34.91
CA PRO B 49 -13.57 -22.81 -34.74
C PRO B 49 -13.81 -24.03 -33.87
N THR B 50 -12.96 -25.05 -33.95
CA THR B 50 -13.14 -26.21 -33.09
C THR B 50 -12.99 -25.84 -31.62
N GLU B 51 -12.03 -24.96 -31.30
CA GLU B 51 -11.91 -24.48 -29.93
C GLU B 51 -13.12 -23.64 -29.51
N ILE B 52 -13.54 -22.72 -30.38
CA ILE B 52 -14.61 -21.79 -30.04
C ILE B 52 -15.93 -22.51 -29.81
N THR B 53 -16.28 -23.43 -30.71
CA THR B 53 -17.51 -24.19 -30.56
C THR B 53 -17.39 -25.17 -29.42
N ALA B 54 -16.20 -25.72 -29.20
CA ALA B 54 -16.01 -26.60 -28.04
C ALA B 54 -16.34 -25.88 -26.74
N PHE B 55 -15.87 -24.63 -26.58
CA PHE B 55 -16.19 -23.89 -25.35
C PHE B 55 -17.67 -23.50 -25.30
N SER B 56 -18.25 -23.13 -26.44
CA SER B 56 -19.67 -22.74 -26.43
C SER B 56 -20.55 -23.92 -26.01
N ASP B 57 -20.24 -25.12 -26.52
CA ASP B 57 -21.05 -26.29 -26.23
C ASP B 57 -21.01 -26.67 -24.76
N ARG B 58 -19.93 -26.37 -24.06
CA ARG B 58 -19.82 -26.66 -22.63
C ARG B 58 -19.93 -25.41 -21.77
N HIS B 59 -20.43 -24.31 -22.34
CA HIS B 59 -20.51 -23.06 -21.60
C HIS B 59 -21.40 -23.19 -20.36
N SER B 60 -22.43 -24.04 -20.40
CA SER B 60 -23.33 -24.14 -19.25
C SER B 60 -22.58 -24.66 -18.03
N GLU B 61 -21.64 -25.58 -18.23
CA GLU B 61 -20.84 -26.10 -17.14
C GLU B 61 -20.03 -24.98 -16.46
N PHE B 62 -19.52 -24.04 -17.25
CA PHE B 62 -18.79 -22.90 -16.70
C PHE B 62 -19.75 -21.89 -16.06
N GLU B 63 -20.93 -21.74 -16.65
CA GLU B 63 -21.92 -20.81 -16.12
C GLU B 63 -22.36 -21.26 -14.73
N LYS B 64 -22.55 -22.56 -14.54
CA LYS B 64 -22.88 -23.11 -13.23
C LYS B 64 -21.72 -22.98 -12.24
N LEU B 65 -20.49 -22.80 -12.73
CA LEU B 65 -19.34 -22.56 -11.87
C LEU B 65 -19.02 -21.08 -11.73
N ASN B 66 -19.98 -20.21 -12.05
CA ASN B 66 -19.84 -18.76 -11.89
C ASN B 66 -18.68 -18.22 -12.72
N THR B 67 -18.58 -18.70 -13.95
CA THR B 67 -17.46 -18.41 -14.84
C THR B 67 -18.00 -17.98 -16.20
N GLU B 68 -17.46 -16.89 -16.71
CA GLU B 68 -17.74 -16.45 -18.06
C GLU B 68 -16.57 -16.78 -18.98
N VAL B 69 -16.88 -17.07 -20.23
CA VAL B 69 -15.87 -17.33 -21.25
C VAL B 69 -15.82 -16.14 -22.20
N LEU B 70 -14.61 -15.73 -22.59
CA LEU B 70 -14.43 -14.63 -23.53
C LEU B 70 -13.38 -15.03 -24.57
N GLY B 71 -13.78 -15.04 -25.84
CA GLY B 71 -12.86 -15.26 -26.95
C GLY B 71 -12.44 -13.93 -27.52
N VAL B 72 -11.18 -13.82 -27.94
CA VAL B 72 -10.64 -12.56 -28.46
C VAL B 72 -9.80 -12.85 -29.69
N SER B 73 -9.96 -12.03 -30.74
CA SER B 73 -8.99 -12.08 -31.82
C SER B 73 -8.87 -10.69 -32.43
N VAL B 74 -7.88 -10.55 -33.32
CA VAL B 74 -7.62 -9.26 -33.96
C VAL B 74 -8.60 -8.91 -35.07
N ASP B 75 -9.53 -9.81 -35.41
CA ASP B 75 -10.52 -9.48 -36.43
C ASP B 75 -11.55 -8.50 -35.87
N SER B 76 -12.27 -7.83 -36.78
CA SER B 76 -13.29 -6.88 -36.39
C SER B 76 -14.58 -7.60 -36.03
N VAL B 77 -15.52 -6.86 -35.45
CA VAL B 77 -16.81 -7.46 -35.10
C VAL B 77 -17.59 -7.83 -36.35
N PHE B 78 -17.28 -7.22 -37.50
CA PHE B 78 -17.99 -7.56 -38.73
C PHE B 78 -17.53 -8.93 -39.23
N SER B 79 -16.24 -9.24 -39.10
CA SER B 79 -15.78 -10.61 -39.33
C SER B 79 -16.41 -11.58 -38.35
N HIS B 80 -16.42 -11.23 -37.05
CA HIS B 80 -17.01 -12.12 -36.04
C HIS B 80 -18.47 -12.42 -36.37
N LEU B 81 -19.25 -11.40 -36.70
CA LEU B 81 -20.65 -11.63 -37.02
C LEU B 81 -20.81 -12.48 -38.29
N ALA B 82 -20.02 -12.18 -39.33
CA ALA B 82 -20.08 -12.99 -40.56
C ALA B 82 -19.73 -14.44 -40.27
N TRP B 83 -18.81 -14.68 -39.34
CA TRP B 83 -18.40 -16.05 -39.02
C TRP B 83 -19.44 -16.76 -38.15
N VAL B 84 -20.05 -16.03 -37.21
CA VAL B 84 -21.11 -16.61 -36.39
C VAL B 84 -22.29 -17.01 -37.27
N GLN B 85 -22.58 -16.23 -38.31
CA GLN B 85 -23.69 -16.52 -39.21
C GLN B 85 -23.33 -17.59 -40.25
N THR B 86 -22.16 -18.19 -40.16
CA THR B 86 -21.77 -19.30 -41.02
C THR B 86 -22.02 -20.61 -40.28
N ASP B 87 -22.51 -21.61 -41.00
CA ASP B 87 -22.79 -22.92 -40.42
C ASP B 87 -21.51 -23.60 -39.98
N ARG B 88 -21.62 -24.38 -38.89
CA ARG B 88 -20.47 -25.14 -38.40
C ARG B 88 -20.01 -26.17 -39.43
N LYS B 89 -20.94 -26.77 -40.19
CA LYS B 89 -20.54 -27.72 -41.23
C LYS B 89 -19.71 -27.05 -42.32
N SER B 90 -19.81 -25.73 -42.46
CA SER B 90 -19.02 -24.99 -43.42
C SER B 90 -17.78 -24.35 -42.79
N GLY B 91 -17.38 -24.80 -41.61
CA GLY B 91 -16.28 -24.19 -40.92
C GLY B 91 -16.64 -22.96 -40.11
N GLY B 92 -17.93 -22.68 -39.93
CA GLY B 92 -18.37 -21.53 -39.18
C GLY B 92 -18.55 -21.81 -37.71
N LEU B 93 -19.11 -20.82 -37.03
CA LEU B 93 -19.30 -20.91 -35.60
C LEU B 93 -20.74 -21.21 -35.20
N GLY B 94 -21.69 -20.82 -36.03
CA GLY B 94 -23.05 -20.85 -35.56
C GLY B 94 -23.18 -19.85 -34.42
N ASP B 95 -24.29 -19.96 -33.71
CA ASP B 95 -24.53 -19.08 -32.57
C ASP B 95 -23.71 -19.53 -31.38
N LEU B 96 -23.18 -18.57 -30.64
CA LEU B 96 -22.28 -18.82 -29.53
C LEU B 96 -22.95 -18.45 -28.21
N ASN B 97 -22.53 -19.10 -27.15
CA ASN B 97 -23.07 -18.85 -25.83
C ASN B 97 -22.32 -17.76 -25.06
N TYR B 98 -21.29 -17.16 -25.64
CA TYR B 98 -20.47 -16.18 -24.93
C TYR B 98 -20.00 -15.12 -25.93
N PRO B 99 -19.51 -13.98 -25.45
CA PRO B 99 -19.11 -12.90 -26.37
C PRO B 99 -17.82 -13.22 -27.12
N LEU B 100 -17.79 -12.80 -28.40
CA LEU B 100 -16.59 -12.81 -29.23
C LEU B 100 -16.05 -11.38 -29.33
N ILE B 101 -14.91 -11.14 -28.74
CA ILE B 101 -14.32 -9.81 -28.61
C ILE B 101 -13.35 -9.54 -29.77
N SER B 102 -13.42 -8.31 -30.27
CA SER B 102 -12.65 -7.86 -31.41
C SER B 102 -11.50 -6.98 -30.93
N ASP B 103 -10.28 -7.38 -31.25
CA ASP B 103 -9.08 -6.64 -30.88
C ASP B 103 -8.44 -6.01 -32.11
N VAL B 104 -9.14 -5.06 -32.74
CA VAL B 104 -8.69 -4.49 -34.01
C VAL B 104 -7.40 -3.70 -33.86
N THR B 105 -7.23 -2.97 -32.75
CA THR B 105 -6.01 -2.21 -32.56
C THR B 105 -4.84 -3.06 -32.05
N LYS B 106 -5.10 -4.31 -31.65
CA LYS B 106 -4.12 -5.29 -31.15
C LYS B 106 -3.56 -4.94 -29.78
N SER B 107 -4.10 -3.93 -29.10
CA SER B 107 -3.57 -3.58 -27.79
C SER B 107 -3.88 -4.68 -26.77
N ILE B 108 -4.98 -5.39 -26.93
CA ILE B 108 -5.32 -6.44 -25.95
C ILE B 108 -4.32 -7.59 -26.06
N SER B 109 -4.14 -8.12 -27.27
CA SER B 109 -3.16 -9.17 -27.49
C SER B 109 -1.79 -8.73 -26.99
N LYS B 110 -1.47 -7.46 -27.24
CA LYS B 110 -0.18 -6.92 -26.80
C LYS B 110 -0.04 -6.95 -25.28
N SER B 111 -1.10 -6.53 -24.55
CA SER B 111 -0.95 -6.42 -23.11
C SER B 111 -0.82 -7.77 -22.44
N PHE B 112 -1.33 -8.83 -23.06
CA PHE B 112 -1.24 -10.20 -22.57
C PHE B 112 -0.07 -10.97 -23.16
N GLY B 113 0.80 -10.29 -23.90
CA GLY B 113 2.01 -10.92 -24.42
C GLY B 113 1.79 -12.04 -25.42
N VAL B 114 0.65 -12.10 -26.08
CA VAL B 114 0.36 -13.18 -27.02
C VAL B 114 0.41 -12.73 -28.47
N LEU B 115 0.75 -11.47 -28.73
CA LEU B 115 0.78 -10.96 -30.09
C LEU B 115 2.10 -11.35 -30.77
N ILE B 116 2.00 -12.09 -31.87
CA ILE B 116 3.14 -12.33 -32.75
C ILE B 116 3.34 -11.05 -33.56
N HIS B 117 4.35 -10.25 -33.20
CA HIS B 117 4.50 -8.94 -33.86
C HIS B 117 4.78 -9.09 -35.34
N ASP B 118 5.52 -10.14 -35.70
CA ASP B 118 5.81 -10.45 -37.09
C ASP B 118 4.54 -10.50 -37.94
N GLN B 119 3.51 -11.16 -37.43
CA GLN B 119 2.34 -11.50 -38.23
C GLN B 119 1.08 -10.73 -37.85
N GLY B 120 1.09 -10.01 -36.73
CA GLY B 120 -0.07 -9.22 -36.33
C GLY B 120 -1.26 -10.03 -35.83
N ILE B 121 -1.03 -11.26 -35.38
CA ILE B 121 -2.09 -12.14 -34.89
C ILE B 121 -1.62 -12.69 -33.54
N ALA B 122 -2.55 -13.26 -32.80
CA ALA B 122 -2.29 -13.78 -31.47
C ALA B 122 -2.03 -15.27 -31.48
N LEU B 123 -1.17 -15.70 -30.57
CA LEU B 123 -0.99 -17.11 -30.29
C LEU B 123 -2.25 -17.64 -29.62
N ARG B 124 -2.31 -18.97 -29.46
CA ARG B 124 -3.42 -19.62 -28.75
C ARG B 124 -3.20 -19.54 -27.25
N GLY B 125 -3.34 -18.31 -26.73
CA GLY B 125 -3.18 -18.08 -25.31
C GLY B 125 -4.53 -18.15 -24.60
N LEU B 126 -4.53 -18.78 -23.42
CA LEU B 126 -5.70 -18.83 -22.56
C LEU B 126 -5.30 -18.42 -21.16
N PHE B 127 -6.16 -17.64 -20.51
CA PHE B 127 -5.89 -17.06 -19.20
C PHE B 127 -7.11 -17.29 -18.31
N ILE B 128 -6.88 -17.83 -17.11
CA ILE B 128 -7.92 -18.01 -16.10
C ILE B 128 -7.76 -16.93 -15.06
N ILE B 129 -8.80 -16.14 -14.87
CA ILE B 129 -8.80 -14.95 -14.03
C ILE B 129 -9.80 -15.16 -12.90
N ASP B 130 -9.38 -14.87 -11.67
CA ASP B 130 -10.24 -15.11 -10.51
C ASP B 130 -11.14 -13.89 -10.27
N LYS B 131 -11.98 -13.98 -9.22
CA LYS B 131 -12.96 -12.93 -8.96
C LYS B 131 -12.33 -11.59 -8.57
N GLU B 132 -11.09 -11.57 -8.12
CA GLU B 132 -10.45 -10.30 -7.84
C GLU B 132 -9.74 -9.72 -9.06
N GLY B 133 -9.79 -10.41 -10.20
CA GLY B 133 -9.15 -9.95 -11.41
C GLY B 133 -7.71 -10.38 -11.59
N VAL B 134 -7.24 -11.33 -10.80
CA VAL B 134 -5.84 -11.75 -10.83
C VAL B 134 -5.72 -12.96 -11.74
N ILE B 135 -4.74 -12.92 -12.65
CA ILE B 135 -4.48 -14.06 -13.50
C ILE B 135 -3.87 -15.17 -12.67
N GLN B 136 -4.46 -16.36 -12.72
CA GLN B 136 -3.95 -17.48 -11.94
C GLN B 136 -3.36 -18.58 -12.80
N HIS B 137 -3.62 -18.57 -14.11
CA HIS B 137 -3.16 -19.65 -14.98
C HIS B 137 -2.99 -19.14 -16.40
N SER B 138 -2.01 -19.71 -17.09
CA SER B 138 -1.69 -19.40 -18.47
C SER B 138 -1.48 -20.70 -19.25
N THR B 139 -2.13 -20.84 -20.41
CA THR B 139 -1.77 -21.85 -21.40
C THR B 139 -1.56 -21.15 -22.73
N ILE B 140 -0.38 -21.30 -23.31
CA ILE B 140 -0.06 -20.63 -24.55
C ILE B 140 0.47 -21.67 -25.53
N ASN B 141 -0.31 -21.92 -26.59
CA ASN B 141 0.02 -22.90 -27.62
C ASN B 141 0.40 -22.22 -28.91
N ASN B 142 1.32 -22.87 -29.63
CA ASN B 142 1.59 -22.44 -30.97
C ASN B 142 0.38 -22.73 -31.87
N LEU B 143 0.36 -22.09 -33.05
CA LEU B 143 -0.90 -21.94 -33.79
C LEU B 143 -1.50 -23.28 -34.20
N GLY B 144 -0.69 -24.31 -34.34
CA GLY B 144 -1.18 -25.58 -34.85
C GLY B 144 -1.79 -26.54 -33.84
N ILE B 145 -1.67 -26.26 -32.54
CA ILE B 145 -2.07 -27.20 -31.49
C ILE B 145 -3.30 -26.64 -30.79
N GLY B 146 -4.43 -27.31 -30.95
CA GLY B 146 -5.63 -26.92 -30.25
C GLY B 146 -5.55 -27.19 -28.76
N ARG B 147 -6.27 -26.38 -28.00
CA ARG B 147 -6.28 -26.48 -26.56
C ARG B 147 -7.32 -27.49 -26.11
N SER B 148 -7.46 -27.66 -24.81
CA SER B 148 -8.29 -28.68 -24.20
C SER B 148 -9.27 -28.01 -23.26
N VAL B 149 -10.58 -28.14 -23.55
CA VAL B 149 -11.59 -27.62 -22.62
C VAL B 149 -11.56 -28.42 -21.31
N ASP B 150 -11.24 -29.72 -21.37
CA ASP B 150 -11.17 -30.53 -20.16
C ASP B 150 -10.11 -30.02 -19.18
N GLU B 151 -8.91 -29.71 -19.70
CA GLU B 151 -7.85 -29.24 -18.82
C GLU B 151 -8.13 -27.84 -18.29
N THR B 152 -8.79 -26.99 -19.09
CA THR B 152 -9.23 -25.70 -18.56
C THR B 152 -10.20 -25.91 -17.41
N MET B 153 -11.13 -26.85 -17.56
CA MET B 153 -12.08 -27.15 -16.49
C MET B 153 -11.36 -27.64 -15.24
N ARG B 154 -10.37 -28.53 -15.40
CA ARG B 154 -9.62 -29.04 -14.25
C ARG B 154 -8.92 -27.92 -13.51
N THR B 155 -8.16 -27.09 -14.24
CA THR B 155 -7.43 -26.00 -13.61
C THR B 155 -8.40 -25.01 -12.94
N LEU B 156 -9.51 -24.71 -13.61
CA LEU B 156 -10.50 -23.81 -13.02
C LEU B 156 -11.05 -24.38 -11.71
N GLN B 157 -11.38 -25.68 -11.72
CA GLN B 157 -11.93 -26.32 -10.53
C GLN B 157 -10.93 -26.36 -9.38
N ALA B 158 -9.65 -26.58 -9.71
CA ALA B 158 -8.61 -26.54 -8.69
C ALA B 158 -8.48 -25.15 -8.09
N LEU B 159 -8.51 -24.12 -8.94
CA LEU B 159 -8.44 -22.76 -8.43
C LEU B 159 -9.60 -22.46 -7.49
N GLN B 160 -10.81 -22.82 -7.92
CA GLN B 160 -11.98 -22.55 -7.09
C GLN B 160 -11.89 -23.32 -5.78
N TYR B 161 -11.38 -24.54 -5.83
CA TYR B 161 -11.24 -25.31 -4.61
C TYR B 161 -10.30 -24.62 -3.63
N ILE B 162 -9.08 -24.28 -4.07
CA ILE B 162 -8.14 -23.74 -3.09
C ILE B 162 -8.53 -22.34 -2.66
N GLN B 163 -9.35 -21.63 -3.44
CA GLN B 163 -9.77 -20.32 -2.96
C GLN B 163 -10.97 -20.42 -2.02
N GLU B 164 -11.78 -21.48 -2.14
CA GLU B 164 -12.85 -21.71 -1.19
C GLU B 164 -12.36 -22.36 0.10
N ASN B 165 -11.27 -23.14 0.03
CA ASN B 165 -10.65 -23.77 1.20
C ASN B 165 -9.25 -23.17 1.32
N PRO B 166 -9.14 -21.94 1.83
CA PRO B 166 -7.87 -21.21 1.71
C PRO B 166 -6.70 -21.86 2.42
N ASP B 167 -6.90 -22.95 3.17
CA ASP B 167 -5.83 -23.69 3.81
C ASP B 167 -5.37 -24.91 3.03
N GLU B 168 -5.97 -25.18 1.87
CA GLU B 168 -5.64 -26.34 1.07
C GLU B 168 -4.91 -25.94 -0.19
N VAL B 169 -4.20 -26.91 -0.77
CA VAL B 169 -3.59 -26.77 -2.08
C VAL B 169 -3.83 -28.05 -2.86
N CYS B 170 -3.74 -27.93 -4.19
CA CYS B 170 -4.09 -29.02 -5.07
C CYS B 170 -2.84 -29.68 -5.60
N PRO B 171 -2.61 -30.98 -5.35
CA PRO B 171 -1.43 -31.65 -5.88
C PRO B 171 -1.47 -31.76 -7.40
N ALA B 172 -0.40 -32.27 -7.99
CA ALA B 172 -0.38 -32.53 -9.42
C ALA B 172 -1.53 -33.44 -9.83
N GLY B 173 -2.15 -33.13 -10.97
CA GLY B 173 -3.21 -33.94 -11.55
C GLY B 173 -4.51 -33.96 -10.79
N TRP B 174 -4.67 -33.08 -9.80
CA TRP B 174 -5.86 -33.07 -8.96
C TRP B 174 -7.13 -32.94 -9.78
N LYS B 175 -8.11 -33.78 -9.46
CA LYS B 175 -9.48 -33.66 -9.95
C LYS B 175 -10.41 -33.56 -8.76
N PRO B 176 -11.61 -33.02 -8.94
CA PRO B 176 -12.60 -33.06 -7.85
C PRO B 176 -12.86 -34.49 -7.40
N GLY B 177 -12.86 -34.69 -6.08
CA GLY B 177 -12.95 -36.01 -5.50
C GLY B 177 -11.65 -36.59 -5.02
N GLU B 178 -10.53 -36.12 -5.56
CA GLU B 178 -9.21 -36.53 -5.14
C GLU B 178 -8.81 -35.80 -3.86
N LYS B 179 -7.84 -36.38 -3.16
CA LYS B 179 -7.34 -35.73 -1.96
C LYS B 179 -6.58 -34.45 -2.32
N SER B 180 -6.81 -33.43 -1.53
CA SER B 180 -6.00 -32.21 -1.57
C SER B 180 -4.92 -32.34 -0.50
N MET B 181 -4.27 -31.24 -0.14
CA MET B 181 -3.27 -31.25 0.92
C MET B 181 -3.50 -30.05 1.81
N LYS B 182 -3.49 -30.29 3.11
CA LYS B 182 -3.55 -29.30 4.17
C LYS B 182 -2.14 -29.15 4.73
N PRO B 183 -1.24 -28.42 4.08
CA PRO B 183 0.13 -28.32 4.60
C PRO B 183 0.13 -27.54 5.90
N ASP B 184 1.25 -27.62 6.62
CA ASP B 184 1.32 -27.07 7.97
C ASP B 184 2.69 -26.42 8.21
N PRO B 185 3.06 -25.44 7.38
CA PRO B 185 4.28 -24.68 7.68
C PRO B 185 4.16 -24.05 9.07
N LYS B 186 5.21 -24.23 9.88
CA LYS B 186 5.19 -23.81 11.28
C LYS B 186 5.66 -22.36 11.43
N LEU B 187 4.70 -21.42 11.39
CA LEU B 187 4.97 -20.01 11.67
C LEU B 187 4.70 -19.70 13.14
N SER B 188 5.53 -18.85 13.74
CA SER B 188 5.28 -18.41 15.11
C SER B 188 3.99 -17.59 15.19
N LYS B 189 3.41 -17.53 16.39
CA LYS B 189 2.18 -16.78 16.57
C LYS B 189 2.39 -15.27 16.48
N GLU B 190 3.62 -14.80 16.69
CA GLU B 190 3.92 -13.40 16.44
C GLU B 190 3.92 -13.09 14.95
N TYR B 191 4.40 -14.03 14.14
CA TYR B 191 4.35 -13.92 12.68
C TYR B 191 2.97 -14.28 12.14
N PHE B 192 2.27 -15.22 12.80
CA PHE B 192 0.98 -15.72 12.32
C PHE B 192 -0.08 -14.63 12.17
N SER B 193 0.14 -13.46 12.76
CA SER B 193 -0.82 -12.37 12.63
C SER B 193 -0.14 -11.05 12.31
N HIS B 198 -1.90 -16.40 4.08
CA HIS B 198 -2.02 -17.70 3.41
C HIS B 198 -0.95 -17.83 2.32
N HIS B 199 0.30 -17.69 2.75
CA HIS B 199 1.45 -17.62 1.85
C HIS B 199 2.16 -18.96 1.71
N HIS B 200 2.66 -19.51 2.82
CA HIS B 200 3.71 -20.51 2.74
C HIS B 200 3.21 -21.90 2.35
N HIS B 201 1.94 -22.23 2.66
CA HIS B 201 1.47 -23.56 2.26
C HIS B 201 1.25 -23.69 0.75
N HIS B 202 1.47 -22.61 -0.02
CA HIS B 202 1.25 -22.65 -1.47
C HIS B 202 2.43 -23.27 -2.22
N HIS B 203 3.65 -23.12 -1.73
CA HIS B 203 4.80 -23.67 -2.40
C HIS B 203 4.73 -25.20 -2.51
N PRO C 2 6.71 -12.80 -27.88
CA PRO C 2 6.44 -13.87 -26.91
C PRO C 2 7.43 -15.03 -27.01
N LEU C 3 7.57 -15.78 -25.91
CA LEU C 3 8.46 -16.95 -25.89
C LEU C 3 7.96 -18.07 -26.80
N VAL C 4 6.66 -18.38 -26.74
CA VAL C 4 6.16 -19.48 -27.55
C VAL C 4 6.27 -19.12 -29.02
N GLY C 5 6.78 -20.05 -29.82
CA GLY C 5 7.01 -19.84 -31.23
C GLY C 5 8.41 -19.49 -31.62
N ASN C 6 9.33 -19.34 -30.65
CA ASN C 6 10.69 -18.94 -30.93
C ASN C 6 11.66 -19.89 -30.24
N LYS C 7 12.95 -19.76 -30.59
CA LYS C 7 13.98 -20.55 -29.93
C LYS C 7 14.02 -20.25 -28.44
N ALA C 8 14.18 -21.30 -27.64
CA ALA C 8 14.25 -21.14 -26.19
C ALA C 8 15.52 -20.39 -25.81
N PRO C 9 15.48 -19.59 -24.75
CA PRO C 9 16.73 -19.00 -24.24
C PRO C 9 17.65 -20.13 -23.77
N ASP C 10 18.83 -20.20 -24.36
CA ASP C 10 19.74 -21.27 -23.96
C ASP C 10 20.28 -21.03 -22.56
N PHE C 11 20.65 -22.11 -21.86
CA PHE C 11 21.34 -22.02 -20.58
C PHE C 11 22.32 -23.18 -20.41
N GLU C 12 23.28 -23.00 -19.50
CA GLU C 12 24.13 -24.07 -19.02
C GLU C 12 24.15 -24.00 -17.50
N ALA C 13 23.72 -25.07 -16.85
CA ALA C 13 23.52 -25.04 -15.40
C ALA C 13 23.91 -26.37 -14.79
N GLU C 14 24.25 -26.34 -13.50
CA GLU C 14 24.50 -27.56 -12.75
C GLU C 14 23.18 -28.22 -12.34
N ALA C 15 23.22 -29.54 -12.19
CA ALA C 15 22.03 -30.31 -11.86
C ALA C 15 22.42 -31.56 -11.09
N VAL C 16 21.43 -32.17 -10.44
CA VAL C 16 21.60 -33.43 -9.73
C VAL C 16 20.92 -34.54 -10.52
N PHE C 17 21.66 -35.62 -10.77
CA PHE C 17 21.09 -36.79 -11.43
C PHE C 17 21.80 -38.03 -10.91
N ASP C 18 21.03 -39.02 -10.48
CA ASP C 18 21.60 -40.24 -9.87
C ASP C 18 22.50 -39.88 -8.70
N GLN C 19 22.10 -38.87 -7.94
CA GLN C 19 22.86 -38.39 -6.78
C GLN C 19 24.29 -37.97 -7.17
N GLU C 20 24.46 -37.48 -8.41
CA GLU C 20 25.73 -36.91 -8.85
C GLU C 20 25.50 -35.52 -9.43
N PHE C 21 26.53 -34.69 -9.38
CA PHE C 21 26.47 -33.34 -9.95
C PHE C 21 26.89 -33.41 -11.41
N ILE C 22 26.01 -32.96 -12.30
CA ILE C 22 26.29 -32.92 -13.73
C ILE C 22 26.03 -31.52 -14.24
N LYS C 23 26.35 -31.30 -15.51
CA LYS C 23 25.98 -30.08 -16.21
C LYS C 23 24.96 -30.40 -17.27
N VAL C 24 24.07 -29.43 -17.51
CA VAL C 24 23.03 -29.54 -18.53
C VAL C 24 23.06 -28.25 -19.34
N LYS C 25 23.18 -28.40 -20.65
CA LYS C 25 23.10 -27.29 -21.59
C LYS C 25 21.89 -27.58 -22.48
N LEU C 26 20.93 -26.66 -22.50
CA LEU C 26 19.64 -26.93 -23.14
C LEU C 26 19.80 -27.19 -24.64
N SER C 27 20.62 -26.38 -25.32
CA SER C 27 20.87 -26.55 -26.75
C SER C 27 21.49 -27.90 -27.08
N ASP C 28 22.08 -28.59 -26.10
CA ASP C 28 22.61 -29.94 -26.34
C ASP C 28 21.52 -30.93 -26.70
N TYR C 29 20.26 -30.61 -26.43
CA TYR C 29 19.18 -31.51 -26.80
C TYR C 29 18.67 -31.26 -28.21
N ILE C 30 19.07 -30.15 -28.83
CA ILE C 30 18.61 -29.84 -30.17
C ILE C 30 19.06 -30.92 -31.14
N GLY C 31 18.15 -31.36 -32.01
CA GLY C 31 18.40 -32.46 -32.91
C GLY C 31 18.24 -33.85 -32.30
N LYS C 32 18.08 -33.95 -30.98
CA LYS C 32 18.06 -35.25 -30.32
C LYS C 32 16.73 -35.55 -29.64
N LYS C 33 16.24 -34.68 -28.75
CA LYS C 33 15.01 -34.98 -28.03
C LYS C 33 14.14 -33.75 -27.88
N TYR C 34 12.84 -33.98 -27.76
CA TYR C 34 11.96 -32.97 -27.20
C TYR C 34 12.34 -32.75 -25.74
N VAL C 35 12.06 -31.54 -25.25
CA VAL C 35 12.38 -31.19 -23.87
C VAL C 35 11.10 -30.70 -23.20
N ILE C 36 10.81 -31.26 -22.04
CA ILE C 36 9.78 -30.75 -21.16
C ILE C 36 10.52 -30.08 -20.00
N LEU C 37 10.57 -28.76 -20.04
CA LEU C 37 11.30 -27.98 -19.05
C LEU C 37 10.29 -27.34 -18.10
N PHE C 38 10.28 -27.79 -16.85
CA PHE C 38 9.34 -27.23 -15.89
C PHE C 38 10.08 -26.64 -14.71
N PHE C 39 9.59 -25.48 -14.29
CA PHE C 39 10.04 -24.76 -13.12
C PHE C 39 9.09 -25.06 -11.96
N TYR C 40 9.62 -24.99 -10.75
CA TYR C 40 8.83 -25.05 -9.54
C TYR C 40 9.45 -24.08 -8.55
N PRO C 41 8.71 -23.66 -7.53
CA PRO C 41 9.20 -22.56 -6.68
C PRO C 41 10.43 -22.89 -5.84
N LEU C 42 10.34 -23.91 -4.98
CA LEU C 42 11.37 -24.17 -3.97
C LEU C 42 11.41 -25.66 -3.61
N ASP C 43 12.59 -26.09 -3.15
CA ASP C 43 12.77 -27.41 -2.57
C ASP C 43 12.13 -27.47 -1.19
N PHE C 44 11.79 -28.69 -0.76
CA PHE C 44 11.23 -28.93 0.58
C PHE C 44 9.88 -28.27 0.78
N THR C 45 9.06 -28.24 -0.27
CA THR C 45 7.73 -27.69 -0.22
C THR C 45 6.71 -28.81 -0.34
N PHE C 46 5.55 -28.54 -0.96
CA PHE C 46 4.38 -29.39 -0.77
C PHE C 46 3.73 -29.83 -2.09
N VAL C 47 3.33 -28.88 -2.94
CA VAL C 47 2.87 -29.22 -4.28
C VAL C 47 4.03 -29.67 -5.17
N SER C 48 5.16 -28.97 -5.09
CA SER C 48 6.30 -29.25 -5.95
C SER C 48 6.74 -30.72 -5.92
N PRO C 49 6.89 -31.37 -4.76
CA PRO C 49 7.27 -32.80 -4.80
C PRO C 49 6.25 -33.67 -5.51
N THR C 50 4.95 -33.37 -5.38
CA THR C 50 3.96 -34.17 -6.10
C THR C 50 4.13 -34.02 -7.60
N GLU C 51 4.45 -32.80 -8.06
CA GLU C 51 4.70 -32.63 -9.49
C GLU C 51 5.97 -33.34 -9.92
N ILE C 52 7.05 -33.19 -9.15
CA ILE C 52 8.36 -33.74 -9.53
C ILE C 52 8.31 -35.25 -9.60
N THR C 53 7.76 -35.88 -8.56
CA THR C 53 7.66 -37.34 -8.54
C THR C 53 6.60 -37.82 -9.52
N ALA C 54 5.55 -37.04 -9.75
CA ALA C 54 4.57 -37.41 -10.76
C ALA C 54 5.24 -37.55 -12.13
N PHE C 55 6.08 -36.58 -12.49
CA PHE C 55 6.81 -36.69 -13.75
C PHE C 55 7.83 -37.83 -13.70
N SER C 56 8.48 -38.05 -12.55
CA SER C 56 9.47 -39.12 -12.45
C SER C 56 8.84 -40.50 -12.64
N ASP C 57 7.68 -40.72 -12.05
CA ASP C 57 7.05 -42.03 -12.11
C ASP C 57 6.61 -42.37 -13.52
N ARG C 58 6.33 -41.35 -14.34
CA ARG C 58 5.92 -41.56 -15.72
C ARG C 58 7.02 -41.22 -16.72
N HIS C 59 8.27 -41.12 -16.26
CA HIS C 59 9.38 -40.72 -17.16
C HIS C 59 9.56 -41.69 -18.31
N SER C 60 9.28 -42.99 -18.11
CA SER C 60 9.46 -43.95 -19.19
C SER C 60 8.53 -43.64 -20.35
N GLU C 61 7.31 -43.21 -20.05
CA GLU C 61 6.36 -42.83 -21.10
C GLU C 61 6.92 -41.69 -21.95
N PHE C 62 7.58 -40.71 -21.31
CA PHE C 62 8.17 -39.61 -22.07
C PHE C 62 9.44 -40.02 -22.80
N GLU C 63 10.25 -40.89 -22.19
CA GLU C 63 11.48 -41.32 -22.83
C GLU C 63 11.19 -42.11 -24.10
N LYS C 64 10.13 -42.93 -24.08
CA LYS C 64 9.73 -43.67 -25.27
C LYS C 64 9.30 -42.75 -26.40
N LEU C 65 8.93 -41.51 -26.08
CA LEU C 65 8.57 -40.51 -27.06
C LEU C 65 9.72 -39.59 -27.40
N ASN C 66 10.95 -39.99 -27.09
CA ASN C 66 12.14 -39.21 -27.42
C ASN C 66 12.09 -37.83 -26.77
N THR C 67 11.70 -37.80 -25.49
CA THR C 67 11.52 -36.56 -24.75
C THR C 67 12.22 -36.69 -23.41
N GLU C 68 12.97 -35.66 -23.03
CA GLU C 68 13.59 -35.55 -21.72
C GLU C 68 12.83 -34.56 -20.85
N VAL C 69 12.80 -34.83 -19.54
CA VAL C 69 12.18 -33.93 -18.57
C VAL C 69 13.29 -33.26 -17.77
N LEU C 70 13.15 -31.95 -17.55
CA LEU C 70 14.12 -31.18 -16.79
C LEU C 70 13.37 -30.35 -15.77
N GLY C 71 13.67 -30.55 -14.50
CA GLY C 71 13.12 -29.73 -13.42
C GLY C 71 14.10 -28.65 -12.99
N VAL C 72 13.58 -27.46 -12.73
CA VAL C 72 14.41 -26.31 -12.39
C VAL C 72 13.79 -25.55 -11.24
N SER C 73 14.62 -25.17 -10.28
CA SER C 73 14.22 -24.22 -9.26
C SER C 73 15.43 -23.40 -8.88
N VAL C 74 15.20 -22.36 -8.08
CA VAL C 74 16.27 -21.44 -7.69
C VAL C 74 17.17 -22.02 -6.61
N ASP C 75 16.86 -23.21 -6.10
CA ASP C 75 17.69 -23.81 -5.06
C ASP C 75 19.01 -24.31 -5.65
N SER C 76 19.99 -24.50 -4.77
CA SER C 76 21.29 -24.97 -5.19
C SER C 76 21.28 -26.48 -5.38
N VAL C 77 22.37 -27.01 -5.96
CA VAL C 77 22.43 -28.46 -6.11
C VAL C 77 22.56 -29.16 -4.76
N PHE C 78 23.00 -28.45 -3.72
CA PHE C 78 23.11 -29.07 -2.41
C PHE C 78 21.74 -29.27 -1.77
N SER C 79 20.84 -28.30 -1.92
CA SER C 79 19.45 -28.52 -1.53
C SER C 79 18.81 -29.62 -2.36
N HIS C 80 19.02 -29.59 -3.68
CA HIS C 80 18.49 -30.64 -4.56
C HIS C 80 18.94 -32.01 -4.09
N LEU C 81 20.23 -32.19 -3.85
CA LEU C 81 20.74 -33.48 -3.43
C LEU C 81 20.19 -33.87 -2.06
N ALA C 82 20.13 -32.93 -1.12
CA ALA C 82 19.54 -33.25 0.17
C ALA C 82 18.09 -33.73 0.02
N TRP C 83 17.35 -33.12 -0.91
CA TRP C 83 15.95 -33.49 -1.06
C TRP C 83 15.81 -34.85 -1.74
N VAL C 84 16.66 -35.15 -2.72
CA VAL C 84 16.62 -36.46 -3.35
C VAL C 84 16.96 -37.57 -2.35
N GLN C 85 17.91 -37.31 -1.45
CA GLN C 85 18.31 -38.33 -0.50
C GLN C 85 17.36 -38.46 0.67
N THR C 86 16.23 -37.77 0.65
CA THR C 86 15.18 -37.97 1.63
C THR C 86 14.12 -38.86 1.00
N ASP C 87 13.61 -39.83 1.76
CA ASP C 87 12.56 -40.71 1.28
C ASP C 87 11.27 -39.92 1.08
N ARG C 88 10.44 -40.40 0.14
CA ARG C 88 9.16 -39.76 -0.10
C ARG C 88 8.30 -39.75 1.16
N LYS C 89 8.40 -40.80 1.98
CA LYS C 89 7.63 -40.85 3.22
C LYS C 89 8.01 -39.75 4.21
N SER C 90 9.22 -39.20 4.11
CA SER C 90 9.68 -38.12 4.98
C SER C 90 9.57 -36.75 4.33
N GLY C 91 8.75 -36.62 3.29
CA GLY C 91 8.64 -35.38 2.55
C GLY C 91 9.68 -35.18 1.46
N GLY C 92 10.49 -36.19 1.16
CA GLY C 92 11.52 -36.09 0.15
C GLY C 92 11.01 -36.51 -1.22
N LEU C 93 11.95 -36.61 -2.15
CA LEU C 93 11.69 -36.98 -3.54
C LEU C 93 12.04 -38.42 -3.85
N GLY C 94 12.97 -39.01 -3.10
CA GLY C 94 13.54 -40.27 -3.51
C GLY C 94 14.35 -40.08 -4.78
N ASP C 95 14.65 -41.19 -5.43
CA ASP C 95 15.42 -41.15 -6.65
C ASP C 95 14.57 -40.69 -7.82
N LEU C 96 15.16 -39.89 -8.69
CA LEU C 96 14.49 -39.27 -9.82
C LEU C 96 15.03 -39.86 -11.12
N ASN C 97 14.17 -39.91 -12.14
CA ASN C 97 14.54 -40.43 -13.44
C ASN C 97 15.10 -39.38 -14.38
N TYR C 98 15.18 -38.13 -13.95
CA TYR C 98 15.59 -37.03 -14.82
C TYR C 98 16.36 -36.02 -13.99
N PRO C 99 17.07 -35.08 -14.64
CA PRO C 99 17.89 -34.13 -13.88
C PRO C 99 17.07 -33.06 -13.18
N LEU C 100 17.53 -32.68 -11.97
CA LEU C 100 17.02 -31.51 -11.25
C LEU C 100 18.02 -30.38 -11.39
N ILE C 101 17.65 -29.35 -12.09
CA ILE C 101 18.56 -28.27 -12.45
C ILE C 101 18.50 -27.17 -11.40
N SER C 102 19.65 -26.55 -11.14
CA SER C 102 19.77 -25.46 -10.18
C SER C 102 19.87 -24.14 -10.92
N ASP C 103 18.92 -23.23 -10.64
CA ASP C 103 18.97 -21.88 -11.19
C ASP C 103 19.38 -20.90 -10.11
N VAL C 104 20.60 -21.09 -9.58
CA VAL C 104 21.03 -20.38 -8.38
C VAL C 104 21.13 -18.87 -8.62
N THR C 105 21.55 -18.45 -9.81
CA THR C 105 21.60 -17.02 -10.12
C THR C 105 20.24 -16.46 -10.57
N LYS C 106 19.23 -17.31 -10.76
CA LYS C 106 17.88 -16.95 -11.16
C LYS C 106 17.79 -16.46 -12.60
N SER C 107 18.88 -16.54 -13.37
CA SER C 107 18.85 -16.02 -14.74
C SER C 107 17.96 -16.87 -15.64
N ILE C 108 17.88 -18.18 -15.39
CA ILE C 108 17.08 -19.04 -16.26
C ILE C 108 15.59 -18.73 -16.09
N SER C 109 15.12 -18.70 -14.84
CA SER C 109 13.74 -18.29 -14.58
C SER C 109 13.47 -16.93 -15.16
N LYS C 110 14.45 -16.03 -15.06
CA LYS C 110 14.27 -14.69 -15.59
C LYS C 110 14.06 -14.72 -17.10
N SER C 111 14.87 -15.49 -17.82
CA SER C 111 14.80 -15.53 -19.27
C SER C 111 13.55 -16.24 -19.78
N PHE C 112 12.96 -17.13 -18.99
CA PHE C 112 11.71 -17.78 -19.36
C PHE C 112 10.49 -17.05 -18.82
N GLY C 113 10.69 -15.86 -18.22
CA GLY C 113 9.62 -15.03 -17.72
C GLY C 113 8.84 -15.59 -16.56
N VAL C 114 9.39 -16.54 -15.80
CA VAL C 114 8.66 -17.16 -14.70
C VAL C 114 9.16 -16.70 -13.34
N LEU C 115 10.13 -15.79 -13.29
CA LEU C 115 10.67 -15.35 -12.02
C LEU C 115 9.76 -14.28 -11.42
N ILE C 116 9.21 -14.57 -10.23
CA ILE C 116 8.55 -13.56 -9.40
C ILE C 116 9.65 -12.76 -8.71
N HIS C 117 9.90 -11.54 -9.18
CA HIS C 117 11.04 -10.77 -8.68
C HIS C 117 10.88 -10.40 -7.21
N ASP C 118 9.65 -10.10 -6.77
CA ASP C 118 9.41 -9.79 -5.36
C ASP C 118 9.91 -10.92 -4.45
N GLN C 119 9.72 -12.17 -4.85
CA GLN C 119 9.97 -13.29 -3.96
C GLN C 119 11.19 -14.12 -4.34
N GLY C 120 11.79 -13.89 -5.51
CA GLY C 120 13.00 -14.59 -5.88
C GLY C 120 12.83 -16.06 -6.21
N ILE C 121 11.60 -16.49 -6.56
CA ILE C 121 11.30 -17.87 -6.90
C ILE C 121 10.51 -17.89 -8.20
N ALA C 122 10.46 -19.07 -8.83
CA ALA C 122 9.81 -19.21 -10.11
C ALA C 122 8.37 -19.68 -9.94
N LEU C 123 7.51 -19.24 -10.85
CA LEU C 123 6.16 -19.78 -10.92
C LEU C 123 6.19 -21.22 -11.42
N ARG C 124 5.04 -21.87 -11.35
CA ARG C 124 4.91 -23.22 -11.90
C ARG C 124 4.75 -23.12 -13.41
N GLY C 125 5.84 -22.76 -14.08
CA GLY C 125 5.87 -22.66 -15.54
C GLY C 125 6.40 -23.93 -16.16
N LEU C 126 5.74 -24.40 -17.21
CA LEU C 126 6.17 -25.59 -17.94
C LEU C 126 6.22 -25.29 -19.43
N PHE C 127 7.27 -25.76 -20.08
CA PHE C 127 7.54 -25.43 -21.48
C PHE C 127 7.85 -26.68 -22.26
N ILE C 128 7.19 -26.84 -23.40
CA ILE C 128 7.47 -27.95 -24.30
C ILE C 128 8.30 -27.40 -25.46
N ILE C 129 9.48 -27.99 -25.66
CA ILE C 129 10.47 -27.54 -26.62
C ILE C 129 10.72 -28.66 -27.62
N ASP C 130 10.69 -28.34 -28.91
CA ASP C 130 10.84 -29.38 -29.92
C ASP C 130 12.32 -29.62 -30.23
N LYS C 131 12.57 -30.56 -31.15
CA LYS C 131 13.94 -30.96 -31.46
C LYS C 131 14.74 -29.86 -32.13
N GLU C 132 14.08 -28.84 -32.68
CA GLU C 132 14.78 -27.67 -33.21
C GLU C 132 15.03 -26.59 -32.15
N GLY C 133 14.62 -26.83 -30.92
CA GLY C 133 14.84 -25.88 -29.85
C GLY C 133 13.78 -24.80 -29.72
N VAL C 134 12.62 -24.98 -30.33
CA VAL C 134 11.58 -23.97 -30.38
C VAL C 134 10.54 -24.26 -29.31
N ILE C 135 10.18 -23.23 -28.54
CA ILE C 135 9.11 -23.37 -27.56
C ILE C 135 7.80 -23.44 -28.32
N GLN C 136 7.04 -24.51 -28.07
CA GLN C 136 5.77 -24.75 -28.74
C GLN C 136 4.57 -24.66 -27.80
N HIS C 137 4.79 -24.71 -26.50
CA HIS C 137 3.70 -24.72 -25.55
C HIS C 137 4.17 -24.18 -24.22
N SER C 138 3.29 -23.48 -23.54
CA SER C 138 3.59 -22.97 -22.21
C SER C 138 2.40 -23.22 -21.29
N THR C 139 2.67 -23.78 -20.11
CA THR C 139 1.68 -23.84 -19.03
C THR C 139 2.29 -23.16 -17.81
N ILE C 140 1.63 -22.12 -17.32
CA ILE C 140 2.15 -21.34 -16.21
C ILE C 140 1.05 -21.21 -15.16
N ASN C 141 1.24 -21.84 -14.01
CA ASN C 141 0.30 -21.84 -12.90
C ASN C 141 0.82 -20.98 -11.77
N ASN C 142 -0.10 -20.35 -11.04
CA ASN C 142 0.29 -19.78 -9.77
C ASN C 142 0.57 -20.91 -8.77
N LEU C 143 1.18 -20.55 -7.65
CA LEU C 143 1.86 -21.53 -6.81
C LEU C 143 0.93 -22.61 -6.23
N GLY C 144 -0.36 -22.31 -6.06
CA GLY C 144 -1.20 -23.25 -5.34
C GLY C 144 -1.80 -24.38 -6.16
N ILE C 145 -1.72 -24.33 -7.49
CA ILE C 145 -2.39 -25.27 -8.38
C ILE C 145 -1.36 -26.13 -9.05
N GLY C 146 -1.36 -27.43 -8.73
CA GLY C 146 -0.45 -28.35 -9.39
C GLY C 146 -0.81 -28.55 -10.86
N ARG C 147 0.20 -28.91 -11.64
CA ARG C 147 0.00 -29.14 -13.05
C ARG C 147 -0.43 -30.59 -13.28
N SER C 148 -0.63 -30.96 -14.54
CA SER C 148 -1.15 -32.28 -14.91
C SER C 148 -0.22 -32.94 -15.91
N VAL C 149 0.33 -34.11 -15.54
CA VAL C 149 1.15 -34.86 -16.49
C VAL C 149 0.32 -35.30 -17.69
N ASP C 150 -0.97 -35.58 -17.50
CA ASP C 150 -1.80 -36.00 -18.62
C ASP C 150 -1.86 -34.94 -19.71
N GLU C 151 -2.10 -33.68 -19.34
CA GLU C 151 -2.20 -32.64 -20.36
C GLU C 151 -0.86 -32.37 -21.02
N THR C 152 0.23 -32.50 -20.28
CA THR C 152 1.55 -32.39 -20.90
C THR C 152 1.73 -33.48 -21.96
N MET C 153 1.33 -34.71 -21.63
CA MET C 153 1.44 -35.81 -22.60
C MET C 153 0.56 -35.56 -23.81
N ARG C 154 -0.65 -35.06 -23.59
CA ARG C 154 -1.57 -34.76 -24.70
C ARG C 154 -0.97 -33.72 -25.63
N THR C 155 -0.49 -32.60 -25.06
CA THR C 155 0.07 -31.52 -25.88
C THR C 155 1.33 -31.98 -26.61
N LEU C 156 2.20 -32.72 -25.93
CA LEU C 156 3.40 -33.23 -26.59
C LEU C 156 3.02 -34.17 -27.73
N GLN C 157 2.02 -35.02 -27.52
CA GLN C 157 1.60 -35.93 -28.58
C GLN C 157 1.01 -35.17 -29.76
N ALA C 158 0.27 -34.08 -29.49
CA ALA C 158 -0.24 -33.25 -30.59
C ALA C 158 0.91 -32.60 -31.35
N LEU C 159 1.89 -32.05 -30.64
CA LEU C 159 3.02 -31.42 -31.32
C LEU C 159 3.79 -32.42 -32.17
N GLN C 160 4.05 -33.61 -31.63
CA GLN C 160 4.76 -34.63 -32.38
C GLN C 160 3.96 -35.07 -33.60
N TYR C 161 2.64 -35.17 -33.44
CA TYR C 161 1.78 -35.52 -34.57
C TYR C 161 1.88 -34.48 -35.68
N ILE C 162 1.71 -33.20 -35.37
CA ILE C 162 1.75 -32.19 -36.43
C ILE C 162 3.15 -31.99 -37.00
N GLN C 163 4.20 -32.37 -36.26
CA GLN C 163 5.55 -32.24 -36.81
C GLN C 163 5.94 -33.43 -37.69
N GLU C 164 5.36 -34.59 -37.44
CA GLU C 164 5.56 -35.73 -38.34
C GLU C 164 4.65 -35.67 -39.56
N ASN C 165 3.48 -35.06 -39.44
CA ASN C 165 2.57 -34.83 -40.56
C ASN C 165 2.39 -33.33 -40.71
N PRO C 166 3.38 -32.63 -41.28
CA PRO C 166 3.37 -31.16 -41.20
C PRO C 166 2.22 -30.50 -41.95
N ASP C 167 1.39 -31.28 -42.66
CA ASP C 167 0.21 -30.77 -43.35
C ASP C 167 -1.06 -30.90 -42.52
N GLU C 168 -0.95 -31.41 -41.29
CA GLU C 168 -2.09 -31.56 -40.40
C GLU C 168 -1.98 -30.55 -39.25
N VAL C 169 -3.12 -30.26 -38.65
CA VAL C 169 -3.18 -29.49 -37.42
C VAL C 169 -4.17 -30.21 -36.52
N CYS C 170 -4.05 -29.95 -35.22
CA CYS C 170 -4.81 -30.72 -34.25
C CYS C 170 -5.96 -29.91 -33.68
N PRO C 171 -7.21 -30.39 -33.81
CA PRO C 171 -8.35 -29.66 -33.23
C PRO C 171 -8.35 -29.68 -31.71
N ALA C 172 -9.30 -28.96 -31.10
CA ALA C 172 -9.44 -28.95 -29.66
C ALA C 172 -9.58 -30.35 -29.10
N GLY C 173 -8.90 -30.60 -27.98
CA GLY C 173 -8.99 -31.87 -27.29
C GLY C 173 -8.41 -33.06 -28.04
N TRP C 174 -7.67 -32.81 -29.12
CA TRP C 174 -7.15 -33.91 -29.93
C TRP C 174 -6.31 -34.86 -29.08
N LYS C 175 -6.58 -36.15 -29.23
CA LYS C 175 -5.79 -37.24 -28.68
C LYS C 175 -5.39 -38.14 -29.83
N PRO C 176 -4.35 -38.96 -29.67
CA PRO C 176 -4.01 -39.93 -30.73
C PRO C 176 -5.22 -40.80 -31.05
N GLY C 177 -5.49 -40.95 -32.34
CA GLY C 177 -6.68 -41.62 -32.81
C GLY C 177 -7.79 -40.71 -33.27
N GLU C 178 -7.81 -39.45 -32.81
CA GLU C 178 -8.84 -38.51 -33.24
C GLU C 178 -8.51 -37.97 -34.61
N LYS C 179 -9.54 -37.51 -35.31
CA LYS C 179 -9.37 -36.92 -36.63
C LYS C 179 -8.65 -35.58 -36.52
N SER C 180 -7.70 -35.35 -37.40
CA SER C 180 -7.11 -34.04 -37.56
C SER C 180 -7.75 -33.34 -38.76
N MET C 181 -7.16 -32.22 -39.17
CA MET C 181 -7.64 -31.48 -40.32
C MET C 181 -6.46 -30.79 -41.00
N LYS C 182 -6.66 -30.46 -42.26
CA LYS C 182 -5.69 -29.76 -43.07
C LYS C 182 -5.98 -28.27 -43.02
N PRO C 183 -5.08 -27.43 -42.52
CA PRO C 183 -5.38 -25.99 -42.39
C PRO C 183 -5.47 -25.27 -43.72
N ASP C 184 -6.51 -25.57 -44.49
CA ASP C 184 -6.67 -25.07 -45.84
C ASP C 184 -8.16 -24.81 -46.06
N PRO C 185 -8.54 -23.64 -46.57
CA PRO C 185 -9.97 -23.36 -46.77
C PRO C 185 -10.75 -24.45 -47.50
N LYS C 186 -10.16 -25.07 -48.53
CA LYS C 186 -10.88 -26.06 -49.32
C LYS C 186 -10.81 -27.45 -48.68
N LEU C 187 -9.67 -27.80 -48.08
CA LEU C 187 -9.52 -29.13 -47.50
C LEU C 187 -10.01 -29.23 -46.07
N SER C 188 -10.22 -28.12 -45.38
CA SER C 188 -10.81 -28.18 -44.05
C SER C 188 -12.24 -28.70 -44.12
N LYS C 189 -12.91 -28.51 -45.26
CA LYS C 189 -14.32 -28.85 -45.39
C LYS C 189 -14.58 -30.32 -45.11
N GLU C 190 -13.63 -31.18 -45.49
CA GLU C 190 -13.73 -32.60 -45.17
C GLU C 190 -13.91 -32.83 -43.67
N TYR C 191 -13.28 -31.98 -42.84
CA TYR C 191 -13.39 -32.14 -41.40
C TYR C 191 -14.74 -31.64 -40.88
N PHE C 192 -15.12 -30.42 -41.28
CA PHE C 192 -16.32 -29.81 -40.75
C PHE C 192 -17.59 -30.51 -41.23
N SER C 193 -17.55 -31.13 -42.42
CA SER C 193 -18.73 -31.84 -42.91
C SER C 193 -19.05 -33.06 -42.04
N ALA C 194 -18.04 -33.68 -41.44
CA ALA C 194 -18.25 -34.76 -40.47
C ALA C 194 -18.73 -34.22 -39.12
N PRO D 2 32.93 3.40 2.03
CA PRO D 2 32.97 2.02 2.54
C PRO D 2 31.83 1.74 3.52
N LEU D 3 31.49 0.45 3.70
CA LEU D 3 30.45 0.07 4.66
C LEU D 3 30.87 0.35 6.10
N VAL D 4 32.11 0.00 6.45
CA VAL D 4 32.57 0.19 7.83
C VAL D 4 32.62 1.67 8.15
N GLY D 5 32.06 2.05 9.29
CA GLY D 5 31.92 3.44 9.68
C GLY D 5 30.57 4.08 9.41
N ASN D 6 29.63 3.35 8.81
CA ASN D 6 28.32 3.90 8.46
C ASN D 6 27.21 2.98 8.93
N LYS D 7 25.98 3.52 8.94
CA LYS D 7 24.83 2.71 9.27
C LYS D 7 24.68 1.56 8.29
N ALA D 8 24.34 0.39 8.83
CA ALA D 8 24.15 -0.80 8.02
C ALA D 8 22.94 -0.64 7.11
N PRO D 9 22.98 -1.22 5.91
CA PRO D 9 21.78 -1.27 5.08
C PRO D 9 20.71 -2.10 5.76
N ASP D 10 19.56 -1.48 5.99
CA ASP D 10 18.47 -2.19 6.66
C ASP D 10 17.87 -3.26 5.77
N PHE D 11 17.33 -4.30 6.40
CA PHE D 11 16.58 -5.31 5.69
C PHE D 11 15.47 -5.82 6.59
N GLU D 12 14.46 -6.41 5.94
CA GLU D 12 13.42 -7.17 6.63
C GLU D 12 13.28 -8.46 5.86
N ALA D 13 13.49 -9.59 6.55
CA ALA D 13 13.53 -10.86 5.86
C ALA D 13 12.95 -11.94 6.76
N GLU D 14 12.47 -13.02 6.14
CA GLU D 14 12.03 -14.17 6.89
C GLU D 14 13.25 -14.95 7.38
N ALA D 15 13.05 -15.67 8.48
CA ALA D 15 14.12 -16.43 9.09
C ALA D 15 13.52 -17.65 9.78
N VAL D 16 14.38 -18.59 10.11
CA VAL D 16 14.01 -19.79 10.87
C VAL D 16 14.56 -19.61 12.28
N PHE D 17 13.71 -19.78 13.27
CA PHE D 17 14.13 -19.67 14.65
C PHE D 17 13.29 -20.61 15.48
N ASP D 18 13.95 -21.46 16.26
CA ASP D 18 13.26 -22.47 17.07
C ASP D 18 12.36 -23.34 16.19
N GLN D 19 12.84 -23.64 14.97
CA GLN D 19 12.12 -24.42 13.96
C GLN D 19 10.76 -23.81 13.61
N GLU D 20 10.64 -22.49 13.70
CA GLU D 20 9.45 -21.76 13.28
C GLU D 20 9.87 -20.64 12.33
N PHE D 21 8.93 -20.21 11.48
CA PHE D 21 9.19 -19.09 10.57
C PHE D 21 8.87 -17.79 11.28
N ILE D 22 9.85 -16.88 11.31
CA ILE D 22 9.70 -15.58 11.92
C ILE D 22 10.14 -14.54 10.90
N LYS D 23 9.95 -13.27 11.25
CA LYS D 23 10.51 -12.18 10.49
C LYS D 23 11.57 -11.50 11.33
N VAL D 24 12.59 -10.97 10.66
CA VAL D 24 13.69 -10.25 11.30
C VAL D 24 13.90 -8.96 10.54
N LYS D 25 13.91 -7.85 11.27
CA LYS D 25 14.21 -6.54 10.71
C LYS D 25 15.47 -6.06 11.42
N LEU D 26 16.52 -5.76 10.64
CA LEU D 26 17.81 -5.47 11.24
C LEU D 26 17.75 -4.22 12.13
N SER D 27 17.09 -3.17 11.65
CA SER D 27 17.00 -1.94 12.45
C SER D 27 16.28 -2.16 13.77
N ASP D 28 15.50 -3.23 13.91
CA ASP D 28 14.85 -3.51 15.18
C ASP D 28 15.84 -3.78 16.29
N TYR D 29 17.11 -4.04 15.97
CA TYR D 29 18.10 -4.21 17.03
C TYR D 29 18.74 -2.88 17.46
N ILE D 30 18.51 -1.81 16.70
CA ILE D 30 19.06 -0.51 17.08
C ILE D 30 18.49 -0.08 18.41
N GLY D 31 19.37 0.41 19.30
CA GLY D 31 19.00 0.78 20.64
C GLY D 31 18.92 -0.36 21.62
N LYS D 32 18.96 -1.61 21.17
CA LYS D 32 18.75 -2.76 22.05
C LYS D 32 19.96 -3.67 22.14
N LYS D 33 20.53 -4.14 21.03
CA LYS D 33 21.65 -5.06 21.11
C LYS D 33 22.67 -4.78 20.01
N TYR D 34 23.91 -5.16 20.30
CA TYR D 34 24.88 -5.34 19.25
C TYR D 34 24.46 -6.50 18.36
N VAL D 35 24.85 -6.44 17.09
CA VAL D 35 24.50 -7.44 16.09
C VAL D 35 25.76 -7.98 15.44
N ILE D 36 25.87 -9.31 15.41
CA ILE D 36 26.87 -9.99 14.60
C ILE D 36 26.13 -10.63 13.44
N LEU D 37 26.28 -10.06 12.26
CA LEU D 37 25.60 -10.50 11.05
C LEU D 37 26.61 -11.24 10.18
N PHE D 38 26.44 -12.55 10.02
CA PHE D 38 27.39 -13.26 9.17
C PHE D 38 26.65 -13.98 8.06
N PHE D 39 27.22 -13.87 6.86
CA PHE D 39 26.74 -14.49 5.65
C PHE D 39 27.50 -15.80 5.44
N TYR D 40 26.82 -16.76 4.83
CA TYR D 40 27.46 -17.98 4.37
C TYR D 40 26.89 -18.30 3.00
N PRO D 41 27.62 -19.08 2.18
CA PRO D 41 27.20 -19.28 0.78
C PRO D 41 25.92 -20.11 0.60
N LEU D 42 25.88 -21.33 1.11
CA LEU D 42 24.75 -22.21 0.82
C LEU D 42 24.49 -23.18 1.96
N ASP D 43 23.25 -23.65 2.04
CA ASP D 43 22.89 -24.73 2.93
C ASP D 43 23.42 -26.07 2.42
N PHE D 44 23.61 -27.00 3.35
CA PHE D 44 24.04 -28.38 3.08
C PHE D 44 25.43 -28.44 2.46
N THR D 45 26.31 -27.55 2.94
CA THR D 45 27.70 -27.50 2.55
C THR D 45 28.57 -27.91 3.74
N PHE D 46 29.77 -27.33 3.86
CA PHE D 46 30.84 -28.00 4.61
C PHE D 46 31.55 -27.14 5.64
N VAL D 47 32.17 -26.04 5.23
CA VAL D 47 32.68 -25.09 6.21
C VAL D 47 31.52 -24.39 6.93
N SER D 48 30.49 -24.04 6.15
CA SER D 48 29.35 -23.29 6.69
C SER D 48 28.72 -23.94 7.90
N PRO D 49 28.43 -25.26 7.93
CA PRO D 49 27.87 -25.83 9.17
C PRO D 49 28.79 -25.70 10.37
N THR D 50 30.12 -25.83 10.19
CA THR D 50 31.03 -25.64 11.31
C THR D 50 30.99 -24.21 11.82
N GLU D 51 30.88 -23.22 10.94
CA GLU D 51 30.76 -21.84 11.41
C GLU D 51 29.45 -21.66 12.18
N ILE D 52 28.35 -22.15 11.61
CA ILE D 52 27.03 -21.89 12.17
C ILE D 52 26.90 -22.51 13.56
N THR D 53 27.31 -23.77 13.70
CA THR D 53 27.24 -24.42 15.01
C THR D 53 28.30 -23.91 15.97
N ALA D 54 29.47 -23.50 15.47
CA ALA D 54 30.46 -22.87 16.37
C ALA D 54 29.85 -21.64 17.03
N PHE D 55 29.18 -20.80 16.26
CA PHE D 55 28.55 -19.63 16.86
C PHE D 55 27.37 -20.02 17.75
N SER D 56 26.62 -21.06 17.37
CA SER D 56 25.49 -21.49 18.19
C SER D 56 25.93 -22.01 19.55
N ASP D 57 27.03 -22.77 19.58
CA ASP D 57 27.49 -23.34 20.84
C ASP D 57 28.00 -22.27 21.79
N ARG D 58 28.47 -21.15 21.27
CA ARG D 58 28.93 -20.05 22.09
C ARG D 58 27.94 -18.90 22.10
N HIS D 59 26.71 -19.15 21.65
CA HIS D 59 25.72 -18.09 21.60
C HIS D 59 25.45 -17.50 22.98
N SER D 60 25.57 -18.32 24.03
CA SER D 60 25.30 -17.81 25.37
C SER D 60 26.28 -16.73 25.75
N GLU D 61 27.55 -16.87 25.33
CA GLU D 61 28.54 -15.84 25.62
C GLU D 61 28.17 -14.51 24.98
N PHE D 62 27.69 -14.54 23.74
CA PHE D 62 27.29 -13.30 23.08
C PHE D 62 26.04 -12.73 23.72
N GLU D 63 25.14 -13.62 24.12
CA GLU D 63 23.91 -13.18 24.77
C GLU D 63 24.23 -12.46 26.07
N LYS D 64 25.27 -12.92 26.79
CA LYS D 64 25.73 -12.24 27.98
C LYS D 64 26.33 -10.87 27.65
N LEU D 65 26.82 -10.68 26.43
CA LEU D 65 27.40 -9.41 25.99
C LEU D 65 26.40 -8.54 25.24
N ASN D 66 25.11 -8.79 25.40
CA ASN D 66 24.07 -7.94 24.79
C ASN D 66 24.21 -7.92 23.27
N THR D 67 24.50 -9.08 22.70
CA THR D 67 24.77 -9.23 21.28
C THR D 67 23.95 -10.39 20.74
N GLU D 68 23.30 -10.18 19.61
CA GLU D 68 22.61 -11.23 18.88
C GLU D 68 23.47 -11.67 17.69
N VAL D 69 23.37 -12.96 17.36
CA VAL D 69 24.00 -13.52 16.17
C VAL D 69 22.91 -13.79 15.14
N LEU D 70 23.19 -13.44 13.88
CA LEU D 70 22.26 -13.65 12.78
C LEU D 70 23.03 -14.24 11.61
N GLY D 71 22.61 -15.43 11.17
CA GLY D 71 23.18 -16.06 9.99
C GLY D 71 22.31 -15.81 8.76
N VAL D 72 22.97 -15.57 7.63
CA VAL D 72 22.29 -15.23 6.39
C VAL D 72 22.89 -16.02 5.24
N SER D 73 22.02 -16.55 4.39
CA SER D 73 22.44 -17.09 3.11
C SER D 73 21.29 -16.91 2.14
N VAL D 74 21.58 -17.14 0.85
CA VAL D 74 20.59 -16.95 -0.20
C VAL D 74 19.57 -18.07 -0.29
N ASP D 75 19.70 -19.12 0.54
CA ASP D 75 18.75 -20.22 0.53
C ASP D 75 17.41 -19.79 1.12
N SER D 76 16.37 -20.59 0.84
CA SER D 76 15.05 -20.28 1.37
C SER D 76 14.93 -20.75 2.82
N VAL D 77 13.84 -20.33 3.48
CA VAL D 77 13.60 -20.77 4.86
C VAL D 77 13.26 -22.26 4.92
N PHE D 78 12.78 -22.85 3.82
CA PHE D 78 12.50 -24.28 3.81
C PHE D 78 13.80 -25.11 3.76
N SER D 79 14.80 -24.65 3.01
CA SER D 79 16.12 -25.27 3.11
C SER D 79 16.71 -25.10 4.50
N HIS D 80 16.61 -23.89 5.07
CA HIS D 80 17.11 -23.66 6.42
C HIS D 80 16.47 -24.60 7.42
N LEU D 81 15.15 -24.74 7.36
CA LEU D 81 14.44 -25.63 8.28
C LEU D 81 14.86 -27.08 8.05
N ALA D 82 15.00 -27.48 6.79
CA ALA D 82 15.48 -28.82 6.49
C ALA D 82 16.87 -29.07 7.06
N TRP D 83 17.73 -28.06 7.06
CA TRP D 83 19.10 -28.23 7.55
C TRP D 83 19.16 -28.28 9.07
N VAL D 84 18.34 -27.46 9.74
CA VAL D 84 18.26 -27.51 11.20
C VAL D 84 17.78 -28.88 11.65
N GLN D 85 16.86 -29.49 10.89
CA GLN D 85 16.33 -30.79 11.25
C GLN D 85 17.22 -31.95 10.81
N THR D 86 18.40 -31.69 10.27
CA THR D 86 19.37 -32.73 9.98
C THR D 86 20.37 -32.79 11.13
N ASP D 87 20.76 -34.00 11.50
CA ASP D 87 21.70 -34.17 12.60
C ASP D 87 23.06 -33.57 12.27
N ARG D 88 23.73 -33.07 13.30
CA ARG D 88 25.06 -32.54 13.10
C ARG D 88 26.01 -33.62 12.61
N LYS D 89 25.84 -34.84 13.11
CA LYS D 89 26.64 -35.97 12.67
C LYS D 89 26.43 -36.25 11.18
N SER D 90 25.30 -35.82 10.63
CA SER D 90 25.00 -35.95 9.21
C SER D 90 25.30 -34.68 8.42
N GLY D 91 26.10 -33.77 8.99
CA GLY D 91 26.38 -32.51 8.34
C GLY D 91 25.33 -31.44 8.53
N GLY D 92 24.36 -31.66 9.40
CA GLY D 92 23.29 -30.70 9.64
C GLY D 92 23.64 -29.72 10.73
N LEU D 93 22.63 -28.97 11.15
CA LEU D 93 22.83 -27.94 12.16
C LEU D 93 22.36 -28.37 13.54
N GLY D 94 21.42 -29.30 13.63
CA GLY D 94 20.85 -29.54 14.94
C GLY D 94 20.08 -28.29 15.36
N ASP D 95 19.85 -28.19 16.66
CA ASP D 95 19.15 -27.02 17.15
C ASP D 95 20.08 -25.81 17.14
N LEU D 96 19.52 -24.66 16.75
CA LEU D 96 20.25 -23.41 16.66
C LEU D 96 19.74 -22.45 17.72
N ASN D 97 20.65 -21.65 18.25
CA ASN D 97 20.32 -20.71 19.29
C ASN D 97 19.99 -19.31 18.75
N TYR D 98 20.04 -19.10 17.44
CA TYR D 98 19.82 -17.78 16.86
C TYR D 98 19.13 -17.94 15.52
N PRO D 99 18.55 -16.85 14.98
CA PRO D 99 17.80 -16.98 13.73
C PRO D 99 18.70 -17.15 12.53
N LEU D 100 18.27 -18.01 11.61
CA LEU D 100 18.91 -18.17 10.31
C LEU D 100 18.05 -17.43 9.30
N ILE D 101 18.60 -16.37 8.73
CA ILE D 101 17.85 -15.47 7.86
C ILE D 101 17.99 -15.94 6.42
N SER D 102 16.91 -15.80 5.67
CA SER D 102 16.86 -16.21 4.27
C SER D 102 16.97 -14.98 3.38
N ASP D 103 18.00 -14.92 2.56
CA ASP D 103 18.21 -13.82 1.62
C ASP D 103 17.83 -14.29 0.21
N VAL D 104 16.56 -14.66 0.07
CA VAL D 104 16.16 -15.36 -1.13
C VAL D 104 16.26 -14.47 -2.37
N THR D 105 15.95 -13.18 -2.26
CA THR D 105 16.11 -12.29 -3.42
C THR D 105 17.54 -11.80 -3.62
N LYS D 106 18.45 -12.10 -2.69
CA LYS D 106 19.87 -11.70 -2.73
C LYS D 106 20.09 -10.22 -2.52
N SER D 107 19.07 -9.46 -2.14
CA SER D 107 19.25 -8.02 -1.92
C SER D 107 20.13 -7.73 -0.70
N ILE D 108 20.04 -8.55 0.35
CA ILE D 108 20.83 -8.31 1.55
C ILE D 108 22.32 -8.50 1.27
N SER D 109 22.68 -9.62 0.63
CA SER D 109 24.05 -9.85 0.21
C SER D 109 24.55 -8.75 -0.72
N LYS D 110 23.69 -8.27 -1.63
CA LYS D 110 24.09 -7.18 -2.52
C LYS D 110 24.43 -5.92 -1.73
N SER D 111 23.57 -5.58 -0.76
CA SER D 111 23.77 -4.33 -0.04
C SER D 111 25.00 -4.38 0.86
N PHE D 112 25.41 -5.57 1.29
CA PHE D 112 26.61 -5.72 2.08
C PHE D 112 27.83 -6.05 1.23
N GLY D 113 27.69 -6.00 -0.10
CA GLY D 113 28.82 -6.19 -0.98
C GLY D 113 29.45 -7.57 -0.95
N VAL D 114 28.74 -8.59 -0.49
CA VAL D 114 29.30 -9.92 -0.35
C VAL D 114 28.79 -10.89 -1.41
N LEU D 115 27.93 -10.44 -2.33
CA LEU D 115 27.36 -11.31 -3.34
C LEU D 115 28.31 -11.48 -4.52
N ILE D 116 28.70 -12.73 -4.79
CA ILE D 116 29.41 -13.09 -6.02
C ILE D 116 28.36 -13.18 -7.12
N HIS D 117 28.32 -12.19 -8.02
CA HIS D 117 27.27 -12.17 -9.03
C HIS D 117 27.37 -13.34 -10.01
N ASP D 118 28.59 -13.79 -10.30
CA ASP D 118 28.78 -14.96 -11.16
C ASP D 118 27.99 -16.16 -10.65
N GLN D 119 28.03 -16.41 -9.34
CA GLN D 119 27.54 -17.64 -8.77
C GLN D 119 26.27 -17.47 -7.96
N GLY D 120 25.85 -16.24 -7.70
CA GLY D 120 24.60 -16.01 -6.99
C GLY D 120 24.61 -16.38 -5.53
N ILE D 121 25.77 -16.48 -4.90
CA ILE D 121 25.88 -16.86 -3.50
C ILE D 121 26.79 -15.85 -2.81
N ALA D 122 26.77 -15.87 -1.49
CA ALA D 122 27.53 -14.90 -0.71
C ALA D 122 28.89 -15.45 -0.30
N LEU D 123 29.86 -14.55 -0.19
CA LEU D 123 31.16 -14.85 0.41
C LEU D 123 31.01 -15.03 1.92
N ARG D 124 32.09 -15.45 2.57
CA ARG D 124 32.09 -15.58 4.03
C ARG D 124 32.36 -14.22 4.66
N GLY D 125 31.35 -13.36 4.58
CA GLY D 125 31.42 -12.03 5.17
C GLY D 125 30.78 -11.96 6.54
N LEU D 126 31.46 -11.30 7.47
CA LEU D 126 30.94 -11.12 8.83
C LEU D 126 31.04 -9.65 9.17
N PHE D 127 29.99 -9.12 9.82
CA PHE D 127 29.88 -7.71 10.15
C PHE D 127 29.46 -7.53 11.60
N ILE D 128 30.14 -6.64 12.31
CA ILE D 128 29.79 -6.29 13.69
C ILE D 128 29.12 -4.91 13.67
N ILE D 129 27.91 -4.85 14.19
CA ILE D 129 27.05 -3.66 14.17
C ILE D 129 26.75 -3.26 15.61
N ASP D 130 26.92 -1.97 15.93
CA ASP D 130 26.75 -1.54 17.30
C ASP D 130 25.29 -1.15 17.57
N LYS D 131 25.02 -0.71 18.80
CA LYS D 131 23.64 -0.42 19.21
C LYS D 131 23.02 0.75 18.44
N GLU D 132 23.83 1.58 17.79
CA GLU D 132 23.29 2.61 16.91
C GLU D 132 23.07 2.12 15.49
N GLY D 133 23.40 0.88 15.18
CA GLY D 133 23.23 0.36 13.84
C GLY D 133 24.39 0.61 12.92
N VAL D 134 25.57 0.94 13.45
CA VAL D 134 26.73 1.32 12.64
C VAL D 134 27.67 0.14 12.53
N ILE D 135 28.11 -0.15 11.32
CA ILE D 135 29.09 -1.21 11.09
C ILE D 135 30.44 -0.73 11.60
N GLN D 136 31.05 -1.50 12.50
CA GLN D 136 32.33 -1.18 13.09
C GLN D 136 33.43 -2.15 12.68
N HIS D 137 33.09 -3.30 12.13
CA HIS D 137 34.06 -4.31 11.79
C HIS D 137 33.54 -5.15 10.64
N SER D 138 34.45 -5.57 9.77
CA SER D 138 34.14 -6.40 8.63
C SER D 138 35.18 -7.51 8.56
N THR D 139 34.73 -8.76 8.38
CA THR D 139 35.60 -9.88 8.01
C THR D 139 35.02 -10.55 6.79
N ILE D 140 35.82 -10.69 5.73
CA ILE D 140 35.35 -11.31 4.50
C ILE D 140 36.39 -12.33 4.03
N ASN D 141 36.00 -13.60 4.05
CA ASN D 141 36.84 -14.72 3.64
C ASN D 141 36.35 -15.28 2.31
N ASN D 142 37.29 -15.81 1.53
CA ASN D 142 36.89 -16.63 0.39
C ASN D 142 36.27 -17.93 0.89
N LEU D 143 35.58 -18.63 -0.02
CA LEU D 143 34.63 -19.65 0.41
C LEU D 143 35.27 -20.81 1.18
N GLY D 144 36.55 -21.09 0.96
CA GLY D 144 37.18 -22.25 1.56
C GLY D 144 37.74 -22.09 2.96
N ILE D 145 37.83 -20.87 3.50
CA ILE D 145 38.54 -20.60 4.74
C ILE D 145 37.50 -20.30 5.81
N GLY D 146 37.39 -21.16 6.81
CA GLY D 146 36.47 -20.89 7.92
C GLY D 146 36.92 -19.70 8.75
N ARG D 147 35.94 -19.07 9.39
CA ARG D 147 36.20 -17.93 10.27
C ARG D 147 36.48 -18.38 11.69
N SER D 148 36.67 -17.41 12.59
CA SER D 148 37.08 -17.65 13.96
C SER D 148 36.11 -16.96 14.91
N VAL D 149 35.41 -17.74 15.76
CA VAL D 149 34.56 -17.13 16.78
C VAL D 149 35.38 -16.38 17.80
N ASP D 150 36.61 -16.84 18.06
CA ASP D 150 37.46 -16.15 19.03
C ASP D 150 37.78 -14.72 18.59
N GLU D 151 38.17 -14.53 17.32
CA GLU D 151 38.51 -13.19 16.87
C GLU D 151 37.29 -12.29 16.78
N THR D 152 36.14 -12.85 16.44
CA THR D 152 34.90 -12.08 16.48
C THR D 152 34.60 -11.63 17.89
N MET D 153 34.76 -12.53 18.87
CA MET D 153 34.56 -12.19 20.27
C MET D 153 35.52 -11.07 20.69
N ARG D 154 36.77 -11.17 20.24
CA ARG D 154 37.77 -10.17 20.60
C ARG D 154 37.39 -8.79 20.05
N THR D 155 37.07 -8.73 18.76
CA THR D 155 36.74 -7.44 18.15
C THR D 155 35.48 -6.84 18.75
N LEU D 156 34.47 -7.68 19.01
CA LEU D 156 33.26 -7.19 19.65
C LEU D 156 33.55 -6.64 21.03
N GLN D 157 34.40 -7.33 21.80
CA GLN D 157 34.73 -6.85 23.14
C GLN D 157 35.55 -5.56 23.09
N ALA D 158 36.44 -5.43 22.10
CA ALA D 158 37.17 -4.18 21.94
C ALA D 158 36.22 -3.03 21.63
N LEU D 159 35.27 -3.28 20.72
CA LEU D 159 34.27 -2.27 20.35
C LEU D 159 33.45 -1.85 21.55
N GLN D 160 33.00 -2.82 22.35
CA GLN D 160 32.22 -2.50 23.54
C GLN D 160 33.06 -1.72 24.54
N TYR D 161 34.34 -2.08 24.69
CA TYR D 161 35.21 -1.34 25.60
C TYR D 161 35.35 0.12 25.17
N ILE D 162 35.71 0.36 23.90
CA ILE D 162 35.92 1.73 23.49
C ILE D 162 34.62 2.49 23.44
N GLN D 163 33.48 1.81 23.34
CA GLN D 163 32.23 2.55 23.36
C GLN D 163 31.76 2.87 24.77
N GLU D 164 32.15 2.06 25.77
CA GLU D 164 31.86 2.43 27.14
C GLU D 164 32.89 3.43 27.68
N ASN D 165 34.12 3.39 27.16
CA ASN D 165 35.19 4.31 27.56
C ASN D 165 35.58 5.17 26.36
N PRO D 166 34.78 6.19 26.03
CA PRO D 166 34.97 6.91 24.76
C PRO D 166 36.30 7.64 24.64
N ASP D 167 37.11 7.68 25.69
CA ASP D 167 38.43 8.30 25.64
C ASP D 167 39.55 7.30 25.36
N GLU D 168 39.23 6.03 25.15
CA GLU D 168 40.22 5.00 24.96
C GLU D 168 40.18 4.47 23.53
N VAL D 169 41.30 3.85 23.11
CA VAL D 169 41.37 3.08 21.88
C VAL D 169 42.13 1.80 22.19
N CYS D 170 41.89 0.78 21.37
CA CYS D 170 42.43 -0.55 21.66
C CYS D 170 43.64 -0.84 20.80
N PRO D 171 44.78 -1.12 21.38
CA PRO D 171 45.96 -1.45 20.57
C PRO D 171 45.85 -2.76 19.83
N ALA D 172 46.86 -3.06 19.03
CA ALA D 172 46.92 -4.33 18.34
C ALA D 172 46.83 -5.46 19.35
N GLY D 173 46.07 -6.50 19.02
CA GLY D 173 45.98 -7.70 19.83
C GLY D 173 45.31 -7.52 21.18
N TRP D 174 44.66 -6.39 21.42
CA TRP D 174 44.03 -6.12 22.70
C TRP D 174 43.00 -7.17 23.07
N LYS D 175 43.07 -7.64 24.29
CA LYS D 175 42.09 -8.50 24.92
C LYS D 175 41.61 -7.81 26.20
N PRO D 176 40.45 -8.20 26.72
CA PRO D 176 40.01 -7.66 28.02
C PRO D 176 41.06 -7.91 29.09
N GLY D 177 41.36 -6.86 29.85
CA GLY D 177 42.41 -6.88 30.84
C GLY D 177 43.69 -6.21 30.41
N GLU D 178 43.95 -6.09 29.10
CA GLU D 178 45.14 -5.42 28.62
C GLU D 178 44.96 -3.90 28.68
N LYS D 179 46.08 -3.20 28.71
CA LYS D 179 46.04 -1.74 28.72
C LYS D 179 45.56 -1.20 27.37
N SER D 180 44.70 -0.20 27.42
CA SER D 180 44.36 0.61 26.25
C SER D 180 45.22 1.88 26.28
N MET D 181 44.87 2.85 25.44
CA MET D 181 45.59 4.11 25.40
C MET D 181 44.63 5.23 25.02
N LYS D 182 45.02 6.46 25.35
CA LYS D 182 44.24 7.64 25.00
C LYS D 182 44.76 8.24 23.70
N PRO D 183 43.94 8.29 22.62
CA PRO D 183 44.43 8.83 21.34
C PRO D 183 44.63 10.34 21.39
N ASP D 184 45.74 10.72 21.99
CA ASP D 184 46.15 12.08 22.28
C ASP D 184 47.66 12.10 22.29
N PRO D 185 48.34 12.90 21.44
CA PRO D 185 49.81 12.86 21.41
C PRO D 185 50.48 13.02 22.77
N LYS D 186 49.83 13.67 23.74
CA LYS D 186 50.45 13.87 25.04
C LYS D 186 50.18 12.70 25.97
N LEU D 187 48.96 12.17 25.96
CA LEU D 187 48.57 11.08 26.83
C LEU D 187 48.95 9.72 26.26
N SER D 188 49.24 9.65 24.96
CA SER D 188 49.70 8.41 24.36
C SER D 188 51.08 8.01 24.88
N LYS D 189 51.91 8.99 25.23
CA LYS D 189 53.23 8.69 25.77
C LYS D 189 53.13 7.89 27.06
N GLU D 190 52.02 8.04 27.78
CA GLU D 190 51.77 7.24 28.97
C GLU D 190 51.74 5.75 28.66
N TYR D 191 51.15 5.38 27.51
CA TYR D 191 51.19 3.99 27.05
C TYR D 191 52.54 3.64 26.46
N PHE D 192 53.15 4.56 25.71
CA PHE D 192 54.32 4.20 24.91
C PHE D 192 55.58 4.05 25.76
N SER D 193 55.78 4.92 26.75
CA SER D 193 56.93 4.80 27.66
C SER D 193 56.70 3.79 28.77
N ALA D 194 56.09 2.65 28.43
CA ALA D 194 55.80 1.58 29.38
C ALA D 194 55.92 0.21 28.72
N ILE D 195 56.77 0.09 27.71
CA ILE D 195 56.99 -1.16 26.99
C ILE D 195 58.49 -1.36 26.88
N LEU D 196 59.04 -2.26 27.67
CA LEU D 196 60.47 -2.57 27.61
C LEU D 196 60.88 -3.08 26.21
N PRO E 2 32.75 -8.06 -5.44
CA PRO E 2 33.62 -7.81 -4.28
C PRO E 2 35.12 -7.86 -4.61
N LEU E 3 35.93 -7.23 -3.76
CA LEU E 3 37.37 -7.34 -3.91
C LEU E 3 37.85 -8.75 -3.62
N VAL E 4 37.33 -9.36 -2.56
CA VAL E 4 37.77 -10.69 -2.17
C VAL E 4 37.34 -11.70 -3.23
N GLY E 5 38.26 -12.55 -3.63
CA GLY E 5 37.99 -13.51 -4.68
C GLY E 5 38.47 -13.06 -6.05
N ASN E 6 39.04 -11.86 -6.16
CA ASN E 6 39.48 -11.33 -7.44
C ASN E 6 40.91 -10.82 -7.32
N LYS E 7 41.54 -10.55 -8.46
CA LYS E 7 42.88 -10.00 -8.47
C LYS E 7 42.92 -8.64 -7.79
N ALA E 8 43.95 -8.41 -7.00
CA ALA E 8 44.09 -7.13 -6.30
C ALA E 8 44.29 -6.01 -7.31
N PRO E 9 43.77 -4.81 -7.04
CA PRO E 9 44.09 -3.66 -7.89
C PRO E 9 45.57 -3.34 -7.79
N ASP E 10 46.25 -3.39 -8.93
CA ASP E 10 47.68 -3.18 -8.96
C ASP E 10 48.03 -1.72 -8.65
N PHE E 11 49.20 -1.51 -8.06
CA PHE E 11 49.71 -0.17 -7.84
C PHE E 11 51.23 -0.18 -7.92
N GLU E 12 51.80 1.00 -8.17
CA GLU E 12 53.22 1.23 -8.07
C GLU E 12 53.41 2.52 -7.28
N ALA E 13 54.11 2.45 -6.16
CA ALA E 13 54.18 3.57 -5.26
C ALA E 13 55.55 3.67 -4.59
N GLU E 14 55.90 4.88 -4.15
CA GLU E 14 57.10 5.05 -3.36
C GLU E 14 56.87 4.52 -1.96
N ALA E 15 57.96 4.06 -1.33
CA ALA E 15 57.89 3.49 0.00
C ALA E 15 59.22 3.71 0.69
N VAL E 16 59.21 3.53 2.02
CA VAL E 16 60.43 3.58 2.82
C VAL E 16 60.77 2.17 3.25
N PHE E 17 62.02 1.77 3.03
CA PHE E 17 62.52 0.46 3.44
C PHE E 17 63.96 0.58 3.87
N ASP E 18 64.24 0.13 5.10
CA ASP E 18 65.56 0.27 5.73
C ASP E 18 66.01 1.72 5.71
N GLN E 19 65.07 2.63 5.95
CA GLN E 19 65.33 4.07 5.93
C GLN E 19 65.87 4.54 4.58
N GLU E 20 65.49 3.89 3.49
CA GLU E 20 65.79 4.38 2.15
C GLU E 20 64.50 4.45 1.35
N PHE E 21 64.48 5.29 0.32
CA PHE E 21 63.31 5.43 -0.54
C PHE E 21 63.38 4.43 -1.69
N ILE E 22 62.37 3.58 -1.79
CA ILE E 22 62.28 2.57 -2.84
C ILE E 22 60.93 2.69 -3.53
N LYS E 23 60.74 1.90 -4.58
CA LYS E 23 59.44 1.73 -5.21
C LYS E 23 58.93 0.32 -4.97
N VAL E 24 57.61 0.21 -4.85
CA VAL E 24 56.93 -1.05 -4.62
C VAL E 24 55.81 -1.18 -5.63
N LYS E 25 55.81 -2.28 -6.38
CA LYS E 25 54.77 -2.61 -7.32
C LYS E 25 54.13 -3.91 -6.85
N LEU E 26 52.82 -3.88 -6.60
CA LEU E 26 52.15 -5.03 -5.98
C LEU E 26 52.24 -6.27 -6.87
N SER E 27 51.99 -6.11 -8.17
CA SER E 27 52.04 -7.23 -9.09
C SER E 27 53.41 -7.88 -9.18
N ASP E 28 54.47 -7.16 -8.78
CA ASP E 28 55.79 -7.77 -8.79
C ASP E 28 55.91 -8.92 -7.80
N TYR E 29 54.99 -9.04 -6.86
CA TYR E 29 55.05 -10.17 -5.94
C TYR E 29 54.33 -11.39 -6.47
N ILE E 30 53.55 -11.24 -7.55
CA ILE E 30 52.83 -12.36 -8.12
C ILE E 30 53.83 -13.41 -8.57
N GLY E 31 53.54 -14.67 -8.24
CA GLY E 31 54.45 -15.75 -8.52
C GLY E 31 55.57 -15.90 -7.52
N LYS E 32 55.77 -14.93 -6.62
CA LYS E 32 56.91 -14.91 -5.72
C LYS E 32 56.54 -15.05 -4.26
N LYS E 33 55.63 -14.25 -3.73
CA LYS E 33 55.25 -14.40 -2.33
C LYS E 33 53.77 -14.05 -2.14
N TYR E 34 53.21 -14.59 -1.06
CA TYR E 34 51.97 -14.05 -0.51
C TYR E 34 52.22 -12.65 0.01
N VAL E 35 51.17 -11.83 -0.01
CA VAL E 35 51.29 -10.45 0.45
C VAL E 35 50.23 -10.18 1.51
N ILE E 36 50.65 -9.64 2.63
CA ILE E 36 49.74 -9.12 3.65
C ILE E 36 49.83 -7.60 3.56
N LEU E 37 48.79 -6.98 2.97
CA LEU E 37 48.73 -5.54 2.73
C LEU E 37 47.76 -4.90 3.72
N PHE E 38 48.27 -4.08 4.63
CA PHE E 38 47.42 -3.44 5.62
C PHE E 38 47.54 -1.92 5.50
N PHE E 39 46.39 -1.25 5.56
CA PHE E 39 46.24 0.19 5.58
C PHE E 39 46.04 0.65 7.02
N TYR E 40 46.54 1.85 7.31
CA TYR E 40 46.30 2.50 8.59
C TYR E 40 46.04 3.96 8.32
N PRO E 41 45.36 4.66 9.25
CA PRO E 41 44.89 6.02 8.94
C PRO E 41 45.98 7.07 8.74
N LEU E 42 46.86 7.30 9.72
CA LEU E 42 47.80 8.41 9.62
C LEU E 42 49.10 8.09 10.35
N ASP E 43 50.19 8.74 9.92
CA ASP E 43 51.43 8.65 10.67
C ASP E 43 51.29 9.42 11.98
N PHE E 44 52.08 9.01 12.97
CA PHE E 44 52.13 9.69 14.28
C PHE E 44 50.80 9.62 15.01
N THR E 45 50.13 8.47 14.93
CA THR E 45 48.91 8.24 15.69
C THR E 45 49.20 7.18 16.77
N PHE E 46 48.19 6.37 17.10
CA PHE E 46 48.22 5.72 18.40
C PHE E 46 48.03 4.20 18.32
N VAL E 47 46.91 3.75 17.74
CA VAL E 47 46.79 2.32 17.45
C VAL E 47 47.74 1.93 16.33
N SER E 48 47.90 2.81 15.32
CA SER E 48 48.72 2.53 14.15
C SER E 48 50.15 2.11 14.48
N PRO E 49 50.90 2.80 15.36
CA PRO E 49 52.25 2.31 15.68
C PRO E 49 52.24 0.93 16.32
N THR E 50 51.26 0.63 17.18
CA THR E 50 51.20 -0.70 17.79
C THR E 50 50.98 -1.77 16.74
N GLU E 51 50.15 -1.50 15.74
CA GLU E 51 49.96 -2.46 14.66
C GLU E 51 51.23 -2.61 13.82
N ILE E 52 51.86 -1.48 13.46
CA ILE E 52 53.00 -1.51 12.56
C ILE E 52 54.18 -2.24 13.20
N THR E 53 54.50 -1.89 14.45
CA THR E 53 55.62 -2.55 15.12
C THR E 53 55.28 -3.97 15.53
N ALA E 54 54.01 -4.27 15.85
CA ALA E 54 53.63 -5.65 16.11
C ALA E 54 53.93 -6.51 14.90
N PHE E 55 53.54 -6.05 13.72
CA PHE E 55 53.84 -6.81 12.51
C PHE E 55 55.35 -6.83 12.25
N SER E 56 56.06 -5.74 12.57
CA SER E 56 57.49 -5.73 12.33
C SER E 56 58.19 -6.78 13.18
N ASP E 57 57.80 -6.91 14.46
CA ASP E 57 58.46 -7.84 15.37
C ASP E 57 58.25 -9.29 14.99
N ARG E 58 57.13 -9.62 14.34
CA ARG E 58 56.88 -10.99 13.92
C ARG E 58 57.12 -11.19 12.43
N HIS E 59 57.84 -10.27 11.79
CA HIS E 59 58.06 -10.36 10.35
C HIS E 59 58.79 -11.64 9.97
N SER E 60 59.66 -12.16 10.84
CA SER E 60 60.38 -13.37 10.49
C SER E 60 59.43 -14.54 10.31
N GLU E 61 58.37 -14.59 11.13
CA GLU E 61 57.38 -15.65 10.98
C GLU E 61 56.71 -15.59 9.61
N PHE E 62 56.43 -14.39 9.10
CA PHE E 62 55.84 -14.28 7.77
C PHE E 62 56.86 -14.54 6.67
N GLU E 63 58.11 -14.10 6.85
CA GLU E 63 59.12 -14.37 5.83
C GLU E 63 59.36 -15.85 5.67
N LYS E 64 59.39 -16.58 6.79
CA LYS E 64 59.55 -18.03 6.72
C LYS E 64 58.35 -18.72 6.09
N LEU E 65 57.18 -18.09 6.08
CA LEU E 65 56.01 -18.63 5.40
C LEU E 65 55.84 -18.04 4.01
N ASN E 66 56.91 -17.47 3.46
CA ASN E 66 56.93 -16.95 2.10
C ASN E 66 55.91 -15.83 1.90
N THR E 67 55.85 -14.92 2.87
CA THR E 67 54.87 -13.84 2.88
C THR E 67 55.58 -12.53 3.20
N GLU E 68 55.27 -11.49 2.43
CA GLU E 68 55.76 -10.15 2.69
C GLU E 68 54.65 -9.32 3.32
N VAL E 69 55.04 -8.41 4.20
CA VAL E 69 54.11 -7.47 4.82
C VAL E 69 54.32 -6.10 4.20
N LEU E 70 53.22 -5.41 3.90
CA LEU E 70 53.25 -4.08 3.32
C LEU E 70 52.26 -3.20 4.05
N GLY E 71 52.75 -2.12 4.65
CA GLY E 71 51.89 -1.11 5.27
C GLY E 71 51.67 0.07 4.34
N VAL E 72 50.45 0.63 4.38
CA VAL E 72 50.08 1.74 3.51
C VAL E 72 49.31 2.77 4.32
N SER E 73 49.64 4.04 4.09
CA SER E 73 48.82 5.14 4.55
C SER E 73 48.96 6.28 3.55
N VAL E 74 48.11 7.29 3.71
CA VAL E 74 48.11 8.43 2.81
C VAL E 74 49.25 9.40 3.06
N ASP E 75 50.08 9.15 4.07
CA ASP E 75 51.21 10.02 4.37
C ASP E 75 52.31 9.89 3.31
N SER E 76 53.16 10.90 3.26
CA SER E 76 54.28 10.89 2.33
C SER E 76 55.42 10.04 2.89
N VAL E 77 56.39 9.74 2.03
CA VAL E 77 57.54 8.97 2.48
C VAL E 77 58.38 9.79 3.46
N PHE E 78 58.24 11.11 3.46
CA PHE E 78 59.02 11.91 4.40
C PHE E 78 58.47 11.79 5.81
N SER E 79 57.14 11.79 5.96
CA SER E 79 56.55 11.47 7.27
C SER E 79 56.91 10.06 7.69
N HIS E 80 56.81 9.10 6.76
CA HIS E 80 57.19 7.73 7.07
C HIS E 80 58.60 7.67 7.62
N LEU E 81 59.53 8.33 6.93
CA LEU E 81 60.93 8.31 7.33
C LEU E 81 61.14 9.00 8.68
N ALA E 82 60.49 10.15 8.88
CA ALA E 82 60.60 10.82 10.17
C ALA E 82 60.11 9.93 11.30
N TRP E 83 59.03 9.18 11.03
CA TRP E 83 58.41 8.34 12.06
C TRP E 83 59.25 7.10 12.34
N VAL E 84 59.88 6.55 11.31
CA VAL E 84 60.79 5.44 11.52
C VAL E 84 61.94 5.85 12.44
N GLN E 85 62.41 7.08 12.29
CA GLN E 85 63.52 7.62 13.07
C GLN E 85 63.10 8.13 14.45
N THR E 86 61.85 7.91 14.85
CA THR E 86 61.40 8.22 16.19
C THR E 86 61.41 6.95 17.03
N ASP E 87 61.85 7.08 18.28
CA ASP E 87 61.90 5.94 19.18
C ASP E 87 60.51 5.41 19.44
N ARG E 88 60.41 4.09 19.59
CA ARG E 88 59.13 3.48 19.91
C ARG E 88 58.61 3.96 21.26
N LYS E 89 59.51 4.20 22.21
CA LYS E 89 59.11 4.70 23.51
C LYS E 89 58.48 6.08 23.43
N SER E 90 58.78 6.82 22.36
CA SER E 90 58.23 8.16 22.13
C SER E 90 57.03 8.14 21.20
N GLY E 91 56.41 6.98 21.00
CA GLY E 91 55.33 6.83 20.04
C GLY E 91 55.78 6.59 18.62
N GLY E 92 57.08 6.36 18.40
CA GLY E 92 57.59 6.15 17.07
C GLY E 92 57.56 4.68 16.68
N LEU E 93 58.17 4.40 15.53
CA LEU E 93 58.18 3.05 15.00
C LEU E 93 59.50 2.33 15.19
N GLY E 94 60.60 3.08 15.31
CA GLY E 94 61.88 2.42 15.26
C GLY E 94 62.10 1.85 13.87
N ASP E 95 63.06 0.93 13.78
CA ASP E 95 63.36 0.30 12.51
C ASP E 95 62.32 -0.76 12.16
N LEU E 96 61.98 -0.83 10.87
CA LEU E 96 60.95 -1.73 10.38
C LEU E 96 61.56 -2.82 9.52
N ASN E 97 60.93 -3.98 9.56
CA ASN E 97 61.37 -5.13 8.78
C ASN E 97 60.70 -5.23 7.41
N TYR E 98 59.81 -4.31 7.07
CA TYR E 98 59.09 -4.37 5.81
C TYR E 98 58.83 -2.94 5.32
N PRO E 99 58.45 -2.78 4.06
CA PRO E 99 58.30 -1.42 3.52
C PRO E 99 57.05 -0.69 4.03
N LEU E 100 57.21 0.62 4.23
CA LEU E 100 56.09 1.51 4.53
C LEU E 100 55.74 2.27 3.26
N ILE E 101 54.54 2.01 2.72
CA ILE E 101 54.12 2.52 1.41
C ILE E 101 53.37 3.84 1.59
N SER E 102 53.63 4.77 0.67
CA SER E 102 53.04 6.10 0.69
C SER E 102 51.96 6.20 -0.38
N ASP E 103 50.74 6.48 0.05
CA ASP E 103 49.62 6.68 -0.87
C ASP E 103 49.19 8.15 -0.90
N VAL E 104 50.09 9.04 -1.32
CA VAL E 104 49.83 10.48 -1.21
C VAL E 104 48.65 10.90 -2.10
N THR E 105 48.48 10.26 -3.25
CA THR E 105 47.34 10.58 -4.11
C THR E 105 46.04 9.91 -3.68
N LYS E 106 46.08 9.00 -2.72
CA LYS E 106 44.93 8.28 -2.18
C LYS E 106 44.33 7.30 -3.16
N SER E 107 44.97 7.08 -4.31
CA SER E 107 44.41 6.17 -5.30
C SER E 107 44.42 4.73 -4.81
N ILE E 108 45.43 4.33 -4.03
CA ILE E 108 45.49 2.96 -3.56
C ILE E 108 44.38 2.68 -2.56
N SER E 109 44.23 3.54 -1.55
CA SER E 109 43.15 3.40 -0.59
C SER E 109 41.80 3.40 -1.30
N LYS E 110 41.65 4.27 -2.31
CA LYS E 110 40.41 4.32 -3.05
C LYS E 110 40.14 3.00 -3.78
N SER E 111 41.17 2.44 -4.42
CA SER E 111 40.96 1.22 -5.21
C SER E 111 40.66 0.01 -4.33
N PHE E 112 41.09 0.02 -3.07
CA PHE E 112 40.78 -1.05 -2.14
C PHE E 112 39.54 -0.75 -1.32
N GLY E 113 38.84 0.34 -1.61
CA GLY E 113 37.60 0.67 -0.93
C GLY E 113 37.71 0.98 0.54
N VAL E 114 38.89 1.37 1.03
CA VAL E 114 39.08 1.67 2.44
C VAL E 114 39.23 3.15 2.70
N LEU E 115 39.11 3.99 1.67
CA LEU E 115 39.29 5.42 1.84
C LEU E 115 38.00 6.05 2.38
N ILE E 116 38.10 6.69 3.54
CA ILE E 116 37.04 7.56 4.05
C ILE E 116 37.11 8.87 3.30
N HIS E 117 36.18 9.09 2.36
CA HIS E 117 36.25 10.30 1.54
C HIS E 117 36.09 11.55 2.38
N ASP E 118 35.26 11.47 3.42
CA ASP E 118 35.04 12.58 4.34
C ASP E 118 36.34 13.12 4.90
N GLN E 119 37.24 12.23 5.32
CA GLN E 119 38.42 12.61 6.07
C GLN E 119 39.73 12.45 5.31
N GLY E 120 39.70 11.83 4.13
CA GLY E 120 40.89 11.70 3.33
C GLY E 120 41.92 10.74 3.88
N ILE E 121 41.50 9.82 4.75
CA ILE E 121 42.39 8.83 5.34
C ILE E 121 41.74 7.46 5.16
N ALA E 122 42.54 6.42 5.37
CA ALA E 122 42.07 5.07 5.18
C ALA E 122 41.64 4.44 6.51
N LEU E 123 40.64 3.57 6.42
CA LEU E 123 40.26 2.69 7.52
C LEU E 123 41.35 1.65 7.78
N ARG E 124 41.18 0.89 8.87
CA ARG E 124 42.08 -0.19 9.23
C ARG E 124 41.71 -1.47 8.46
N GLY E 125 41.97 -1.44 7.15
CA GLY E 125 41.71 -2.58 6.29
C GLY E 125 42.98 -3.39 6.06
N LEU E 126 42.83 -4.72 6.09
CA LEU E 126 43.93 -5.65 5.84
C LEU E 126 43.50 -6.71 4.83
N PHE E 127 44.39 -7.02 3.89
CA PHE E 127 44.11 -7.91 2.76
C PHE E 127 45.22 -8.93 2.62
N ILE E 128 44.84 -10.21 2.52
CA ILE E 128 45.78 -11.30 2.26
C ILE E 128 45.65 -11.66 0.79
N ILE E 129 46.75 -11.57 0.06
CA ILE E 129 46.81 -11.75 -1.38
C ILE E 129 47.68 -12.97 -1.66
N ASP E 130 47.18 -13.89 -2.48
CA ASP E 130 47.93 -15.12 -2.73
C ASP E 130 48.96 -14.90 -3.86
N LYS E 131 49.71 -15.96 -4.17
CA LYS E 131 50.81 -15.86 -5.12
C LYS E 131 50.33 -15.54 -6.53
N GLU E 132 49.07 -15.77 -6.83
CA GLU E 132 48.51 -15.38 -8.11
C GLU E 132 47.97 -13.97 -8.12
N GLY E 133 48.07 -13.26 -7.00
CA GLY E 133 47.59 -11.89 -6.93
C GLY E 133 46.13 -11.73 -6.58
N VAL E 134 45.49 -12.78 -6.07
CA VAL E 134 44.06 -12.77 -5.80
C VAL E 134 43.83 -12.51 -4.32
N ILE E 135 42.94 -11.57 -4.01
CA ILE E 135 42.60 -11.29 -2.63
C ILE E 135 41.77 -12.44 -2.08
N GLN E 136 42.21 -12.99 -0.95
CA GLN E 136 41.52 -14.10 -0.30
C GLN E 136 40.90 -13.75 1.04
N HIS E 137 41.27 -12.60 1.63
CA HIS E 137 40.77 -12.25 2.95
C HIS E 137 40.82 -10.74 3.15
N SER E 138 39.83 -10.24 3.88
CA SER E 138 39.72 -8.84 4.29
C SER E 138 39.37 -8.74 5.76
N THR E 139 40.07 -7.88 6.49
CA THR E 139 39.67 -7.43 7.81
C THR E 139 39.63 -5.91 7.73
N ILE E 140 38.50 -5.30 8.05
CA ILE E 140 38.36 -3.85 7.99
C ILE E 140 37.74 -3.40 9.30
N ASN E 141 38.50 -2.67 10.11
CA ASN E 141 38.07 -2.18 11.41
C ASN E 141 37.89 -0.67 11.37
N ASN E 142 36.95 -0.17 12.18
CA ASN E 142 36.89 1.27 12.38
C ASN E 142 38.12 1.71 13.18
N LEU E 143 38.35 3.03 13.19
CA LEU E 143 39.67 3.56 13.53
C LEU E 143 40.13 3.22 14.95
N GLY E 144 39.20 3.00 15.88
CA GLY E 144 39.60 2.80 17.26
C GLY E 144 40.02 1.38 17.64
N ILE E 145 39.85 0.40 16.77
CA ILE E 145 40.04 -1.01 17.11
C ILE E 145 41.26 -1.54 16.36
N GLY E 146 42.31 -1.88 17.11
CA GLY E 146 43.48 -2.49 16.50
C GLY E 146 43.20 -3.90 16.03
N ARG E 147 43.94 -4.32 15.01
CA ARG E 147 43.79 -5.64 14.42
C ARG E 147 44.64 -6.64 15.17
N SER E 148 44.67 -7.88 14.68
CA SER E 148 45.32 -8.99 15.37
C SER E 148 46.31 -9.66 14.45
N VAL E 149 47.59 -9.67 14.86
CA VAL E 149 48.60 -10.41 14.11
C VAL E 149 48.30 -11.90 14.16
N ASP E 150 47.76 -12.38 15.28
CA ASP E 150 47.48 -13.81 15.41
C ASP E 150 46.43 -14.27 14.42
N GLU E 151 45.30 -13.55 14.32
CA GLU E 151 44.25 -13.98 13.41
C GLU E 151 44.69 -13.84 11.95
N THR E 152 45.50 -12.85 11.65
CA THR E 152 46.06 -12.75 10.31
C THR E 152 46.92 -13.98 10.02
N MET E 153 47.75 -14.38 10.99
CA MET E 153 48.60 -15.56 10.81
C MET E 153 47.75 -16.82 10.60
N ARG E 154 46.69 -16.98 11.38
CA ARG E 154 45.82 -18.14 11.25
C ARG E 154 45.16 -18.18 9.88
N THR E 155 44.61 -17.05 9.45
CA THR E 155 43.94 -17.03 8.15
C THR E 155 44.93 -17.33 7.03
N LEU E 156 46.14 -16.78 7.14
CA LEU E 156 47.19 -17.04 6.15
C LEU E 156 47.58 -18.52 6.11
N GLN E 157 47.74 -19.14 7.28
CA GLN E 157 48.10 -20.55 7.30
C GLN E 157 46.97 -21.40 6.73
N ALA E 158 45.72 -21.02 6.98
CA ALA E 158 44.61 -21.74 6.38
C ALA E 158 44.63 -21.59 4.86
N LEU E 159 44.88 -20.39 4.34
CA LEU E 159 44.93 -20.20 2.90
C LEU E 159 46.02 -21.03 2.26
N GLN E 160 47.23 -20.98 2.84
CA GLN E 160 48.32 -21.77 2.27
C GLN E 160 48.01 -23.26 2.36
N TYR E 161 47.38 -23.68 3.46
CA TYR E 161 47.02 -25.09 3.62
C TYR E 161 46.08 -25.54 2.50
N ILE E 162 44.98 -24.80 2.29
CA ILE E 162 44.03 -25.24 1.26
C ILE E 162 44.58 -25.05 -0.14
N GLN E 163 45.59 -24.19 -0.32
CA GLN E 163 46.17 -24.10 -1.65
C GLN E 163 47.20 -25.18 -1.92
N GLU E 164 47.81 -25.74 -0.88
CA GLU E 164 48.69 -26.90 -1.05
C GLU E 164 47.90 -28.19 -1.18
N ASN E 165 46.75 -28.28 -0.49
CA ASN E 165 45.88 -29.45 -0.55
C ASN E 165 44.53 -29.00 -1.11
N PRO E 166 44.44 -28.77 -2.41
CA PRO E 166 43.26 -28.11 -2.98
C PRO E 166 41.95 -28.88 -2.83
N ASP E 167 42.00 -30.10 -2.28
CA ASP E 167 40.80 -30.88 -2.02
C ASP E 167 40.29 -30.72 -0.60
N GLU E 168 40.94 -29.88 0.21
CA GLU E 168 40.52 -29.67 1.59
C GLU E 168 39.96 -28.27 1.77
N VAL E 169 39.16 -28.10 2.82
CA VAL E 169 38.71 -26.80 3.27
C VAL E 169 38.86 -26.75 4.78
N CYS E 170 38.91 -25.54 5.32
CA CYS E 170 39.26 -25.35 6.73
C CYS E 170 38.01 -25.02 7.54
N PRO E 171 37.66 -25.82 8.55
CA PRO E 171 36.47 -25.51 9.35
C PRO E 171 36.65 -24.25 10.18
N ALA E 172 35.59 -23.85 10.89
CA ALA E 172 35.68 -22.72 11.78
C ALA E 172 36.81 -22.94 12.79
N GLY E 173 37.59 -21.89 13.04
CA GLY E 173 38.64 -21.95 14.04
C GLY E 173 39.82 -22.84 13.72
N TRP E 174 39.97 -23.29 12.48
CA TRP E 174 41.05 -24.21 12.12
C TRP E 174 42.42 -23.60 12.40
N LYS E 175 43.28 -24.40 13.02
CA LYS E 175 44.68 -24.11 13.23
C LYS E 175 45.50 -25.22 12.61
N PRO E 176 46.79 -24.98 12.34
CA PRO E 176 47.66 -26.09 11.94
C PRO E 176 47.63 -27.19 13.00
N GLY E 177 47.44 -28.43 12.54
CA GLY E 177 47.25 -29.55 13.42
C GLY E 177 45.81 -29.99 13.56
N GLU E 178 44.85 -29.11 13.27
CA GLU E 178 43.45 -29.47 13.30
C GLU E 178 43.06 -30.22 12.04
N LYS E 179 42.00 -31.01 12.17
CA LYS E 179 41.47 -31.76 11.04
C LYS E 179 40.78 -30.81 10.05
N SER E 180 41.03 -31.04 8.76
CA SER E 180 40.29 -30.36 7.71
C SER E 180 39.13 -31.25 7.24
N MET E 181 38.52 -30.88 6.12
CA MET E 181 37.44 -31.68 5.57
C MET E 181 37.44 -31.56 4.06
N LYS E 182 36.86 -32.56 3.42
CA LYS E 182 36.69 -32.57 1.98
C LYS E 182 35.33 -32.03 1.60
N PRO E 183 35.25 -30.89 0.89
CA PRO E 183 33.94 -30.32 0.51
C PRO E 183 33.26 -31.13 -0.57
N ASP E 184 32.63 -32.23 -0.14
CA ASP E 184 32.01 -33.23 -0.97
C ASP E 184 30.90 -33.81 -0.11
N PRO E 185 29.67 -33.86 -0.60
CA PRO E 185 28.57 -34.42 0.22
C PRO E 185 28.89 -35.78 0.80
N LYS E 186 29.67 -36.59 0.08
CA LYS E 186 29.97 -37.95 0.49
C LYS E 186 31.18 -38.04 1.42
N LEU E 187 32.24 -37.27 1.15
CA LEU E 187 33.46 -37.37 1.93
C LEU E 187 33.47 -36.51 3.18
N SER E 188 32.69 -35.42 3.19
CA SER E 188 32.61 -34.58 4.38
C SER E 188 32.04 -35.34 5.57
N LYS E 189 31.28 -36.42 5.32
CA LYS E 189 30.77 -37.23 6.43
C LYS E 189 31.90 -37.78 7.28
N GLU E 190 33.03 -38.10 6.65
CA GLU E 190 34.23 -38.53 7.38
C GLU E 190 34.60 -37.55 8.49
N TYR E 191 34.36 -36.26 8.27
CA TYR E 191 34.59 -35.27 9.31
C TYR E 191 33.43 -35.25 10.31
N PHE E 192 32.19 -35.25 9.81
CA PHE E 192 31.05 -34.97 10.68
C PHE E 192 30.79 -36.10 11.67
N SER E 193 31.13 -37.34 11.31
CA SER E 193 31.04 -38.45 12.26
C SER E 193 32.08 -38.33 13.37
N ALA E 194 33.26 -37.79 13.05
CA ALA E 194 34.36 -37.77 14.00
C ALA E 194 34.11 -36.87 15.20
N ILE E 195 33.09 -36.03 15.15
CA ILE E 195 32.82 -35.10 16.24
C ILE E 195 31.33 -35.17 16.61
N PRO F 2 -22.09 40.43 -17.06
CA PRO F 2 -23.35 39.76 -17.40
C PRO F 2 -23.17 38.43 -18.14
N LEU F 3 -24.18 37.55 -18.06
CA LEU F 3 -24.17 36.32 -18.84
C LEU F 3 -24.30 36.59 -20.34
N VAL F 4 -25.21 37.48 -20.72
CA VAL F 4 -25.42 37.77 -22.14
C VAL F 4 -24.15 38.44 -22.69
N GLY F 5 -23.68 37.95 -23.84
CA GLY F 5 -22.45 38.41 -24.43
C GLY F 5 -21.21 37.59 -24.11
N ASN F 6 -21.32 36.54 -23.29
CA ASN F 6 -20.17 35.72 -22.92
C ASN F 6 -20.50 34.25 -23.12
N LYS F 7 -19.47 33.40 -23.06
CA LYS F 7 -19.67 31.96 -23.17
C LYS F 7 -20.54 31.44 -22.04
N ALA F 8 -21.47 30.57 -22.37
CA ALA F 8 -22.35 30.00 -21.36
C ALA F 8 -21.55 29.12 -20.42
N PRO F 9 -21.90 29.08 -19.14
CA PRO F 9 -21.25 28.12 -18.23
C PRO F 9 -21.55 26.69 -18.65
N ASP F 10 -20.50 25.94 -18.92
CA ASP F 10 -20.67 24.57 -19.40
C ASP F 10 -21.21 23.67 -18.29
N PHE F 11 -21.90 22.61 -18.69
CA PHE F 11 -22.33 21.59 -17.75
C PHE F 11 -22.36 20.24 -18.46
N GLU F 12 -22.33 19.19 -17.65
CA GLU F 12 -22.60 17.83 -18.11
C GLU F 12 -23.63 17.24 -17.15
N ALA F 13 -24.76 16.80 -17.69
CA ALA F 13 -25.85 16.34 -16.84
C ALA F 13 -26.59 15.19 -17.51
N GLU F 14 -27.25 14.38 -16.70
CA GLU F 14 -28.11 13.33 -17.21
C GLU F 14 -29.41 13.94 -17.73
N ALA F 15 -30.03 13.26 -18.69
CA ALA F 15 -31.24 13.78 -19.29
C ALA F 15 -32.12 12.62 -19.75
N VAL F 16 -33.37 12.95 -20.07
CA VAL F 16 -34.32 12.01 -20.65
C VAL F 16 -34.52 12.40 -22.10
N PHE F 17 -34.36 11.43 -22.99
CA PHE F 17 -34.56 11.62 -24.42
C PHE F 17 -35.08 10.32 -25.00
N ASP F 18 -36.23 10.39 -25.67
CA ASP F 18 -36.90 9.21 -26.21
C ASP F 18 -37.14 8.18 -25.12
N GLN F 19 -37.51 8.69 -23.94
CA GLN F 19 -37.77 7.89 -22.73
C GLN F 19 -36.56 7.07 -22.33
N GLU F 20 -35.35 7.52 -22.66
CA GLU F 20 -34.14 6.88 -22.16
C GLU F 20 -33.23 7.90 -21.49
N PHE F 21 -32.34 7.38 -20.65
CA PHE F 21 -31.36 8.19 -19.92
C PHE F 21 -30.10 8.40 -20.76
N ILE F 22 -29.75 9.64 -21.00
CA ILE F 22 -28.56 9.99 -21.77
C ILE F 22 -27.76 11.01 -20.98
N LYS F 23 -26.61 11.39 -21.51
CA LYS F 23 -25.86 12.52 -20.99
C LYS F 23 -25.85 13.66 -21.99
N VAL F 24 -25.84 14.88 -21.49
CA VAL F 24 -25.83 16.10 -22.30
C VAL F 24 -24.72 16.99 -21.78
N LYS F 25 -23.83 17.40 -22.67
CA LYS F 25 -22.78 18.36 -22.37
C LYS F 25 -23.01 19.57 -23.25
N LEU F 26 -23.20 20.74 -22.62
CA LEU F 26 -23.65 21.91 -23.37
C LEU F 26 -22.63 22.32 -24.43
N SER F 27 -21.35 22.30 -24.08
CA SER F 27 -20.29 22.66 -25.02
C SER F 27 -20.23 21.73 -26.23
N ASP F 28 -20.79 20.52 -26.13
CA ASP F 28 -20.83 19.64 -27.28
C ASP F 28 -21.70 20.18 -28.41
N TYR F 29 -22.51 21.21 -28.17
CA TYR F 29 -23.26 21.79 -29.27
C TYR F 29 -22.47 22.87 -30.02
N ILE F 30 -21.33 23.30 -29.47
CA ILE F 30 -20.53 24.34 -30.12
C ILE F 30 -20.06 23.86 -31.48
N GLY F 31 -20.14 24.74 -32.48
CA GLY F 31 -19.80 24.41 -33.84
C GLY F 31 -20.87 23.68 -34.61
N LYS F 32 -21.92 23.19 -33.94
CA LYS F 32 -22.91 22.34 -34.57
C LYS F 32 -24.29 22.97 -34.61
N LYS F 33 -24.81 23.42 -33.47
CA LYS F 33 -26.17 23.94 -33.44
C LYS F 33 -26.27 25.10 -32.46
N TYR F 34 -27.21 26.00 -32.73
CA TYR F 34 -27.70 26.90 -31.71
C TYR F 34 -28.44 26.10 -30.65
N VAL F 35 -28.48 26.64 -29.43
CA VAL F 35 -29.17 25.99 -28.31
C VAL F 35 -30.17 26.97 -27.70
N ILE F 36 -31.38 26.50 -27.48
CA ILE F 36 -32.39 27.19 -26.69
C ILE F 36 -32.47 26.47 -25.35
N LEU F 37 -31.89 27.06 -24.31
CA LEU F 37 -31.81 26.47 -22.99
C LEU F 37 -32.82 27.16 -22.08
N PHE F 38 -33.88 26.46 -21.69
CA PHE F 38 -34.88 27.04 -20.81
C PHE F 38 -35.02 26.22 -19.54
N PHE F 39 -35.11 26.92 -18.41
CA PHE F 39 -35.34 26.35 -17.10
C PHE F 39 -36.82 26.47 -16.77
N TYR F 40 -37.31 25.52 -15.99
CA TYR F 40 -38.64 25.63 -15.40
C TYR F 40 -38.53 25.16 -13.96
N PRO F 41 -39.47 25.59 -13.08
CA PRO F 41 -39.33 25.32 -11.64
C PRO F 41 -39.40 23.86 -11.20
N LEU F 42 -40.47 23.14 -11.53
CA LEU F 42 -40.64 21.79 -11.01
C LEU F 42 -41.43 20.93 -11.99
N ASP F 43 -41.20 19.61 -11.93
CA ASP F 43 -42.03 18.69 -12.68
C ASP F 43 -43.41 18.62 -12.05
N PHE F 44 -44.39 18.22 -12.86
CA PHE F 44 -45.77 18.02 -12.40
C PHE F 44 -46.39 19.30 -11.90
N THR F 45 -46.09 20.42 -12.55
CA THR F 45 -46.67 21.71 -12.24
C THR F 45 -47.58 22.15 -13.39
N PHE F 46 -47.66 23.46 -13.64
CA PHE F 46 -48.84 23.96 -14.35
C PHE F 46 -48.50 24.83 -15.56
N VAL F 47 -47.78 25.94 -15.38
CA VAL F 47 -47.28 26.66 -16.54
C VAL F 47 -46.21 25.84 -17.25
N SER F 48 -45.34 25.18 -16.47
CA SER F 48 -44.22 24.41 -17.01
C SER F 48 -44.61 23.39 -18.08
N PRO F 49 -45.62 22.54 -17.88
CA PRO F 49 -45.99 21.63 -18.98
C PRO F 49 -46.46 22.34 -20.23
N THR F 50 -47.19 23.46 -20.11
CA THR F 50 -47.62 24.17 -21.32
C THR F 50 -46.41 24.73 -22.07
N GLU F 51 -45.39 25.22 -21.34
CA GLU F 51 -44.18 25.67 -22.03
C GLU F 51 -43.46 24.51 -22.70
N ILE F 52 -43.29 23.41 -21.97
CA ILE F 52 -42.50 22.28 -22.46
C ILE F 52 -43.16 21.68 -23.71
N THR F 53 -44.48 21.48 -23.66
CA THR F 53 -45.18 20.92 -24.81
C THR F 53 -45.26 21.92 -25.96
N ALA F 54 -45.38 23.22 -25.66
CA ALA F 54 -45.35 24.21 -26.73
C ALA F 54 -44.05 24.13 -27.52
N PHE F 55 -42.91 24.05 -26.81
CA PHE F 55 -41.64 23.94 -27.53
C PHE F 55 -41.53 22.62 -28.27
N SER F 56 -42.02 21.53 -27.69
CA SER F 56 -41.95 20.23 -28.35
C SER F 56 -42.76 20.22 -29.64
N ASP F 57 -43.95 20.82 -29.62
CA ASP F 57 -44.81 20.81 -30.79
C ASP F 57 -44.21 21.60 -31.94
N ARG F 58 -43.38 22.59 -31.65
CA ARG F 58 -42.74 23.39 -32.70
C ARG F 58 -41.26 23.07 -32.85
N HIS F 59 -40.82 21.95 -32.27
CA HIS F 59 -39.41 21.60 -32.29
C HIS F 59 -38.87 21.46 -33.71
N SER F 60 -39.69 20.96 -34.65
CA SER F 60 -39.21 20.74 -36.01
C SER F 60 -38.83 22.06 -36.67
N GLU F 61 -39.58 23.14 -36.40
CA GLU F 61 -39.18 24.44 -36.93
C GLU F 61 -37.80 24.83 -36.44
N PHE F 62 -37.48 24.51 -35.19
CA PHE F 62 -36.15 24.82 -34.67
C PHE F 62 -35.11 23.89 -35.27
N GLU F 63 -35.48 22.64 -35.51
CA GLU F 63 -34.55 21.68 -36.10
C GLU F 63 -34.17 22.10 -37.52
N LYS F 64 -35.12 22.66 -38.27
CA LYS F 64 -34.81 23.19 -39.59
C LYS F 64 -33.85 24.36 -39.53
N LEU F 65 -33.77 25.05 -38.40
CA LEU F 65 -32.87 26.16 -38.20
C LEU F 65 -31.59 25.80 -37.45
N ASN F 66 -31.21 24.53 -37.42
CA ASN F 66 -29.96 24.11 -36.75
C ASN F 66 -29.95 24.52 -35.27
N THR F 67 -31.07 24.27 -34.59
CA THR F 67 -31.23 24.64 -33.20
C THR F 67 -31.76 23.43 -32.43
N GLU F 68 -31.16 23.17 -31.28
CA GLU F 68 -31.68 22.18 -30.35
C GLU F 68 -32.34 22.88 -29.16
N VAL F 69 -33.36 22.24 -28.60
CA VAL F 69 -34.05 22.72 -27.40
C VAL F 69 -33.62 21.89 -26.20
N LEU F 70 -33.36 22.56 -25.08
CA LEU F 70 -33.00 21.88 -23.84
C LEU F 70 -33.81 22.47 -22.69
N GLY F 71 -34.61 21.62 -22.05
CA GLY F 71 -35.35 21.99 -20.83
C GLY F 71 -34.60 21.50 -19.60
N VAL F 72 -34.61 22.32 -18.55
CA VAL F 72 -33.86 22.00 -17.34
C VAL F 72 -34.73 22.31 -16.13
N SER F 73 -34.74 21.39 -15.17
CA SER F 73 -35.30 21.67 -13.85
C SER F 73 -34.50 20.90 -12.82
N VAL F 74 -34.73 21.23 -11.55
CA VAL F 74 -34.00 20.60 -10.46
C VAL F 74 -34.49 19.19 -10.14
N ASP F 75 -35.52 18.72 -10.83
CA ASP F 75 -36.02 17.37 -10.61
C ASP F 75 -35.07 16.33 -11.21
N SER F 76 -35.20 15.09 -10.76
CA SER F 76 -34.39 13.98 -11.24
C SER F 76 -34.94 13.43 -12.57
N VAL F 77 -34.15 12.56 -13.20
CA VAL F 77 -34.58 11.96 -14.45
C VAL F 77 -35.71 10.97 -14.23
N PHE F 78 -35.89 10.46 -13.02
CA PHE F 78 -37.01 9.55 -12.77
C PHE F 78 -38.33 10.32 -12.70
N SER F 79 -38.32 11.52 -12.13
CA SER F 79 -39.47 12.40 -12.24
C SER F 79 -39.70 12.78 -13.70
N HIS F 80 -38.64 13.15 -14.42
CA HIS F 80 -38.75 13.54 -15.82
C HIS F 80 -39.40 12.43 -16.64
N LEU F 81 -38.92 11.20 -16.48
CA LEU F 81 -39.47 10.08 -17.23
C LEU F 81 -40.92 9.81 -16.84
N ALA F 82 -41.22 9.80 -15.54
CA ALA F 82 -42.59 9.58 -15.14
C ALA F 82 -43.51 10.64 -15.74
N TRP F 83 -43.01 11.88 -15.85
CA TRP F 83 -43.83 12.97 -16.38
C TRP F 83 -43.99 12.87 -17.90
N VAL F 84 -42.95 12.42 -18.59
CA VAL F 84 -43.07 12.17 -20.04
C VAL F 84 -44.08 11.06 -20.29
N GLN F 85 -44.13 10.06 -19.42
CA GLN F 85 -45.05 8.95 -19.57
C GLN F 85 -46.45 9.26 -19.07
N THR F 86 -46.73 10.51 -18.73
CA THR F 86 -48.07 10.93 -18.37
C THR F 86 -48.72 11.61 -19.57
N ASP F 87 -50.01 11.35 -19.77
CA ASP F 87 -50.79 11.97 -20.83
C ASP F 87 -50.90 13.48 -20.59
N ARG F 88 -50.92 14.25 -21.69
CA ARG F 88 -51.06 15.71 -21.58
C ARG F 88 -52.38 16.12 -20.94
N LYS F 89 -53.46 15.38 -21.21
CA LYS F 89 -54.76 15.66 -20.60
C LYS F 89 -54.75 15.44 -19.09
N SER F 90 -53.78 14.69 -18.57
CA SER F 90 -53.61 14.48 -17.15
C SER F 90 -52.55 15.41 -16.55
N GLY F 91 -52.20 16.49 -17.24
CA GLY F 91 -51.15 17.37 -16.79
C GLY F 91 -49.75 16.94 -17.14
N GLY F 92 -49.60 15.88 -17.95
CA GLY F 92 -48.31 15.36 -18.31
C GLY F 92 -47.74 15.98 -19.57
N LEU F 93 -46.64 15.38 -20.04
CA LEU F 93 -45.92 15.88 -21.20
C LEU F 93 -46.19 15.08 -22.47
N GLY F 94 -46.56 13.80 -22.36
CA GLY F 94 -46.58 12.98 -23.55
C GLY F 94 -45.15 12.85 -24.08
N ASP F 95 -45.03 12.45 -25.33
CA ASP F 95 -43.69 12.30 -25.90
C ASP F 95 -43.09 13.66 -26.24
N LEU F 96 -41.79 13.81 -25.97
CA LEU F 96 -41.05 15.03 -26.18
C LEU F 96 -40.06 14.88 -27.32
N ASN F 97 -39.87 15.96 -28.05
CA ASN F 97 -38.97 15.98 -29.18
C ASN F 97 -37.55 16.38 -28.82
N TYR F 98 -37.26 16.68 -27.56
CA TYR F 98 -35.95 17.18 -27.16
C TYR F 98 -35.63 16.68 -25.75
N PRO F 99 -34.37 16.79 -25.31
CA PRO F 99 -34.00 16.26 -23.99
C PRO F 99 -34.50 17.10 -22.82
N LEU F 100 -34.91 16.40 -21.73
CA LEU F 100 -35.24 17.00 -20.45
C LEU F 100 -34.08 16.75 -19.48
N ILE F 101 -33.41 17.81 -19.10
CA ILE F 101 -32.18 17.71 -18.32
C ILE F 101 -32.50 17.81 -16.83
N SER F 102 -31.78 17.03 -16.03
CA SER F 102 -31.95 16.97 -14.59
C SER F 102 -30.84 17.76 -13.92
N ASP F 103 -31.20 18.81 -13.19
CA ASP F 103 -30.25 19.61 -12.45
C ASP F 103 -30.38 19.27 -10.98
N VAL F 104 -30.12 17.99 -10.67
CA VAL F 104 -30.44 17.46 -9.34
C VAL F 104 -29.59 18.12 -8.25
N THR F 105 -28.33 18.46 -8.55
CA THR F 105 -27.49 19.18 -7.59
C THR F 105 -27.69 20.69 -7.59
N LYS F 106 -28.49 21.21 -8.53
CA LYS F 106 -28.82 22.63 -8.66
C LYS F 106 -27.67 23.49 -9.12
N SER F 107 -26.55 22.89 -9.51
CA SER F 107 -25.40 23.69 -9.93
C SER F 107 -25.65 24.42 -11.24
N ILE F 108 -26.43 23.83 -12.14
CA ILE F 108 -26.69 24.46 -13.42
C ILE F 108 -27.53 25.72 -13.24
N SER F 109 -28.65 25.60 -12.52
CA SER F 109 -29.47 26.77 -12.23
C SER F 109 -28.65 27.85 -11.52
N LYS F 110 -27.77 27.46 -10.61
CA LYS F 110 -26.92 28.42 -9.92
C LYS F 110 -26.02 29.15 -10.92
N SER F 111 -25.40 28.42 -11.84
CA SER F 111 -24.46 29.06 -12.73
C SER F 111 -25.14 29.99 -13.74
N PHE F 112 -26.42 29.76 -14.05
CA PHE F 112 -27.15 30.66 -14.93
C PHE F 112 -27.91 31.76 -14.18
N GLY F 113 -27.73 31.85 -12.85
CA GLY F 113 -28.35 32.90 -12.06
C GLY F 113 -29.86 32.84 -11.94
N VAL F 114 -30.46 31.67 -12.15
CA VAL F 114 -31.91 31.54 -12.11
C VAL F 114 -32.43 30.78 -10.89
N LEU F 115 -31.55 30.34 -9.98
CA LEU F 115 -31.98 29.56 -8.84
C LEU F 115 -32.51 30.47 -7.73
N ILE F 116 -33.77 30.27 -7.35
CA ILE F 116 -34.38 30.88 -6.18
C ILE F 116 -33.84 30.11 -4.96
N HIS F 117 -32.89 30.71 -4.23
CA HIS F 117 -32.21 29.97 -3.17
C HIS F 117 -33.15 29.61 -2.03
N ASP F 118 -34.10 30.50 -1.71
CA ASP F 118 -35.10 30.22 -0.69
C ASP F 118 -35.85 28.92 -0.97
N GLN F 119 -36.19 28.68 -2.24
CA GLN F 119 -37.10 27.60 -2.58
C GLN F 119 -36.42 26.43 -3.30
N GLY F 120 -35.16 26.59 -3.72
CA GLY F 120 -34.45 25.50 -4.36
C GLY F 120 -34.91 25.15 -5.75
N ILE F 121 -35.56 26.09 -6.46
CA ILE F 121 -36.08 25.85 -7.80
C ILE F 121 -35.65 27.00 -8.71
N ALA F 122 -35.77 26.79 -10.01
CA ALA F 122 -35.35 27.80 -10.98
C ALA F 122 -36.52 28.64 -11.43
N LEU F 123 -36.23 29.91 -11.72
CA LEU F 123 -37.19 30.78 -12.38
C LEU F 123 -37.37 30.35 -13.83
N ARG F 124 -38.35 30.97 -14.49
CA ARG F 124 -38.58 30.74 -15.91
C ARG F 124 -37.57 31.54 -16.73
N GLY F 125 -36.31 31.11 -16.64
CA GLY F 125 -35.25 31.74 -17.41
C GLY F 125 -35.03 30.99 -18.72
N LEU F 126 -34.85 31.74 -19.79
CA LEU F 126 -34.55 31.17 -21.10
C LEU F 126 -33.34 31.87 -21.70
N PHE F 127 -32.45 31.08 -22.31
CA PHE F 127 -31.20 31.57 -22.87
C PHE F 127 -31.01 31.07 -24.29
N ILE F 128 -30.66 31.97 -25.20
CA ILE F 128 -30.30 31.60 -26.56
C ILE F 128 -28.78 31.64 -26.66
N ILE F 129 -28.20 30.50 -27.03
CA ILE F 129 -26.76 30.30 -27.10
C ILE F 129 -26.43 30.03 -28.57
N ASP F 130 -25.44 30.74 -29.10
CA ASP F 130 -25.12 30.62 -30.51
C ASP F 130 -24.15 29.46 -30.74
N LYS F 131 -23.79 29.25 -32.01
CA LYS F 131 -22.92 28.13 -32.36
C LYS F 131 -21.52 28.24 -31.77
N GLU F 132 -21.13 29.43 -31.31
CA GLU F 132 -19.84 29.58 -30.63
C GLU F 132 -19.93 29.29 -29.15
N GLY F 133 -21.13 29.01 -28.63
CA GLY F 133 -21.32 28.78 -27.22
C GLY F 133 -21.57 30.04 -26.42
N VAL F 134 -21.92 31.14 -27.09
CA VAL F 134 -22.07 32.45 -26.46
C VAL F 134 -23.55 32.80 -26.28
N ILE F 135 -23.91 33.25 -25.08
CA ILE F 135 -25.26 33.71 -24.80
C ILE F 135 -25.52 35.04 -25.50
N GLN F 136 -26.60 35.10 -26.27
CA GLN F 136 -26.99 36.30 -26.99
C GLN F 136 -28.31 36.89 -26.51
N HIS F 137 -29.11 36.13 -25.76
CA HIS F 137 -30.41 36.59 -25.32
C HIS F 137 -30.79 35.90 -24.02
N SER F 138 -31.49 36.64 -23.17
CA SER F 138 -32.00 36.19 -21.89
C SER F 138 -33.47 36.58 -21.77
N THR F 139 -34.33 35.63 -21.41
CA THR F 139 -35.70 35.94 -20.97
C THR F 139 -35.90 35.26 -19.63
N ILE F 140 -36.23 36.04 -18.61
CA ILE F 140 -36.43 35.50 -17.27
C ILE F 140 -37.77 36.03 -16.76
N ASN F 141 -38.72 35.11 -16.58
CA ASN F 141 -40.05 35.39 -16.07
C ASN F 141 -40.20 34.83 -14.66
N ASN F 142 -40.97 35.53 -13.84
CA ASN F 142 -41.38 34.96 -12.56
C ASN F 142 -42.35 33.79 -12.80
N LEU F 143 -42.58 33.02 -11.74
CA LEU F 143 -43.08 31.66 -11.91
C LEU F 143 -44.45 31.60 -12.57
N GLY F 144 -45.27 32.65 -12.41
CA GLY F 144 -46.63 32.58 -12.90
C GLY F 144 -46.85 32.93 -14.37
N ILE F 145 -45.85 33.48 -15.04
CA ILE F 145 -46.02 34.03 -16.39
C ILE F 145 -45.32 33.12 -17.37
N GLY F 146 -46.10 32.48 -18.24
CA GLY F 146 -45.52 31.61 -19.26
C GLY F 146 -44.76 32.39 -20.30
N ARG F 147 -43.78 31.72 -20.91
CA ARG F 147 -42.98 32.34 -21.94
C ARG F 147 -43.65 32.19 -23.30
N SER F 148 -43.02 32.70 -24.35
CA SER F 148 -43.61 32.76 -25.67
C SER F 148 -42.68 32.09 -26.67
N VAL F 149 -43.17 31.02 -27.31
CA VAL F 149 -42.39 30.40 -28.36
C VAL F 149 -42.22 31.34 -29.53
N ASP F 150 -43.24 32.16 -29.82
CA ASP F 150 -43.14 33.07 -30.96
C ASP F 150 -41.99 34.05 -30.78
N GLU F 151 -41.88 34.64 -29.58
CA GLU F 151 -40.79 35.59 -29.36
C GLU F 151 -39.42 34.92 -29.36
N THR F 152 -39.34 33.67 -28.89
CA THR F 152 -38.10 32.92 -28.97
C THR F 152 -37.70 32.68 -30.41
N MET F 153 -38.66 32.28 -31.26
CA MET F 153 -38.38 32.08 -32.67
C MET F 153 -37.92 33.38 -33.33
N ARG F 154 -38.59 34.49 -33.02
CA ARG F 154 -38.20 35.77 -33.60
C ARG F 154 -36.78 36.14 -33.20
N THR F 155 -36.47 36.03 -31.89
CA THR F 155 -35.14 36.39 -31.42
C THR F 155 -34.07 35.49 -32.03
N LEU F 156 -34.36 34.19 -32.10
CA LEU F 156 -33.41 33.27 -32.72
C LEU F 156 -33.19 33.63 -34.19
N GLN F 157 -34.27 33.96 -34.91
CA GLN F 157 -34.15 34.28 -36.32
C GLN F 157 -33.37 35.56 -36.53
N ALA F 158 -33.55 36.54 -35.65
CA ALA F 158 -32.78 37.78 -35.75
C ALA F 158 -31.30 37.50 -35.48
N LEU F 159 -31.01 36.68 -34.47
CA LEU F 159 -29.62 36.36 -34.18
C LEU F 159 -28.97 35.67 -35.38
N GLN F 160 -29.66 34.68 -35.95
CA GLN F 160 -29.12 33.98 -37.10
C GLN F 160 -28.95 34.92 -38.28
N TYR F 161 -29.88 35.84 -38.45
CA TYR F 161 -29.76 36.81 -39.54
C TYR F 161 -28.49 37.65 -39.38
N ILE F 162 -28.29 38.27 -38.21
CA ILE F 162 -27.14 39.16 -38.08
C ILE F 162 -25.83 38.37 -38.05
N GLN F 163 -25.88 37.08 -37.72
CA GLN F 163 -24.67 36.27 -37.76
C GLN F 163 -24.36 35.78 -39.17
N GLU F 164 -25.37 35.68 -40.03
CA GLU F 164 -25.13 35.39 -41.44
C GLU F 164 -24.74 36.65 -42.21
N ASN F 165 -25.23 37.82 -41.78
CA ASN F 165 -24.87 39.11 -42.40
C ASN F 165 -24.23 39.99 -41.34
N PRO F 166 -22.97 39.76 -41.02
CA PRO F 166 -22.33 40.44 -39.88
C PRO F 166 -22.23 41.95 -40.03
N ASP F 167 -22.66 42.50 -41.17
CA ASP F 167 -22.70 43.95 -41.33
C ASP F 167 -24.06 44.54 -40.99
N GLU F 168 -25.04 43.71 -40.61
CA GLU F 168 -26.37 44.17 -40.29
C GLU F 168 -26.69 44.03 -38.80
N VAL F 169 -27.66 44.83 -38.37
CA VAL F 169 -28.26 44.73 -37.05
C VAL F 169 -29.77 44.82 -37.24
N CYS F 170 -30.50 44.34 -36.24
CA CYS F 170 -31.95 44.20 -36.36
C CYS F 170 -32.65 45.26 -35.55
N PRO F 171 -33.48 46.10 -36.16
CA PRO F 171 -34.23 47.10 -35.39
C PRO F 171 -35.30 46.46 -34.51
N ALA F 172 -35.99 47.30 -33.73
CA ALA F 172 -37.09 46.82 -32.90
C ALA F 172 -38.11 46.05 -33.73
N GLY F 173 -38.59 44.94 -33.18
CA GLY F 173 -39.63 44.16 -33.81
C GLY F 173 -39.24 43.47 -35.09
N TRP F 174 -37.96 43.41 -35.42
CA TRP F 174 -37.55 42.82 -36.69
C TRP F 174 -38.05 41.39 -36.85
N LYS F 175 -38.62 41.11 -38.02
CA LYS F 175 -39.02 39.77 -38.47
C LYS F 175 -38.37 39.46 -39.82
N PRO F 176 -38.25 38.18 -40.18
CA PRO F 176 -37.82 37.85 -41.54
C PRO F 176 -38.70 38.57 -42.56
N GLY F 177 -38.06 39.21 -43.54
CA GLY F 177 -38.75 40.04 -44.50
C GLY F 177 -38.65 41.53 -44.24
N GLU F 178 -38.40 41.93 -42.99
CA GLU F 178 -38.27 43.33 -42.61
C GLU F 178 -36.87 43.86 -42.91
N LYS F 179 -36.77 45.18 -43.00
CA LYS F 179 -35.48 45.82 -43.23
C LYS F 179 -34.54 45.64 -42.04
N SER F 180 -33.28 45.39 -42.33
CA SER F 180 -32.22 45.51 -41.33
C SER F 180 -31.55 46.88 -41.49
N MET F 181 -30.44 47.09 -40.79
CA MET F 181 -29.71 48.35 -40.95
C MET F 181 -28.23 48.09 -40.70
N LYS F 182 -27.41 49.00 -41.23
CA LYS F 182 -25.97 48.94 -41.04
C LYS F 182 -25.58 49.86 -39.89
N PRO F 183 -24.99 49.33 -38.81
CA PRO F 183 -24.62 50.17 -37.66
C PRO F 183 -23.43 51.08 -37.92
N ASP F 184 -23.62 52.07 -38.77
CA ASP F 184 -22.56 52.94 -39.21
C ASP F 184 -23.23 54.29 -39.37
N PRO F 185 -22.64 55.37 -38.86
CA PRO F 185 -23.29 56.67 -39.03
C PRO F 185 -23.65 56.99 -40.47
N LYS F 186 -22.81 56.63 -41.45
CA LYS F 186 -23.09 57.02 -42.83
C LYS F 186 -23.98 56.03 -43.57
N LEU F 187 -23.95 54.73 -43.24
CA LEU F 187 -24.76 53.74 -43.93
C LEU F 187 -26.14 53.58 -43.33
N SER F 188 -26.28 53.79 -42.03
CA SER F 188 -27.60 53.71 -41.40
C SER F 188 -28.55 54.74 -41.99
N LYS F 189 -28.02 55.72 -42.71
CA LYS F 189 -28.87 56.70 -43.37
C LYS F 189 -29.87 56.01 -44.30
N GLU F 190 -29.41 54.98 -45.01
CA GLU F 190 -30.34 54.26 -45.90
C GLU F 190 -31.60 53.89 -45.15
N TYR F 191 -31.46 53.42 -43.91
CA TYR F 191 -32.63 53.08 -43.10
C TYR F 191 -33.36 54.32 -42.63
N PHE F 192 -32.63 55.24 -42.00
CA PHE F 192 -33.30 56.33 -41.30
C PHE F 192 -34.02 57.24 -42.27
N SER F 193 -33.41 57.51 -43.43
CA SER F 193 -34.01 58.38 -44.44
C SER F 193 -35.33 57.82 -44.96
N ALA F 194 -35.56 56.52 -44.84
CA ALA F 194 -36.79 55.93 -45.35
C ALA F 194 -37.92 55.94 -44.33
N ILE F 195 -37.70 56.47 -43.13
CA ILE F 195 -38.70 56.46 -42.09
C ILE F 195 -39.87 57.35 -42.51
N LEU F 196 -41.04 56.74 -42.68
CA LEU F 196 -42.27 57.48 -42.93
C LEU F 196 -43.07 57.53 -41.64
N GLU F 197 -43.38 58.75 -41.18
CA GLU F 197 -44.01 58.93 -39.88
C GLU F 197 -45.47 59.35 -40.02
N PRO G 2 -21.94 13.75 17.54
CA PRO G 2 -22.79 12.89 16.71
C PRO G 2 -24.26 13.29 16.79
N LEU G 3 -25.04 12.90 15.78
CA LEU G 3 -26.47 13.14 15.83
C LEU G 3 -27.12 12.30 16.93
N VAL G 4 -26.75 11.03 17.03
CA VAL G 4 -27.35 10.14 18.01
C VAL G 4 -26.97 10.60 19.41
N GLY G 5 -27.97 10.66 20.30
CA GLY G 5 -27.79 11.14 21.66
C GLY G 5 -28.14 12.60 21.89
N ASN G 6 -28.51 13.34 20.86
CA ASN G 6 -28.81 14.75 20.99
C ASN G 6 -30.17 15.04 20.36
N LYS G 7 -30.69 16.24 20.63
CA LYS G 7 -31.95 16.66 20.03
C LYS G 7 -31.82 16.68 18.52
N ALA G 8 -32.86 16.18 17.85
CA ALA G 8 -32.87 16.17 16.40
C ALA G 8 -32.88 17.61 15.88
N PRO G 9 -32.23 17.87 14.74
CA PRO G 9 -32.37 19.19 14.11
C PRO G 9 -33.81 19.42 13.68
N ASP G 10 -34.40 20.50 14.19
CA ASP G 10 -35.78 20.80 13.87
C ASP G 10 -35.89 21.21 12.40
N PHE G 11 -37.06 20.96 11.82
CA PHE G 11 -37.37 21.45 10.48
C PHE G 11 -38.86 21.70 10.38
N GLU G 12 -39.23 22.52 9.41
CA GLU G 12 -40.62 22.71 9.03
C GLU G 12 -40.69 22.58 7.52
N ALA G 13 -41.50 21.64 7.03
CA ALA G 13 -41.50 21.34 5.61
C ALA G 13 -42.91 21.04 5.14
N GLU G 14 -43.14 21.25 3.84
CA GLU G 14 -44.39 20.81 3.25
C GLU G 14 -44.35 19.31 3.00
N ALA G 15 -45.52 18.70 2.99
CA ALA G 15 -45.60 17.26 2.83
C ALA G 15 -46.92 16.89 2.15
N VAL G 16 -46.99 15.64 1.71
CA VAL G 16 -48.19 15.08 1.11
C VAL G 16 -48.81 14.12 2.12
N PHE G 17 -50.08 14.32 2.42
CA PHE G 17 -50.79 13.43 3.33
C PHE G 17 -52.25 13.42 2.90
N ASP G 18 -52.80 12.24 2.67
CA ASP G 18 -54.17 12.09 2.18
C ASP G 18 -54.38 12.91 0.90
N GLN G 19 -53.35 12.92 0.05
CA GLN G 19 -53.37 13.61 -1.23
C GLN G 19 -53.65 15.11 -1.07
N GLU G 20 -53.26 15.69 0.07
CA GLU G 20 -53.29 17.13 0.25
C GLU G 20 -51.93 17.62 0.74
N PHE G 21 -51.67 18.90 0.49
CA PHE G 21 -50.44 19.52 0.92
C PHE G 21 -50.63 20.04 2.34
N ILE G 22 -49.77 19.59 3.25
CA ILE G 22 -49.83 19.96 4.65
C ILE G 22 -48.45 20.46 5.07
N LYS G 23 -48.36 20.93 6.30
CA LYS G 23 -47.11 21.31 6.92
C LYS G 23 -46.77 20.33 8.02
N VAL G 24 -45.47 20.10 8.19
CA VAL G 24 -44.96 19.22 9.23
C VAL G 24 -43.82 19.94 9.92
N LYS G 25 -43.90 20.05 11.25
CA LYS G 25 -42.81 20.58 12.06
C LYS G 25 -42.38 19.46 13.00
N LEU G 26 -41.09 19.10 12.94
CA LEU G 26 -40.62 17.94 13.68
C LEU G 26 -40.78 18.11 15.19
N SER G 27 -40.43 19.28 15.73
CA SER G 27 -40.57 19.52 17.15
C SER G 27 -42.03 19.44 17.61
N ASP G 28 -43.00 19.54 16.69
CA ASP G 28 -44.40 19.38 17.07
C ASP G 28 -44.72 17.99 17.60
N TYR G 29 -43.85 17.01 17.38
CA TYR G 29 -44.13 15.69 17.93
C TYR G 29 -43.60 15.53 19.35
N ILE G 30 -42.76 16.46 19.81
CA ILE G 30 -42.18 16.37 21.15
C ILE G 30 -43.29 16.39 22.19
N GLY G 31 -43.19 15.46 23.14
CA GLY G 31 -44.20 15.26 24.14
C GLY G 31 -45.38 14.44 23.69
N LYS G 32 -45.52 14.17 22.38
CA LYS G 32 -46.71 13.52 21.85
C LYS G 32 -46.44 12.14 21.27
N LYS G 33 -45.47 12.00 20.38
CA LYS G 33 -45.18 10.69 19.80
C LYS G 33 -43.70 10.53 19.59
N TYR G 34 -43.24 9.27 19.61
CA TYR G 34 -41.98 8.92 19.00
C TYR G 34 -42.09 9.12 17.49
N VAL G 35 -40.97 9.40 16.84
CA VAL G 35 -40.97 9.63 15.40
C VAL G 35 -39.97 8.70 14.73
N ILE G 36 -40.41 8.03 13.67
CA ILE G 36 -39.53 7.26 12.80
C ILE G 36 -39.35 8.09 11.55
N LEU G 37 -38.22 8.76 11.44
CA LEU G 37 -37.94 9.68 10.35
C LEU G 37 -36.98 9.00 9.40
N PHE G 38 -37.45 8.65 8.20
CA PHE G 38 -36.57 7.99 7.25
C PHE G 38 -36.49 8.77 5.95
N PHE G 39 -35.29 8.81 5.41
CA PHE G 39 -34.98 9.37 4.11
C PHE G 39 -34.91 8.27 3.08
N TYR G 40 -35.21 8.62 1.84
CA TYR G 40 -34.98 7.79 0.67
C TYR G 40 -34.48 8.73 -0.42
N PRO G 41 -33.76 8.21 -1.42
CA PRO G 41 -33.10 9.09 -2.40
C PRO G 41 -34.03 9.86 -3.33
N LEU G 42 -34.90 9.18 -4.07
CA LEU G 42 -35.70 9.87 -5.08
C LEU G 42 -37.05 9.18 -5.26
N ASP G 43 -38.01 9.96 -5.72
CA ASP G 43 -39.29 9.40 -6.14
C ASP G 43 -39.14 8.62 -7.43
N PHE G 44 -40.08 7.68 -7.62
CA PHE G 44 -40.13 6.87 -8.83
C PHE G 44 -38.89 6.00 -8.97
N THR G 45 -38.40 5.48 -7.85
CA THR G 45 -37.28 4.56 -7.87
C THR G 45 -37.76 3.16 -7.50
N PHE G 46 -36.92 2.37 -6.84
CA PHE G 46 -37.15 0.93 -6.90
C PHE G 46 -37.16 0.26 -5.54
N VAL G 47 -36.05 0.37 -4.79
CA VAL G 47 -36.09 -0.06 -3.40
C VAL G 47 -36.99 0.87 -2.58
N SER G 48 -36.90 2.17 -2.85
CA SER G 48 -37.60 3.17 -2.04
C SER G 48 -39.10 2.91 -1.92
N PRO G 49 -39.85 2.67 -3.00
CA PRO G 49 -41.29 2.36 -2.82
C PRO G 49 -41.54 1.12 -2.00
N THR G 50 -40.67 0.10 -2.09
CA THR G 50 -40.87 -1.07 -1.24
C THR G 50 -40.71 -0.69 0.23
N GLU G 51 -39.77 0.21 0.54
CA GLU G 51 -39.64 0.67 1.92
C GLU G 51 -40.86 1.47 2.36
N ILE G 52 -41.30 2.42 1.52
CA ILE G 52 -42.37 3.34 1.90
C ILE G 52 -43.67 2.57 2.14
N THR G 53 -44.01 1.67 1.21
CA THR G 53 -45.23 0.89 1.35
C THR G 53 -45.10 -0.16 2.46
N ALA G 54 -43.89 -0.69 2.69
CA ALA G 54 -43.72 -1.59 3.83
C ALA G 54 -44.07 -0.88 5.14
N PHE G 55 -43.59 0.36 5.31
CA PHE G 55 -43.92 1.12 6.51
C PHE G 55 -45.39 1.51 6.56
N SER G 56 -45.98 1.87 5.42
CA SER G 56 -47.39 2.26 5.43
C SER G 56 -48.27 1.08 5.83
N ASP G 57 -47.97 -0.11 5.32
CA ASP G 57 -48.80 -1.27 5.61
C ASP G 57 -48.76 -1.67 7.08
N ARG G 58 -47.67 -1.34 7.79
CA ARG G 58 -47.58 -1.63 9.22
C ARG G 58 -47.71 -0.38 10.08
N HIS G 59 -48.22 0.73 9.50
CA HIS G 59 -48.32 1.96 10.26
C HIS G 59 -49.17 1.83 11.52
N SER G 60 -50.20 0.98 11.50
CA SER G 60 -51.06 0.85 12.67
C SER G 60 -50.29 0.29 13.86
N GLU G 61 -49.35 -0.63 13.62
CA GLU G 61 -48.53 -1.17 14.70
C GLU G 61 -47.72 -0.06 15.39
N PHE G 62 -47.20 0.90 14.62
CA PHE G 62 -46.49 2.02 15.23
C PHE G 62 -47.46 2.98 15.89
N GLU G 63 -48.65 3.14 15.32
CA GLU G 63 -49.65 4.03 15.89
C GLU G 63 -50.05 3.56 17.27
N LYS G 64 -50.20 2.24 17.44
CA LYS G 64 -50.47 1.68 18.76
C LYS G 64 -49.30 1.84 19.72
N LEU G 65 -48.08 2.03 19.23
CA LEU G 65 -46.94 2.30 20.09
C LEU G 65 -46.65 3.78 20.23
N ASN G 66 -47.62 4.63 19.89
CA ASN G 66 -47.51 6.09 20.04
C ASN G 66 -46.35 6.66 19.22
N THR G 67 -46.26 6.21 17.98
CA THR G 67 -45.18 6.55 17.08
C THR G 67 -45.75 6.97 15.74
N GLU G 68 -45.25 8.06 15.19
CA GLU G 68 -45.54 8.45 13.83
C GLU G 68 -44.36 8.16 12.91
N VAL G 69 -44.66 7.81 11.66
CA VAL G 69 -43.67 7.58 10.62
C VAL G 69 -43.68 8.78 9.68
N LEU G 70 -42.48 9.21 9.28
CA LEU G 70 -42.30 10.31 8.34
C LEU G 70 -41.25 9.92 7.30
N GLY G 71 -41.64 9.93 6.03
CA GLY G 71 -40.72 9.74 4.93
C GLY G 71 -40.29 11.09 4.38
N VAL G 72 -39.04 11.20 3.94
CA VAL G 72 -38.48 12.46 3.44
C VAL G 72 -37.67 12.19 2.18
N SER G 73 -37.81 13.06 1.17
CA SER G 73 -36.83 13.02 0.10
C SER G 73 -36.68 14.43 -0.47
N VAL G 74 -35.68 14.58 -1.36
CA VAL G 74 -35.40 15.88 -1.94
C VAL G 74 -36.40 16.28 -3.03
N ASP G 75 -37.35 15.41 -3.37
CA ASP G 75 -38.34 15.76 -4.38
C ASP G 75 -39.34 16.76 -3.83
N SER G 76 -40.03 17.43 -4.76
CA SER G 76 -41.06 18.37 -4.36
C SER G 76 -42.36 17.62 -4.06
N VAL G 77 -43.31 18.32 -3.46
CA VAL G 77 -44.58 17.67 -3.15
C VAL G 77 -45.36 17.33 -4.40
N PHE G 78 -45.08 17.96 -5.54
CA PHE G 78 -45.82 17.63 -6.76
C PHE G 78 -45.40 16.26 -7.28
N SER G 79 -44.11 15.95 -7.18
CA SER G 79 -43.65 14.59 -7.45
C SER G 79 -44.26 13.60 -6.45
N HIS G 80 -44.24 13.96 -5.16
CA HIS G 80 -44.82 13.08 -4.15
C HIS G 80 -46.26 12.77 -4.48
N LEU G 81 -47.05 13.79 -4.81
CA LEU G 81 -48.45 13.55 -5.11
C LEU G 81 -48.61 12.71 -6.37
N ALA G 82 -47.82 12.99 -7.41
CA ALA G 82 -47.88 12.17 -8.62
C ALA G 82 -47.57 10.72 -8.32
N TRP G 83 -46.62 10.48 -7.42
CA TRP G 83 -46.20 9.12 -7.10
C TRP G 83 -47.24 8.40 -6.23
N VAL G 84 -47.87 9.11 -5.31
CA VAL G 84 -48.95 8.54 -4.50
C VAL G 84 -50.11 8.12 -5.40
N GLN G 85 -50.37 8.89 -6.44
CA GLN G 85 -51.46 8.62 -7.37
C GLN G 85 -51.11 7.56 -8.41
N THR G 86 -49.97 6.91 -8.29
CA THR G 86 -49.57 5.81 -9.17
C THR G 86 -49.82 4.50 -8.44
N ASP G 87 -50.30 3.50 -9.19
CA ASP G 87 -50.59 2.18 -8.62
C ASP G 87 -49.31 1.51 -8.13
N ARG G 88 -49.44 0.72 -7.06
CA ARG G 88 -48.29 -0.02 -6.55
C ARG G 88 -47.75 -1.02 -7.56
N LYS G 89 -48.64 -1.65 -8.36
CA LYS G 89 -48.17 -2.55 -9.41
C LYS G 89 -47.40 -1.84 -10.53
N SER G 90 -47.56 -0.52 -10.66
CA SER G 90 -46.80 0.25 -11.63
C SER G 90 -45.55 0.88 -11.02
N GLY G 91 -45.13 0.41 -9.85
CA GLY G 91 -44.03 1.02 -9.15
C GLY G 91 -44.41 2.21 -8.30
N GLY G 92 -45.70 2.46 -8.11
CA GLY G 92 -46.15 3.59 -7.34
C GLY G 92 -46.31 3.26 -5.86
N LEU G 93 -46.88 4.22 -5.13
CA LEU G 93 -47.06 4.10 -3.69
C LEU G 93 -48.49 3.80 -3.30
N GLY G 94 -49.45 4.22 -4.11
CA GLY G 94 -50.83 4.19 -3.66
C GLY G 94 -51.02 5.17 -2.50
N ASP G 95 -52.12 4.99 -1.79
CA ASP G 95 -52.41 5.84 -0.65
C ASP G 95 -51.55 5.43 0.53
N LEU G 96 -51.05 6.43 1.26
CA LEU G 96 -50.12 6.24 2.36
C LEU G 96 -50.77 6.61 3.68
N ASN G 97 -50.34 5.94 4.74
CA ASN G 97 -50.88 6.18 6.07
C ASN G 97 -50.12 7.24 6.86
N TYR G 98 -49.08 7.85 6.27
CA TYR G 98 -48.30 8.85 6.98
C TYR G 98 -47.81 9.86 5.95
N PRO G 99 -47.31 11.01 6.39
CA PRO G 99 -46.91 12.06 5.43
C PRO G 99 -45.61 11.78 4.69
N LEU G 100 -45.58 12.20 3.43
CA LEU G 100 -44.37 12.25 2.60
C LEU G 100 -43.85 13.67 2.56
N ILE G 101 -42.68 13.90 3.15
CA ILE G 101 -42.08 15.22 3.33
C ILE G 101 -41.11 15.55 2.19
N SER G 102 -41.15 16.82 1.80
CA SER G 102 -40.37 17.36 0.70
C SER G 102 -39.18 18.16 1.22
N ASP G 103 -37.97 17.73 0.85
CA ASP G 103 -36.76 18.44 1.21
C ASP G 103 -36.16 19.11 -0.03
N VAL G 104 -36.90 20.02 -0.68
CA VAL G 104 -36.47 20.53 -1.98
C VAL G 104 -35.20 21.35 -1.86
N THR G 105 -35.06 22.12 -0.78
CA THR G 105 -33.82 22.88 -0.60
C THR G 105 -32.67 22.03 -0.10
N LYS G 106 -32.93 20.76 0.27
CA LYS G 106 -31.96 19.78 0.75
C LYS G 106 -31.41 20.10 2.14
N SER G 107 -31.97 21.11 2.81
CA SER G 107 -31.45 21.50 4.12
C SER G 107 -31.69 20.41 5.16
N ILE G 108 -32.81 19.68 5.05
CA ILE G 108 -33.10 18.65 6.02
C ILE G 108 -32.12 17.50 5.89
N SER G 109 -31.92 17.00 4.66
CA SER G 109 -30.89 15.98 4.44
C SER G 109 -29.53 16.47 4.92
N LYS G 110 -29.23 17.75 4.72
CA LYS G 110 -27.96 18.29 5.17
C LYS G 110 -27.84 18.18 6.69
N SER G 111 -28.89 18.58 7.41
CA SER G 111 -28.80 18.65 8.86
C SER G 111 -28.70 17.27 9.52
N PHE G 112 -29.19 16.22 8.85
CA PHE G 112 -29.07 14.86 9.35
C PHE G 112 -27.85 14.13 8.79
N GLY G 113 -26.98 14.82 8.05
CA GLY G 113 -25.78 14.19 7.54
C GLY G 113 -26.00 13.08 6.53
N VAL G 114 -27.15 13.05 5.86
CA VAL G 114 -27.43 11.97 4.91
C VAL G 114 -27.39 12.45 3.47
N LEU G 115 -27.04 13.71 3.21
CA LEU G 115 -27.02 14.24 1.86
C LEU G 115 -25.71 13.85 1.17
N ILE G 116 -25.82 13.12 0.06
CA ILE G 116 -24.68 12.87 -0.82
C ILE G 116 -24.51 14.14 -1.66
N HIS G 117 -23.52 14.97 -1.32
CA HIS G 117 -23.38 16.26 -1.97
C HIS G 117 -23.06 16.10 -3.46
N ASP G 118 -22.34 15.04 -3.80
CA ASP G 118 -22.03 14.72 -5.19
C ASP G 118 -23.29 14.69 -6.05
N GLN G 119 -24.36 14.08 -5.55
CA GLN G 119 -25.53 13.77 -6.35
C GLN G 119 -26.78 14.54 -5.95
N GLY G 120 -26.76 15.25 -4.83
CA GLY G 120 -27.92 16.03 -4.42
C GLY G 120 -29.09 15.21 -3.91
N ILE G 121 -28.85 13.98 -3.46
CA ILE G 121 -29.90 13.12 -2.95
C ILE G 121 -29.40 12.56 -1.61
N ALA G 122 -30.34 11.96 -0.88
CA ALA G 122 -30.06 11.41 0.45
C ALA G 122 -29.80 9.91 0.38
N LEU G 123 -28.96 9.43 1.29
CA LEU G 123 -28.82 8.01 1.53
C LEU G 123 -30.08 7.48 2.24
N ARG G 124 -30.16 6.14 2.40
CA ARG G 124 -31.25 5.51 3.13
C ARG G 124 -30.99 5.62 4.63
N GLY G 125 -31.16 6.83 5.15
CA GLY G 125 -30.98 7.06 6.58
C GLY G 125 -32.28 6.95 7.33
N LEU G 126 -32.24 6.29 8.48
CA LEU G 126 -33.41 6.16 9.32
C LEU G 126 -33.03 6.59 10.73
N PHE G 127 -33.93 7.33 11.36
CA PHE G 127 -33.69 7.88 12.69
C PHE G 127 -34.92 7.63 13.55
N ILE G 128 -34.70 7.13 14.76
CA ILE G 128 -35.75 6.99 15.73
C ILE G 128 -35.59 8.09 16.76
N ILE G 129 -36.62 8.89 16.93
CA ILE G 129 -36.61 10.08 17.77
C ILE G 129 -37.59 9.85 18.90
N ASP G 130 -37.18 10.12 20.13
CA ASP G 130 -38.04 9.86 21.27
C ASP G 130 -38.98 11.04 21.52
N LYS G 131 -39.82 10.91 22.56
CA LYS G 131 -40.82 11.94 22.86
C LYS G 131 -40.20 13.26 23.29
N GLU G 132 -38.95 13.26 23.74
CA GLU G 132 -38.27 14.51 24.04
C GLU G 132 -37.58 15.12 22.83
N GLY G 133 -37.63 14.46 21.68
CA GLY G 133 -36.99 14.99 20.48
C GLY G 133 -35.54 14.61 20.32
N VAL G 134 -35.06 13.62 21.06
CA VAL G 134 -33.66 13.22 21.04
C VAL G 134 -33.53 12.02 20.12
N ILE G 135 -32.55 12.06 19.21
CA ILE G 135 -32.27 10.93 18.34
C ILE G 135 -31.64 9.81 19.16
N GLN G 136 -32.25 8.62 19.10
CA GLN G 136 -31.78 7.47 19.86
C GLN G 136 -31.19 6.37 19.01
N HIS G 137 -31.44 6.39 17.70
CA HIS G 137 -30.98 5.32 16.83
C HIS G 137 -30.79 5.86 15.42
N SER G 138 -29.80 5.29 14.73
CA SER G 138 -29.45 5.63 13.36
C SER G 138 -29.25 4.37 12.55
N THR G 139 -29.89 4.28 11.38
CA THR G 139 -29.55 3.28 10.38
C THR G 139 -29.33 4.01 9.06
N ILE G 140 -28.16 3.85 8.47
CA ILE G 140 -27.86 4.50 7.20
C ILE G 140 -27.31 3.46 6.25
N ASN G 141 -28.06 3.17 5.19
CA ASN G 141 -27.70 2.19 4.16
C ASN G 141 -27.29 2.89 2.87
N ASN G 142 -26.41 2.24 2.12
CA ASN G 142 -26.17 2.69 0.76
C ASN G 142 -27.40 2.43 -0.10
N LEU G 143 -27.46 3.10 -1.26
CA LEU G 143 -28.73 3.27 -1.97
C LEU G 143 -29.35 1.95 -2.39
N GLY G 144 -28.55 0.89 -2.56
CA GLY G 144 -29.05 -0.39 -3.03
C GLY G 144 -29.61 -1.34 -1.98
N ILE G 145 -29.41 -1.08 -0.70
CA ILE G 145 -29.75 -2.03 0.35
C ILE G 145 -30.99 -1.51 1.09
N GLY G 146 -32.11 -2.20 0.91
CA GLY G 146 -33.32 -1.81 1.60
C GLY G 146 -33.26 -2.04 3.10
N ARG G 147 -34.05 -1.25 3.82
CA ARG G 147 -34.08 -1.37 5.27
C ARG G 147 -35.10 -2.41 5.69
N SER G 148 -35.24 -2.58 7.00
CA SER G 148 -36.04 -3.64 7.59
C SER G 148 -37.05 -3.03 8.55
N VAL G 149 -38.33 -3.22 8.28
CA VAL G 149 -39.35 -2.74 9.22
C VAL G 149 -39.22 -3.50 10.53
N ASP G 150 -38.85 -4.78 10.47
CA ASP G 150 -38.75 -5.60 11.67
C ASP G 150 -37.70 -5.07 12.64
N GLU G 151 -36.52 -4.75 12.13
CA GLU G 151 -35.46 -4.25 13.01
C GLU G 151 -35.79 -2.86 13.54
N THR G 152 -36.49 -2.03 12.74
CA THR G 152 -36.97 -0.74 13.25
C THR G 152 -37.92 -0.93 14.41
N MET G 153 -38.86 -1.86 14.27
CA MET G 153 -39.79 -2.14 15.37
C MET G 153 -39.04 -2.67 16.59
N ARG G 154 -38.03 -3.53 16.40
CA ARG G 154 -37.27 -4.06 17.53
C ARG G 154 -36.56 -2.94 18.28
N THR G 155 -35.85 -2.07 17.57
CA THR G 155 -35.13 -0.98 18.21
C THR G 155 -36.07 -0.02 18.91
N LEU G 156 -37.20 0.29 18.27
CA LEU G 156 -38.21 1.16 18.88
C LEU G 156 -38.78 0.54 20.16
N GLN G 157 -39.08 -0.76 20.13
CA GLN G 157 -39.62 -1.42 21.31
C GLN G 157 -38.60 -1.47 22.44
N ALA G 158 -37.33 -1.69 22.10
CA ALA G 158 -36.29 -1.66 23.12
C ALA G 158 -36.16 -0.27 23.74
N LEU G 159 -36.20 0.77 22.91
CA LEU G 159 -36.13 2.13 23.42
C LEU G 159 -37.30 2.42 24.34
N GLN G 160 -38.51 2.03 23.91
CA GLN G 160 -39.68 2.28 24.75
C GLN G 160 -39.56 1.52 26.08
N TYR G 161 -39.00 0.31 26.04
CA TYR G 161 -38.82 -0.45 27.27
C TYR G 161 -37.88 0.27 28.23
N ILE G 162 -36.70 0.65 27.76
CA ILE G 162 -35.73 1.26 28.67
C ILE G 162 -36.15 2.66 29.10
N GLN G 163 -37.04 3.31 28.35
CA GLN G 163 -37.51 4.60 28.83
C GLN G 163 -38.68 4.45 29.80
N GLU G 164 -39.46 3.39 29.68
CA GLU G 164 -40.52 3.14 30.65
C GLU G 164 -39.99 2.47 31.91
N ASN G 165 -38.91 1.70 31.82
CA ASN G 165 -38.25 1.09 32.97
C ASN G 165 -36.84 1.66 33.03
N PRO G 166 -36.69 2.91 33.48
CA PRO G 166 -35.40 3.62 33.34
C PRO G 166 -34.22 3.01 34.09
N ASP G 167 -34.45 1.95 34.85
CA ASP G 167 -33.37 1.25 35.53
C ASP G 167 -32.84 0.04 34.75
N GLU G 168 -33.37 -0.22 33.56
CA GLU G 168 -32.99 -1.35 32.73
C GLU G 168 -32.23 -0.89 31.49
N VAL G 169 -31.47 -1.84 30.92
CA VAL G 169 -30.86 -1.69 29.62
C VAL G 169 -31.10 -2.98 28.84
N CYS G 170 -31.03 -2.87 27.50
CA CYS G 170 -31.41 -3.98 26.66
C CYS G 170 -30.19 -4.66 26.05
N PRO G 171 -30.01 -5.95 26.33
CA PRO G 171 -28.86 -6.68 25.78
C PRO G 171 -28.92 -6.80 24.27
N ALA G 172 -27.88 -7.37 23.67
CA ALA G 172 -27.88 -7.64 22.25
C ALA G 172 -29.10 -8.48 21.87
N GLY G 173 -29.73 -8.12 20.76
CA GLY G 173 -30.85 -8.89 20.24
C GLY G 173 -32.11 -8.86 21.06
N TRP G 174 -32.21 -7.97 22.03
CA TRP G 174 -33.37 -7.94 22.94
C TRP G 174 -34.66 -7.81 22.15
N LYS G 175 -35.62 -8.67 22.50
CA LYS G 175 -36.99 -8.59 22.04
C LYS G 175 -37.92 -8.53 23.24
N PRO G 176 -39.16 -8.04 23.05
CA PRO G 176 -40.13 -8.10 24.15
C PRO G 176 -40.30 -9.53 24.65
N GLY G 177 -40.28 -9.70 25.96
CA GLY G 177 -40.32 -11.01 26.57
C GLY G 177 -38.98 -11.53 27.03
N GLU G 178 -37.89 -11.02 26.48
CA GLU G 178 -36.56 -11.41 26.93
C GLU G 178 -36.20 -10.66 28.20
N LYS G 179 -35.25 -11.22 28.95
CA LYS G 179 -34.77 -10.53 30.14
C LYS G 179 -33.99 -9.28 29.76
N SER G 180 -34.20 -8.21 30.53
CA SER G 180 -33.37 -7.03 30.47
C SER G 180 -32.30 -7.15 31.55
N MET G 181 -31.64 -6.04 31.86
CA MET G 181 -30.63 -6.06 32.91
C MET G 181 -30.70 -4.77 33.71
N LYS G 182 -30.41 -4.89 35.01
CA LYS G 182 -30.18 -3.73 35.85
C LYS G 182 -28.68 -3.62 36.01
N PRO G 183 -28.03 -2.59 35.50
CA PRO G 183 -26.60 -2.46 35.75
C PRO G 183 -26.42 -2.20 37.25
N ASP G 184 -25.23 -2.47 37.75
CA ASP G 184 -25.15 -2.32 39.19
C ASP G 184 -24.15 -1.25 39.63
N PRO G 185 -24.06 -0.10 38.94
CA PRO G 185 -23.06 0.90 39.35
C PRO G 185 -23.27 1.31 40.80
N LYS G 186 -22.24 1.08 41.62
CA LYS G 186 -22.34 1.32 43.05
C LYS G 186 -21.99 2.78 43.33
N LEU G 187 -22.96 3.66 43.11
CA LEU G 187 -22.79 5.08 43.41
C LEU G 187 -23.21 5.32 44.86
N SER G 188 -22.38 6.05 45.61
CA SER G 188 -22.70 6.42 46.99
C SER G 188 -23.92 7.33 47.08
N PRO H 2 -21.09 12.32 3.88
CA PRO H 2 -21.38 11.24 4.83
C PRO H 2 -20.33 10.14 4.81
N LEU H 3 -20.19 9.40 5.91
CA LEU H 3 -19.29 8.25 5.92
C LEU H 3 -19.78 7.13 5.00
N VAL H 4 -21.07 6.82 5.06
CA VAL H 4 -21.61 5.73 4.26
C VAL H 4 -21.54 6.10 2.79
N GLY H 5 -21.07 5.16 1.97
CA GLY H 5 -20.85 5.35 0.57
C GLY H 5 -19.43 5.69 0.19
N ASN H 6 -18.53 5.82 1.17
CA ASN H 6 -17.16 6.23 0.93
C ASN H 6 -16.21 5.28 1.64
N LYS H 7 -14.93 5.41 1.29
CA LYS H 7 -13.89 4.61 1.92
C LYS H 7 -13.82 4.92 3.41
N ALA H 8 -13.64 3.87 4.20
CA ALA H 8 -13.52 4.03 5.63
C ALA H 8 -12.24 4.77 5.97
N PRO H 9 -12.23 5.58 7.04
CA PRO H 9 -10.98 6.16 7.52
C PRO H 9 -10.05 5.07 7.99
N ASP H 10 -8.87 4.99 7.39
CA ASP H 10 -7.92 3.95 7.76
C ASP H 10 -7.38 4.18 9.17
N PHE H 11 -7.01 3.09 9.84
CA PHE H 11 -6.35 3.20 11.13
C PHE H 11 -5.35 2.06 11.28
N GLU H 12 -4.39 2.27 12.18
CA GLU H 12 -3.50 1.21 12.63
C GLU H 12 -3.49 1.25 14.14
N ALA H 13 -3.89 0.16 14.78
CA ALA H 13 -4.07 0.17 16.21
C ALA H 13 -3.68 -1.17 16.78
N GLU H 14 -3.31 -1.15 18.06
CA GLU H 14 -3.06 -2.36 18.80
C GLU H 14 -4.38 -3.01 19.18
N ALA H 15 -4.35 -4.33 19.34
CA ALA H 15 -5.55 -5.09 19.65
C ALA H 15 -5.17 -6.30 20.46
N VAL H 16 -6.18 -6.91 21.08
CA VAL H 16 -6.02 -8.16 21.81
C VAL H 16 -6.69 -9.26 20.99
N PHE H 17 -5.96 -10.33 20.75
CA PHE H 17 -6.50 -11.48 20.04
C PHE H 17 -5.83 -12.72 20.57
N ASP H 18 -6.64 -13.69 20.98
CA ASP H 18 -6.11 -14.93 21.58
C ASP H 18 -5.21 -14.61 22.77
N GLN H 19 -5.61 -13.60 23.54
CA GLN H 19 -4.84 -13.14 24.71
C GLN H 19 -3.42 -12.71 24.34
N GLU H 20 -3.22 -12.22 23.12
CA GLU H 20 -1.94 -11.66 22.72
C GLU H 20 -2.14 -10.26 22.15
N PHE H 21 -1.08 -9.45 22.23
CA PHE H 21 -1.11 -8.10 21.67
C PHE H 21 -0.71 -8.17 20.20
N ILE H 22 -1.60 -7.71 19.32
CA ILE H 22 -1.35 -7.70 17.89
C ILE H 22 -1.60 -6.28 17.38
N LYS H 23 -1.30 -6.06 16.12
CA LYS H 23 -1.68 -4.84 15.44
C LYS H 23 -2.66 -5.16 14.33
N VAL H 24 -3.57 -4.23 14.07
CA VAL H 24 -4.57 -4.34 13.02
C VAL H 24 -4.54 -3.04 12.23
N LYS H 25 -4.44 -3.14 10.92
CA LYS H 25 -4.55 -2.01 10.00
C LYS H 25 -5.75 -2.26 9.11
N LEU H 26 -6.74 -1.35 9.14
CA LEU H 26 -8.02 -1.62 8.52
C LEU H 26 -7.89 -1.85 7.02
N SER H 27 -7.08 -1.03 6.35
CA SER H 27 -6.87 -1.18 4.91
C SER H 27 -6.23 -2.52 4.56
N ASP H 28 -5.61 -3.20 5.53
CA ASP H 28 -5.04 -4.51 5.23
C ASP H 28 -6.11 -5.51 4.85
N TYR H 29 -7.38 -5.24 5.14
CA TYR H 29 -8.43 -6.15 4.72
C TYR H 29 -8.95 -5.87 3.32
N ILE H 30 -8.61 -4.73 2.72
CA ILE H 30 -9.11 -4.42 1.39
C ILE H 30 -8.64 -5.49 0.41
N GLY H 31 -9.56 -5.94 -0.43
CA GLY H 31 -9.29 -7.02 -1.35
C GLY H 31 -9.38 -8.39 -0.75
N LYS H 32 -9.49 -8.51 0.57
CA LYS H 32 -9.42 -9.80 1.24
C LYS H 32 -10.72 -10.16 1.94
N LYS H 33 -11.25 -9.31 2.81
CA LYS H 33 -12.48 -9.64 3.53
C LYS H 33 -13.37 -8.43 3.68
N TYR H 34 -14.67 -8.70 3.82
CA TYR H 34 -15.58 -7.74 4.41
C TYR H 34 -15.22 -7.54 5.88
N VAL H 35 -15.51 -6.35 6.39
CA VAL H 35 -15.21 -6.02 7.78
C VAL H 35 -16.48 -5.55 8.46
N ILE H 36 -16.76 -6.10 9.62
CA ILE H 36 -17.80 -5.58 10.49
C ILE H 36 -17.09 -4.92 11.66
N LEU H 37 -17.04 -3.59 11.64
CA LEU H 37 -16.32 -2.81 12.65
C LEU H 37 -17.33 -2.17 13.58
N PHE H 38 -17.38 -2.62 14.82
CA PHE H 38 -18.33 -2.07 15.78
C PHE H 38 -17.59 -1.49 16.97
N PHE H 39 -18.07 -0.34 17.44
CA PHE H 39 -17.60 0.33 18.64
C PHE H 39 -18.52 0.00 19.79
N TYR H 40 -17.96 0.01 20.99
CA TYR H 40 -18.73 -0.07 22.23
C TYR H 40 -18.09 0.89 23.21
N PRO H 41 -18.85 1.37 24.20
CA PRO H 41 -18.33 2.48 25.02
C PRO H 41 -17.14 2.14 25.91
N LEU H 42 -17.26 1.18 26.82
CA LEU H 42 -16.20 0.97 27.81
C LEU H 42 -16.14 -0.50 28.20
N ASP H 43 -14.95 -0.93 28.63
CA ASP H 43 -14.80 -2.26 29.21
C ASP H 43 -15.43 -2.31 30.60
N PHE H 44 -15.78 -3.53 31.02
CA PHE H 44 -16.35 -3.83 32.34
C PHE H 44 -17.70 -3.16 32.53
N THR H 45 -18.50 -3.12 31.46
CA THR H 45 -19.85 -2.60 31.50
C THR H 45 -20.85 -3.73 31.28
N PHE H 46 -21.99 -3.43 30.65
CA PHE H 46 -23.15 -4.30 30.83
C PHE H 46 -23.80 -4.73 29.52
N VAL H 47 -24.24 -3.77 28.69
CA VAL H 47 -24.69 -4.12 27.35
C VAL H 47 -23.52 -4.58 26.48
N SER H 48 -22.38 -3.89 26.62
CA SER H 48 -21.22 -4.16 25.78
C SER H 48 -20.81 -5.63 25.75
N PRO H 49 -20.67 -6.32 26.89
CA PRO H 49 -20.30 -7.74 26.82
C PRO H 49 -21.32 -8.59 26.09
N THR H 50 -22.62 -8.31 26.24
CA THR H 50 -23.61 -9.11 25.50
C THR H 50 -23.43 -8.94 24.01
N GLU H 51 -23.12 -7.72 23.57
CA GLU H 51 -22.86 -7.53 22.15
C GLU H 51 -21.58 -8.27 21.72
N ILE H 52 -20.51 -8.14 22.52
CA ILE H 52 -19.21 -8.68 22.15
C ILE H 52 -19.26 -10.21 22.08
N THR H 53 -19.80 -10.85 23.12
CA THR H 53 -19.88 -12.31 23.10
C THR H 53 -20.92 -12.78 22.11
N ALA H 54 -21.98 -12.00 21.87
CA ALA H 54 -22.93 -12.35 20.83
C ALA H 54 -22.22 -12.48 19.49
N PHE H 55 -21.36 -11.51 19.16
CA PHE H 55 -20.62 -11.61 17.90
C PHE H 55 -19.59 -12.73 17.94
N SER H 56 -18.93 -12.93 19.10
CA SER H 56 -17.93 -13.99 19.17
C SER H 56 -18.56 -15.36 18.94
N ASP H 57 -19.72 -15.60 19.53
CA ASP H 57 -20.35 -16.92 19.44
C ASP H 57 -20.78 -17.24 18.01
N ARG H 58 -21.08 -16.23 17.21
CA ARG H 58 -21.48 -16.47 15.83
C ARG H 58 -20.38 -16.11 14.83
N HIS H 59 -19.15 -15.93 15.29
CA HIS H 59 -18.08 -15.48 14.41
C HIS H 59 -17.89 -16.41 13.23
N SER H 60 -18.13 -17.71 13.42
CA SER H 60 -17.94 -18.67 12.34
C SER H 60 -18.89 -18.40 11.17
N GLU H 61 -20.12 -17.96 11.48
CA GLU H 61 -21.06 -17.61 10.42
C GLU H 61 -20.49 -16.50 9.54
N PHE H 62 -19.82 -15.53 10.14
CA PHE H 62 -19.21 -14.46 9.36
C PHE H 62 -17.95 -14.93 8.65
N GLU H 63 -17.19 -15.82 9.27
CA GLU H 63 -15.98 -16.32 8.62
C GLU H 63 -16.34 -17.09 7.36
N LYS H 64 -17.43 -17.86 7.40
CA LYS H 64 -17.90 -18.53 6.19
C LYS H 64 -18.36 -17.54 5.14
N LEU H 65 -18.71 -16.32 5.53
CA LEU H 65 -19.10 -15.29 4.58
C LEU H 65 -17.95 -14.35 4.24
N ASN H 66 -16.71 -14.76 4.52
CA ASN H 66 -15.51 -14.01 4.18
C ASN H 66 -15.51 -12.63 4.83
N THR H 67 -15.88 -12.59 6.11
CA THR H 67 -16.06 -11.36 6.87
C THR H 67 -15.36 -11.49 8.21
N GLU H 68 -14.61 -10.46 8.59
CA GLU H 68 -13.99 -10.39 9.91
C GLU H 68 -14.78 -9.43 10.80
N VAL H 69 -14.79 -9.71 12.10
CA VAL H 69 -15.41 -8.84 13.08
C VAL H 69 -14.31 -8.13 13.88
N LEU H 70 -14.51 -6.82 14.11
CA LEU H 70 -13.57 -6.01 14.88
C LEU H 70 -14.35 -5.16 15.88
N GLY H 71 -14.08 -5.37 17.16
CA GLY H 71 -14.63 -4.53 18.23
C GLY H 71 -13.63 -3.48 18.65
N VAL H 72 -14.13 -2.27 18.95
CA VAL H 72 -13.26 -1.14 19.28
C VAL H 72 -13.84 -0.40 20.48
N SER H 73 -12.98 -0.03 21.43
CA SER H 73 -13.37 0.91 22.46
C SER H 73 -12.14 1.71 22.87
N VAL H 74 -12.40 2.78 23.63
CA VAL H 74 -11.34 3.71 24.02
C VAL H 74 -10.43 3.18 25.13
N ASP H 75 -10.72 2.00 25.67
CA ASP H 75 -9.87 1.41 26.68
C ASP H 75 -8.55 0.91 26.09
N SER H 76 -7.59 0.66 26.98
CA SER H 76 -6.30 0.12 26.57
C SER H 76 -6.39 -1.39 26.38
N VAL H 77 -5.32 -1.94 25.81
CA VAL H 77 -5.24 -3.39 25.67
C VAL H 77 -5.12 -4.07 27.02
N PHE H 78 -4.70 -3.34 28.07
CA PHE H 78 -4.64 -3.94 29.40
C PHE H 78 -6.01 -4.11 30.02
N SER H 79 -6.90 -3.13 29.84
CA SER H 79 -8.29 -3.33 30.22
C SER H 79 -8.90 -4.47 29.40
N HIS H 80 -8.65 -4.48 28.09
CA HIS H 80 -9.18 -5.52 27.22
C HIS H 80 -8.72 -6.91 27.68
N LEU H 81 -7.42 -7.09 27.89
CA LEU H 81 -6.89 -8.40 28.28
C LEU H 81 -7.42 -8.80 29.64
N ALA H 82 -7.51 -7.85 30.57
CA ALA H 82 -8.13 -8.15 31.86
C ALA H 82 -9.56 -8.62 31.67
N TRP H 83 -10.27 -8.05 30.70
CA TRP H 83 -11.68 -8.42 30.50
C TRP H 83 -11.82 -9.78 29.82
N VAL H 84 -10.92 -10.09 28.88
CA VAL H 84 -10.93 -11.40 28.22
C VAL H 84 -10.64 -12.51 29.22
N GLN H 85 -9.73 -12.26 30.16
CA GLN H 85 -9.36 -13.27 31.13
C GLN H 85 -10.32 -13.37 32.30
N THR H 86 -11.45 -12.67 32.23
CA THR H 86 -12.53 -12.80 33.20
C THR H 86 -13.60 -13.73 32.62
N ASP H 87 -14.16 -14.58 33.47
CA ASP H 87 -15.20 -15.52 33.04
C ASP H 87 -16.46 -14.77 32.61
N ARG H 88 -17.18 -15.34 31.64
CA ARG H 88 -18.45 -14.74 31.25
C ARG H 88 -19.42 -14.76 32.42
N LYS H 89 -19.37 -15.80 33.25
CA LYS H 89 -20.24 -15.86 34.42
C LYS H 89 -19.91 -14.76 35.42
N SER H 90 -18.70 -14.18 35.36
CA SER H 90 -18.28 -13.10 36.23
C SER H 90 -18.43 -11.73 35.58
N GLY H 91 -19.23 -11.62 34.52
CA GLY H 91 -19.37 -10.38 33.79
C GLY H 91 -18.28 -10.12 32.78
N GLY H 92 -17.39 -11.08 32.55
CA GLY H 92 -16.30 -10.93 31.62
C GLY H 92 -16.67 -11.37 30.23
N LEU H 93 -15.65 -11.46 29.38
CA LEU H 93 -15.80 -11.82 27.98
C LEU H 93 -15.42 -13.26 27.67
N GLY H 94 -14.56 -13.86 28.47
CA GLY H 94 -13.99 -15.12 28.06
C GLY H 94 -13.12 -14.91 26.83
N ASP H 95 -12.80 -16.02 26.16
CA ASP H 95 -11.98 -15.97 24.96
C ASP H 95 -12.82 -15.50 23.78
N LEU H 96 -12.23 -14.68 22.94
CA LEU H 96 -12.92 -14.08 21.80
C LEU H 96 -12.35 -14.63 20.51
N ASN H 97 -13.21 -14.71 19.50
CA ASN H 97 -12.82 -15.24 18.19
C ASN H 97 -12.29 -14.18 17.25
N TYR H 98 -12.25 -12.92 17.67
CA TYR H 98 -11.85 -11.82 16.79
C TYR H 98 -11.15 -10.79 17.66
N PRO H 99 -10.44 -9.85 17.05
CA PRO H 99 -9.66 -8.89 17.84
C PRO H 99 -10.51 -7.85 18.57
N LEU H 100 -10.07 -7.52 19.79
CA LEU H 100 -10.55 -6.37 20.55
C LEU H 100 -9.53 -5.25 20.38
N ILE H 101 -9.91 -4.20 19.69
CA ILE H 101 -9.00 -3.13 19.30
C ILE H 101 -9.04 -2.03 20.36
N SER H 102 -7.90 -1.40 20.57
CA SER H 102 -7.78 -0.33 21.55
C SER H 102 -7.71 1.02 20.84
N ASP H 103 -8.64 1.91 21.16
CA ASP H 103 -8.65 3.28 20.63
C ASP H 103 -8.23 4.27 21.71
N VAL H 104 -6.99 4.15 22.21
CA VAL H 104 -6.58 4.91 23.40
C VAL H 104 -6.58 6.41 23.13
N THR H 105 -6.15 6.82 21.93
CA THR H 105 -6.12 8.24 21.58
C THR H 105 -7.47 8.78 21.14
N LYS H 106 -8.47 7.89 20.96
CA LYS H 106 -9.83 8.21 20.56
C LYS H 106 -9.91 8.68 19.11
N SER H 107 -8.82 8.57 18.35
CA SER H 107 -8.82 9.05 16.98
C SER H 107 -9.70 8.20 16.07
N ILE H 108 -9.78 6.89 16.33
CA ILE H 108 -10.59 6.03 15.47
C ILE H 108 -12.07 6.36 15.67
N SER H 109 -12.52 6.41 16.92
CA SER H 109 -13.88 6.84 17.19
C SER H 109 -14.15 8.22 16.62
N LYS H 110 -13.18 9.12 16.73
CA LYS H 110 -13.35 10.46 16.17
C LYS H 110 -13.60 10.40 14.67
N SER H 111 -12.82 9.58 13.97
CA SER H 111 -12.92 9.56 12.51
C SER H 111 -14.22 8.93 12.03
N PHE H 112 -14.85 8.07 12.82
CA PHE H 112 -16.12 7.47 12.45
C PHE H 112 -17.34 8.23 13.01
N GLY H 113 -17.11 9.39 13.62
CA GLY H 113 -18.16 10.24 14.14
C GLY H 113 -18.97 9.67 15.29
N VAL H 114 -18.42 8.69 16.00
CA VAL H 114 -19.15 8.02 17.09
C VAL H 114 -18.63 8.41 18.45
N LEU H 115 -17.66 9.31 18.53
CA LEU H 115 -17.10 9.71 19.81
C LEU H 115 -17.98 10.77 20.46
N ILE H 116 -18.51 10.47 21.65
CA ILE H 116 -19.19 11.46 22.49
C ILE H 116 -18.10 12.28 23.18
N HIS H 117 -17.86 13.51 22.69
CA HIS H 117 -16.74 14.31 23.19
C HIS H 117 -16.90 14.70 24.64
N ASP H 118 -18.14 14.91 25.10
CA ASP H 118 -18.39 15.18 26.51
C ASP H 118 -17.79 14.10 27.39
N GLN H 119 -17.97 12.84 27.00
CA GLN H 119 -17.68 11.70 27.87
C GLN H 119 -16.45 10.91 27.45
N GLY H 120 -15.88 11.19 26.27
CA GLY H 120 -14.67 10.50 25.88
C GLY H 120 -14.86 9.05 25.52
N ILE H 121 -16.07 8.64 25.15
CA ILE H 121 -16.38 7.26 24.80
C ILE H 121 -17.15 7.23 23.49
N ALA H 122 -17.22 6.04 22.89
CA ALA H 122 -17.89 5.87 21.61
C ALA H 122 -19.31 5.37 21.83
N LEU H 123 -20.19 5.77 20.91
CA LEU H 123 -21.54 5.22 20.85
C LEU H 123 -21.50 3.76 20.39
N ARG H 124 -22.65 3.09 20.46
CA ARG H 124 -22.78 1.73 19.94
C ARG H 124 -22.95 1.81 18.43
N GLY H 125 -21.87 2.19 17.75
CA GLY H 125 -21.86 2.33 16.31
C GLY H 125 -21.32 1.08 15.61
N LEU H 126 -21.99 0.69 14.53
CA LEU H 126 -21.55 -0.47 13.77
C LEU H 126 -21.46 -0.08 12.30
N PHE H 127 -20.41 -0.56 11.63
CA PHE H 127 -20.13 -0.23 10.25
C PHE H 127 -19.79 -1.49 9.46
N ILE H 128 -20.44 -1.67 8.31
CA ILE H 128 -20.13 -2.78 7.42
C ILE H 128 -19.32 -2.23 6.24
N ILE H 129 -18.14 -2.79 6.04
CA ILE H 129 -17.15 -2.33 5.06
C ILE H 129 -16.93 -3.43 4.03
N ASP H 130 -16.98 -3.08 2.75
CA ASP H 130 -16.89 -4.11 1.71
C ASP H 130 -15.42 -4.42 1.39
N LYS H 131 -15.20 -5.37 0.46
CA LYS H 131 -13.83 -5.81 0.17
C LYS H 131 -12.99 -4.69 -0.42
N GLU H 132 -13.62 -3.65 -0.96
CA GLU H 132 -12.88 -2.50 -1.46
C GLU H 132 -12.64 -1.44 -0.39
N GLY H 133 -13.12 -1.65 0.83
CA GLY H 133 -12.92 -0.67 1.89
C GLY H 133 -13.94 0.43 1.98
N VAL H 134 -15.10 0.29 1.34
CA VAL H 134 -16.13 1.33 1.31
C VAL H 134 -17.20 1.01 2.34
N ILE H 135 -17.61 2.02 3.13
CA ILE H 135 -18.67 1.84 4.10
C ILE H 135 -20.01 1.71 3.39
N GLN H 136 -20.73 0.63 3.68
CA GLN H 136 -22.03 0.37 3.07
C GLN H 136 -23.18 0.46 4.05
N HIS H 137 -22.92 0.46 5.36
CA HIS H 137 -24.00 0.46 6.32
C HIS H 137 -23.53 1.05 7.64
N SER H 138 -24.45 1.72 8.32
CA SER H 138 -24.22 2.27 9.65
C SER H 138 -25.38 1.87 10.55
N THR H 139 -25.06 1.38 11.75
CA THR H 139 -26.03 1.26 12.83
C THR H 139 -25.42 1.98 14.03
N ILE H 140 -26.12 2.98 14.54
CA ILE H 140 -25.62 3.76 15.68
C ILE H 140 -26.75 3.84 16.70
N ASN H 141 -26.56 3.20 17.84
CA ASN H 141 -27.52 3.19 18.93
C ASN H 141 -27.01 4.04 20.09
N ASN H 142 -27.95 4.63 20.82
CA ASN H 142 -27.57 5.24 22.08
C ASN H 142 -27.18 4.15 23.09
N LEU H 143 -26.59 4.58 24.21
CA LEU H 143 -25.83 3.65 25.06
C LEU H 143 -26.69 2.53 25.62
N GLY H 144 -27.99 2.74 25.80
CA GLY H 144 -28.80 1.75 26.47
C GLY H 144 -29.35 0.64 25.61
N ILE H 145 -29.20 0.73 24.29
CA ILE H 145 -29.87 -0.15 23.35
C ILE H 145 -28.86 -1.10 22.71
N GLY H 146 -28.95 -2.38 23.05
CA GLY H 146 -28.09 -3.36 22.41
C GLY H 146 -28.45 -3.54 20.95
N ARG H 147 -27.45 -3.92 20.17
CA ARG H 147 -27.62 -4.15 18.74
C ARG H 147 -28.01 -5.61 18.48
N SER H 148 -28.15 -5.96 17.21
CA SER H 148 -28.67 -7.25 16.78
C SER H 148 -27.70 -7.92 15.82
N VAL H 149 -27.21 -9.11 16.20
CA VAL H 149 -26.38 -9.85 15.25
C VAL H 149 -27.19 -10.27 14.02
N ASP H 150 -28.48 -10.58 14.23
CA ASP H 150 -29.32 -11.02 13.11
C ASP H 150 -29.43 -9.96 12.03
N GLU H 151 -29.71 -8.72 12.42
CA GLU H 151 -29.86 -7.68 11.41
C GLU H 151 -28.52 -7.36 10.74
N THR H 152 -27.42 -7.48 11.49
CA THR H 152 -26.11 -7.30 10.88
C THR H 152 -25.86 -8.35 9.80
N MET H 153 -26.22 -9.61 10.10
CA MET H 153 -26.12 -10.69 9.12
C MET H 153 -26.99 -10.45 7.90
N ARG H 154 -28.23 -9.98 8.11
CA ARG H 154 -29.11 -9.68 6.99
C ARG H 154 -28.52 -8.60 6.11
N THR H 155 -28.08 -7.49 6.72
CA THR H 155 -27.54 -6.39 5.94
C THR H 155 -26.29 -6.81 5.17
N LEU H 156 -25.40 -7.55 5.83
CA LEU H 156 -24.21 -8.04 5.14
C LEU H 156 -24.57 -8.97 3.99
N GLN H 157 -25.55 -9.86 4.21
CA GLN H 157 -25.92 -10.78 3.14
C GLN H 157 -26.51 -10.05 1.96
N ALA H 158 -27.30 -9.01 2.22
CA ALA H 158 -27.83 -8.21 1.12
C ALA H 158 -26.71 -7.52 0.36
N LEU H 159 -25.74 -6.94 1.09
CA LEU H 159 -24.63 -6.27 0.42
C LEU H 159 -23.86 -7.23 -0.48
N GLN H 160 -23.57 -8.42 0.04
CA GLN H 160 -22.86 -9.40 -0.76
C GLN H 160 -23.68 -9.83 -1.97
N TYR H 161 -24.99 -10.00 -1.80
CA TYR H 161 -25.84 -10.37 -2.92
C TYR H 161 -25.78 -9.34 -4.03
N ILE H 162 -25.99 -8.07 -3.70
CA ILE H 162 -26.01 -7.06 -4.76
C ILE H 162 -24.62 -6.78 -5.32
N GLN H 163 -23.55 -7.12 -4.59
CA GLN H 163 -22.23 -6.96 -5.19
C GLN H 163 -21.84 -8.15 -6.07
N GLU H 164 -22.42 -9.32 -5.82
CA GLU H 164 -22.20 -10.49 -6.68
C GLU H 164 -23.06 -10.43 -7.94
N ASN H 165 -24.26 -9.84 -7.85
CA ASN H 165 -25.18 -9.63 -8.98
C ASN H 165 -25.44 -8.13 -9.09
N PRO H 166 -24.50 -7.36 -9.62
CA PRO H 166 -24.59 -5.89 -9.50
C PRO H 166 -25.77 -5.27 -10.22
N ASP H 167 -26.56 -6.09 -10.92
CA ASP H 167 -27.76 -5.62 -11.60
C ASP H 167 -29.01 -5.76 -10.76
N GLU H 168 -28.88 -6.22 -9.51
CA GLU H 168 -29.99 -6.39 -8.59
C GLU H 168 -29.88 -5.35 -7.48
N VAL H 169 -31.02 -5.07 -6.85
CA VAL H 169 -31.04 -4.29 -5.61
C VAL H 169 -31.99 -5.00 -4.67
N CYS H 170 -31.84 -4.74 -3.38
CA CYS H 170 -32.58 -5.50 -2.38
C CYS H 170 -33.71 -4.68 -1.80
N PRO H 171 -34.96 -5.14 -1.93
CA PRO H 171 -36.11 -4.41 -1.36
C PRO H 171 -36.12 -4.43 0.16
N ALA H 172 -37.10 -3.76 0.75
CA ALA H 172 -37.26 -3.77 2.19
C ALA H 172 -37.33 -5.21 2.70
N GLY H 173 -36.66 -5.46 3.82
CA GLY H 173 -36.74 -6.77 4.46
C GLY H 173 -36.13 -7.93 3.70
N TRP H 174 -35.33 -7.66 2.68
CA TRP H 174 -34.81 -8.74 1.86
C TRP H 174 -34.00 -9.73 2.70
N LYS H 175 -34.30 -11.00 2.51
CA LYS H 175 -33.53 -12.13 3.02
C LYS H 175 -33.16 -13.00 1.84
N PRO H 176 -32.13 -13.82 1.96
CA PRO H 176 -31.81 -14.78 0.88
C PRO H 176 -33.01 -15.66 0.56
N GLY H 177 -33.30 -15.78 -0.74
CA GLY H 177 -34.47 -16.48 -1.22
C GLY H 177 -35.61 -15.58 -1.64
N GLU H 178 -35.66 -14.36 -1.13
CA GLU H 178 -36.69 -13.40 -1.51
C GLU H 178 -36.38 -12.81 -2.88
N LYS H 179 -37.42 -12.29 -3.52
CA LYS H 179 -37.23 -11.65 -4.81
C LYS H 179 -36.41 -10.39 -4.63
N SER H 180 -35.45 -10.20 -5.52
CA SER H 180 -34.79 -8.91 -5.65
C SER H 180 -35.46 -8.17 -6.79
N MET H 181 -34.88 -7.04 -7.20
CA MET H 181 -35.44 -6.32 -8.34
C MET H 181 -34.30 -5.64 -9.08
N LYS H 182 -34.57 -5.34 -10.35
CA LYS H 182 -33.62 -4.66 -11.20
C LYS H 182 -33.88 -3.15 -11.14
N PRO H 183 -32.93 -2.33 -10.66
CA PRO H 183 -33.18 -0.89 -10.55
C PRO H 183 -33.23 -0.20 -11.90
N ASP H 184 -34.31 -0.44 -12.61
CA ASP H 184 -34.52 0.01 -13.98
C ASP H 184 -35.99 0.32 -14.19
N PRO H 185 -36.32 1.55 -14.61
CA PRO H 185 -37.75 1.92 -14.75
C PRO H 185 -38.57 0.90 -15.50
N LYS H 186 -37.99 0.23 -16.49
CA LYS H 186 -38.74 -0.70 -17.33
C LYS H 186 -38.73 -2.13 -16.75
N LEU H 187 -37.61 -2.59 -16.20
CA LEU H 187 -37.53 -3.94 -15.67
C LEU H 187 -38.01 -4.08 -14.24
N SER H 188 -38.09 -2.97 -13.51
CA SER H 188 -38.61 -3.04 -12.15
C SER H 188 -40.07 -3.50 -12.14
N LYS H 189 -40.81 -3.25 -13.24
CA LYS H 189 -42.17 -3.74 -13.34
C LYS H 189 -42.24 -5.25 -13.14
N GLU H 190 -41.18 -5.96 -13.58
CA GLU H 190 -41.06 -7.39 -13.34
C GLU H 190 -41.32 -7.73 -11.88
N TYR H 191 -40.77 -6.93 -10.97
CA TYR H 191 -41.03 -7.09 -9.54
C TYR H 191 -42.41 -6.57 -9.16
N PHE H 192 -42.76 -5.39 -9.64
CA PHE H 192 -43.96 -4.72 -9.12
C PHE H 192 -45.24 -5.43 -9.53
N SER H 193 -45.20 -6.31 -10.53
CA SER H 193 -46.39 -7.03 -10.96
C SER H 193 -46.73 -8.25 -10.08
N ALA H 194 -46.28 -8.27 -8.82
CA ALA H 194 -46.60 -9.37 -7.91
C ALA H 194 -47.18 -8.84 -6.59
N PRO I 2 5.19 28.61 34.18
CA PRO I 2 5.20 27.20 34.60
C PRO I 2 4.03 26.87 35.51
N LEU I 3 3.66 25.59 35.60
CA LEU I 3 2.59 25.17 36.52
C LEU I 3 3.02 25.38 37.97
N VAL I 4 4.26 25.02 38.31
CA VAL I 4 4.71 25.14 39.69
C VAL I 4 4.77 26.62 40.07
N GLY I 5 4.21 26.96 41.22
CA GLY I 5 4.13 28.34 41.64
C GLY I 5 2.81 29.03 41.38
N ASN I 6 1.85 28.34 40.75
CA ASN I 6 0.56 28.94 40.42
C ASN I 6 -0.57 28.04 40.87
N LYS I 7 -1.79 28.59 40.87
CA LYS I 7 -2.96 27.81 41.23
C LYS I 7 -3.13 26.64 40.29
N ALA I 8 -3.46 25.48 40.85
CA ALA I 8 -3.64 24.29 40.04
C ALA I 8 -4.84 24.45 39.12
N PRO I 9 -4.77 23.87 37.92
CA PRO I 9 -5.96 23.80 37.07
C PRO I 9 -7.04 22.96 37.73
N ASP I 10 -8.19 23.57 37.99
CA ASP I 10 -9.27 22.87 38.66
C ASP I 10 -9.88 21.82 37.76
N PHE I 11 -10.44 20.77 38.36
CA PHE I 11 -11.17 19.77 37.61
C PHE I 11 -12.29 19.22 38.48
N GLU I 12 -13.28 18.61 37.82
CA GLU I 12 -14.32 17.84 38.48
C GLU I 12 -14.43 16.51 37.74
N ALA I 13 -14.24 15.40 38.46
CA ALA I 13 -14.16 14.11 37.79
C ALA I 13 -14.76 13.01 38.66
N GLU I 14 -15.18 11.94 38.00
CA GLU I 14 -15.64 10.75 38.71
C GLU I 14 -14.43 9.97 39.23
N ALA I 15 -14.65 9.26 40.35
CA ALA I 15 -13.58 8.54 41.00
C ALA I 15 -14.15 7.33 41.70
N VAL I 16 -13.25 6.42 42.06
CA VAL I 16 -13.59 5.23 42.83
C VAL I 16 -13.06 5.44 44.24
N PHE I 17 -13.93 5.25 45.22
CA PHE I 17 -13.55 5.33 46.62
C PHE I 17 -14.43 4.37 47.40
N ASP I 18 -13.81 3.51 48.20
CA ASP I 18 -14.52 2.47 48.94
C ASP I 18 -15.33 1.59 47.98
N GLN I 19 -14.78 1.34 46.80
CA GLN I 19 -15.44 0.55 45.75
C GLN I 19 -16.79 1.14 45.37
N GLU I 20 -16.94 2.45 45.50
CA GLU I 20 -18.14 3.14 45.04
C GLU I 20 -17.75 4.31 44.15
N PHE I 21 -18.66 4.71 43.28
CA PHE I 21 -18.43 5.84 42.40
C PHE I 21 -18.75 7.13 43.13
N ILE I 22 -17.79 8.07 43.19
CA ILE I 22 -18.00 9.37 43.79
C ILE I 22 -17.56 10.44 42.80
N LYS I 23 -17.79 11.70 43.15
CA LYS I 23 -17.24 12.82 42.41
C LYS I 23 -16.21 13.55 43.28
N VAL I 24 -15.19 14.06 42.62
CA VAL I 24 -14.12 14.79 43.28
C VAL I 24 -13.89 16.08 42.51
N LYS I 25 -13.94 17.20 43.21
CA LYS I 25 -13.58 18.49 42.64
C LYS I 25 -12.35 18.99 43.39
N LEU I 26 -11.27 19.25 42.65
CA LEU I 26 -9.99 19.55 43.27
C LEU I 26 -10.07 20.81 44.13
N SER I 27 -10.75 21.85 43.62
CA SER I 27 -10.87 23.09 44.38
C SER I 27 -11.60 22.89 45.70
N ASP I 28 -12.36 21.80 45.84
CA ASP I 28 -13.01 21.51 47.12
C ASP I 28 -12.01 21.26 48.24
N TYR I 29 -10.75 21.00 47.92
CA TYR I 29 -9.75 20.84 48.96
C TYR I 29 -9.10 22.14 49.38
N ILE I 30 -9.29 23.23 48.62
CA ILE I 30 -8.70 24.50 49.00
C ILE I 30 -9.26 24.92 50.37
N GLY I 31 -8.37 25.38 51.25
CA GLY I 31 -8.76 25.72 52.60
C GLY I 31 -8.86 24.55 53.56
N LYS I 32 -8.77 23.31 53.09
CA LYS I 32 -8.99 22.15 53.94
C LYS I 32 -7.76 21.27 54.07
N LYS I 33 -7.17 20.79 52.98
CA LYS I 33 -6.01 19.92 53.06
C LYS I 33 -5.01 20.16 51.94
N TYR I 34 -3.75 19.82 52.21
CA TYR I 34 -2.78 19.61 51.16
C TYR I 34 -3.21 18.43 50.29
N VAL I 35 -2.82 18.49 49.02
CA VAL I 35 -3.18 17.47 48.04
C VAL I 35 -1.93 16.91 47.39
N ILE I 36 -1.83 15.60 47.31
CA ILE I 36 -0.84 14.93 46.50
C ILE I 36 -1.58 14.30 45.33
N LEU I 37 -1.44 14.90 44.15
CA LEU I 37 -2.14 14.45 42.95
C LEU I 37 -1.14 13.76 42.03
N PHE I 38 -1.28 12.46 41.84
CA PHE I 38 -0.33 11.71 41.01
C PHE I 38 -1.03 11.02 39.85
N PHE I 39 -0.41 11.11 38.68
CA PHE I 39 -0.84 10.48 37.44
C PHE I 39 -0.06 9.19 37.23
N TYR I 40 -0.69 8.22 36.57
CA TYR I 40 -0.04 7.01 36.10
C TYR I 40 -0.62 6.70 34.73
N PRO I 41 0.11 5.94 33.89
CA PRO I 41 -0.32 5.78 32.50
C PRO I 41 -1.60 4.97 32.34
N LEU I 42 -1.67 3.75 32.87
CA LEU I 42 -2.82 2.91 32.58
C LEU I 42 -3.10 1.95 33.73
N ASP I 43 -4.36 1.54 33.83
CA ASP I 43 -4.74 0.46 34.74
C ASP I 43 -4.22 -0.88 34.22
N PHE I 44 -4.03 -1.80 35.15
CA PHE I 44 -3.59 -3.17 34.84
C PHE I 44 -2.20 -3.19 34.22
N THR I 45 -1.33 -2.29 34.69
CA THR I 45 0.05 -2.28 34.26
C THR I 45 0.92 -2.70 35.45
N PHE I 46 2.13 -2.15 35.56
CA PHE I 46 3.15 -2.86 36.32
C PHE I 46 3.87 -1.99 37.35
N VAL I 47 4.51 -0.90 36.94
CA VAL I 47 5.01 0.06 37.93
C VAL I 47 3.85 0.72 38.65
N SER I 48 2.79 1.03 37.90
CA SER I 48 1.63 1.76 38.42
C SER I 48 1.02 1.11 39.66
N PRO I 49 0.71 -0.20 39.68
CA PRO I 49 0.14 -0.77 40.93
C PRO I 49 1.08 -0.67 42.11
N THR I 50 2.39 -0.82 41.91
CA THR I 50 3.32 -0.69 43.03
C THR I 50 3.29 0.73 43.59
N GLU I 51 3.19 1.73 42.72
CA GLU I 51 3.06 3.11 43.21
C GLU I 51 1.74 3.30 43.96
N ILE I 52 0.64 2.83 43.38
CA ILE I 52 -0.69 3.08 43.94
C ILE I 52 -0.82 2.44 45.32
N THR I 53 -0.40 1.17 45.44
CA THR I 53 -0.49 0.51 46.74
C THR I 53 0.55 1.06 47.72
N ALA I 54 1.72 1.49 47.22
CA ALA I 54 2.67 2.14 48.10
C ALA I 54 2.05 3.36 48.77
N PHE I 55 1.36 4.20 48.00
CA PHE I 55 0.73 5.37 48.62
C PHE I 55 -0.42 4.96 49.51
N SER I 56 -1.18 3.93 49.12
CA SER I 56 -2.31 3.52 49.94
C SER I 56 -1.84 3.02 51.31
N ASP I 57 -0.75 2.25 51.35
CA ASP I 57 -0.29 1.67 52.60
C ASP I 57 0.19 2.73 53.57
N ARG I 58 0.67 3.87 53.07
CA ARG I 58 1.12 4.95 53.93
C ARG I 58 0.13 6.10 53.97
N HIS I 59 -1.10 5.87 53.53
CA HIS I 59 -2.10 6.95 53.52
C HIS I 59 -2.33 7.52 54.91
N SER I 60 -2.19 6.70 55.95
CA SER I 60 -2.42 7.21 57.31
C SER I 60 -1.42 8.29 57.67
N GLU I 61 -0.18 8.15 57.22
CA GLU I 61 0.82 9.19 57.47
C GLU I 61 0.43 10.52 56.84
N PHE I 62 -0.10 10.47 55.62
CA PHE I 62 -0.52 11.70 54.95
C PHE I 62 -1.77 12.27 55.60
N GLU I 63 -2.67 11.40 56.03
CA GLU I 63 -3.88 11.85 56.72
C GLU I 63 -3.51 12.55 58.02
N LYS I 64 -2.49 12.03 58.72
CA LYS I 64 -1.96 12.68 59.91
C LYS I 64 -1.32 14.02 59.61
N LEU I 65 -0.89 14.23 58.37
CA LEU I 65 -0.33 15.50 57.92
C LEU I 65 -1.36 16.36 57.18
N ASN I 66 -2.65 16.06 57.34
CA ASN I 66 -3.72 16.86 56.74
C ASN I 66 -3.57 16.92 55.22
N THR I 67 -3.30 15.77 54.62
CA THR I 67 -3.03 15.66 53.19
C THR I 67 -3.85 14.51 52.63
N GLU I 68 -4.51 14.76 51.51
CA GLU I 68 -5.20 13.71 50.78
C GLU I 68 -4.37 13.30 49.57
N VAL I 69 -4.45 12.02 49.21
CA VAL I 69 -3.82 11.51 48.01
C VAL I 69 -4.90 11.24 46.97
N LEU I 70 -4.62 11.60 45.72
CA LEU I 70 -5.51 11.40 44.59
C LEU I 70 -4.72 10.82 43.43
N GLY I 71 -5.09 9.63 42.98
CA GLY I 71 -4.51 9.01 41.79
C GLY I 71 -5.38 9.25 40.56
N VAL I 72 -4.74 9.45 39.42
CA VAL I 72 -5.40 9.79 38.18
C VAL I 72 -4.83 8.95 37.06
N SER I 73 -5.70 8.45 36.19
CA SER I 73 -5.30 7.89 34.93
C SER I 73 -6.41 8.14 33.91
N VAL I 74 -6.10 7.86 32.65
CA VAL I 74 -7.09 8.04 31.58
C VAL I 74 -8.15 6.94 31.57
N ASP I 75 -8.02 5.93 32.43
CA ASP I 75 -8.97 4.83 32.44
C ASP I 75 -10.31 5.26 33.04
N SER I 76 -11.34 4.46 32.73
CA SER I 76 -12.67 4.75 33.25
C SER I 76 -12.79 4.26 34.68
N VAL I 77 -13.87 4.63 35.34
CA VAL I 77 -14.10 4.17 36.71
C VAL I 77 -14.42 2.68 36.73
N PHE I 78 -14.87 2.10 35.62
CA PHE I 78 -15.14 0.65 35.58
C PHE I 78 -13.83 -0.15 35.51
N SER I 79 -12.85 0.35 34.76
CA SER I 79 -11.52 -0.23 34.82
C SER I 79 -10.92 -0.08 36.21
N HIS I 80 -11.05 1.10 36.82
CA HIS I 80 -10.58 1.33 38.19
C HIS I 80 -11.22 0.35 39.14
N LEU I 81 -12.55 0.22 39.07
CA LEU I 81 -13.28 -0.68 39.96
C LEU I 81 -12.86 -2.12 39.74
N ALA I 82 -12.70 -2.52 38.49
CA ALA I 82 -12.21 -3.86 38.20
C ALA I 82 -10.82 -4.09 38.80
N TRP I 83 -9.97 -3.07 38.78
CA TRP I 83 -8.61 -3.25 39.29
C TRP I 83 -8.59 -3.30 40.81
N VAL I 84 -9.44 -2.51 41.47
CA VAL I 84 -9.52 -2.54 42.92
C VAL I 84 -9.96 -3.92 43.38
N GLN I 85 -10.83 -4.57 42.61
CA GLN I 85 -11.33 -5.89 42.96
C GLN I 85 -10.39 -7.02 42.54
N THR I 86 -9.21 -6.73 42.02
CA THR I 86 -8.21 -7.76 41.75
C THR I 86 -7.20 -7.78 42.89
N ASP I 87 -6.78 -8.98 43.26
CA ASP I 87 -5.82 -9.15 44.36
C ASP I 87 -4.47 -8.55 44.02
N ARG I 88 -3.80 -8.04 45.06
CA ARG I 88 -2.46 -7.50 44.88
C ARG I 88 -1.50 -8.57 44.39
N LYS I 89 -1.68 -9.80 44.88
CA LYS I 89 -0.87 -10.93 44.43
C LYS I 89 -1.10 -11.23 42.96
N SER I 90 -2.24 -10.81 42.40
CA SER I 90 -2.54 -11.00 40.98
C SER I 90 -2.20 -9.76 40.15
N GLY I 91 -1.43 -8.83 40.70
CA GLY I 91 -1.18 -7.58 40.02
C GLY I 91 -2.23 -6.52 40.20
N GLY I 92 -3.20 -6.74 41.10
CA GLY I 92 -4.26 -5.80 41.33
C GLY I 92 -3.93 -4.81 42.42
N LEU I 93 -4.94 -4.04 42.82
CA LEU I 93 -4.78 -3.01 43.84
C LEU I 93 -5.32 -3.41 45.20
N GLY I 94 -6.29 -4.32 45.26
CA GLY I 94 -6.90 -4.52 46.54
C GLY I 94 -7.63 -3.26 46.96
N ASP I 95 -7.90 -3.18 48.25
CA ASP I 95 -8.60 -2.02 48.79
C ASP I 95 -7.68 -0.80 48.82
N LEU I 96 -8.24 0.36 48.48
CA LEU I 96 -7.52 1.61 48.46
C LEU I 96 -8.05 2.55 49.53
N ASN I 97 -7.14 3.34 50.09
CA ASN I 97 -7.46 4.29 51.15
C ASN I 97 -7.76 5.70 50.63
N TYR I 98 -7.72 5.91 49.32
CA TYR I 98 -7.90 7.24 48.74
C TYR I 98 -8.58 7.08 47.39
N PRO I 99 -9.13 8.16 46.84
CA PRO I 99 -9.87 8.04 45.57
C PRO I 99 -8.97 7.84 44.36
N LEU I 100 -9.43 6.99 43.44
CA LEU I 100 -8.81 6.84 42.13
C LEU I 100 -9.67 7.59 41.14
N ILE I 101 -9.13 8.66 40.56
CA ILE I 101 -9.87 9.58 39.71
C ILE I 101 -9.75 9.13 38.26
N SER I 102 -10.83 9.27 37.50
CA SER I 102 -10.88 8.88 36.10
C SER I 102 -10.75 10.11 35.22
N ASP I 103 -9.72 10.14 34.40
CA ASP I 103 -9.56 11.24 33.45
C ASP I 103 -9.93 10.72 32.06
N VAL I 104 -11.19 10.33 31.90
CA VAL I 104 -11.58 9.63 30.68
C VAL I 104 -11.46 10.53 29.45
N THR I 105 -11.80 11.83 29.57
CA THR I 105 -11.66 12.75 28.44
C THR I 105 -10.23 13.26 28.24
N LYS I 106 -9.30 12.93 29.14
CA LYS I 106 -7.90 13.32 29.07
C LYS I 106 -7.67 14.81 29.27
N SER I 107 -8.69 15.56 29.67
CA SER I 107 -8.51 16.99 29.89
C SER I 107 -7.64 17.29 31.12
N ILE I 108 -7.72 16.46 32.17
CA ILE I 108 -6.94 16.73 33.38
C ILE I 108 -5.45 16.51 33.11
N SER I 109 -5.11 15.37 32.50
CA SER I 109 -3.72 15.12 32.12
C SER I 109 -3.16 16.21 31.22
N LYS I 110 -3.97 16.68 30.26
CA LYS I 110 -3.54 17.74 29.37
C LYS I 110 -3.28 19.02 30.14
N SER I 111 -4.18 19.37 31.07
CA SER I 111 -4.06 20.62 31.80
C SER I 111 -2.86 20.62 32.74
N PHE I 112 -2.40 19.45 33.18
CA PHE I 112 -1.20 19.36 34.01
C PHE I 112 0.05 19.10 33.19
N GLY I 113 -0.06 19.11 31.86
CA GLY I 113 1.07 18.92 30.98
C GLY I 113 1.73 17.55 31.02
N VAL I 114 1.03 16.52 31.48
CA VAL I 114 1.63 15.19 31.57
C VAL I 114 1.09 14.24 30.52
N LEU I 115 0.22 14.70 29.62
CA LEU I 115 -0.37 13.84 28.59
C LEU I 115 0.58 13.65 27.42
N ILE I 116 0.94 12.39 27.14
CA ILE I 116 1.64 12.03 25.91
C ILE I 116 0.61 11.96 24.79
N HIS I 117 0.60 12.94 23.90
CA HIS I 117 -0.47 13.01 22.91
C HIS I 117 -0.41 11.85 21.92
N ASP I 118 0.80 11.41 21.55
CA ASP I 118 0.97 10.26 20.68
C ASP I 118 0.25 9.03 21.22
N GLN I 119 0.29 8.83 22.53
CA GLN I 119 -0.19 7.60 23.14
C GLN I 119 -1.45 7.77 23.98
N GLY I 120 -1.89 9.00 24.25
CA GLY I 120 -3.11 9.22 24.99
C GLY I 120 -3.07 8.86 26.46
N ILE I 121 -1.89 8.81 27.06
CA ILE I 121 -1.74 8.44 28.46
C ILE I 121 -0.89 9.47 29.17
N ALA I 122 -0.91 9.43 30.49
CA ALA I 122 -0.17 10.40 31.27
C ALA I 122 1.17 9.80 31.68
N LEU I 123 2.18 10.66 31.77
CA LEU I 123 3.46 10.32 32.36
C LEU I 123 3.30 10.14 33.86
N ARG I 124 4.37 9.69 34.51
CA ARG I 124 4.38 9.55 35.97
C ARG I 124 4.65 10.90 36.62
N GLY I 125 3.67 11.78 36.50
CA GLY I 125 3.77 13.11 37.10
C GLY I 125 3.09 13.14 38.46
N LEU I 126 3.76 13.78 39.41
CA LEU I 126 3.22 13.94 40.75
C LEU I 126 3.31 15.42 41.09
N PHE I 127 2.26 15.92 41.75
CA PHE I 127 2.13 17.33 42.09
C PHE I 127 1.71 17.47 43.54
N ILE I 128 2.43 18.32 44.27
CA ILE I 128 2.07 18.67 45.65
C ILE I 128 1.42 20.04 45.64
N ILE I 129 0.19 20.11 46.11
CA ILE I 129 -0.65 21.31 46.06
C ILE I 129 -0.97 21.72 47.50
N ASP I 130 -0.81 23.00 47.81
CA ASP I 130 -1.01 23.42 49.18
C ASP I 130 -2.48 23.74 49.46
N LYS I 131 -2.75 24.14 50.71
CA LYS I 131 -4.13 24.42 51.14
C LYS I 131 -4.71 25.62 50.43
N GLU I 132 -3.87 26.43 49.79
CA GLU I 132 -4.36 27.55 49.00
C GLU I 132 -4.68 27.13 47.58
N GLY I 133 -4.40 25.88 47.23
CA GLY I 133 -4.62 25.37 45.90
C GLY I 133 -3.48 25.59 44.92
N VAL I 134 -2.29 25.96 45.42
CA VAL I 134 -1.16 26.34 44.58
C VAL I 134 -0.16 25.18 44.46
N ILE I 135 0.29 24.92 43.23
CA ILE I 135 1.31 23.88 43.00
C ILE I 135 2.66 24.34 43.52
N GLN I 136 3.26 23.53 44.39
CA GLN I 136 4.56 23.83 44.98
C GLN I 136 5.67 22.88 44.55
N HIS I 137 5.32 21.72 43.97
CA HIS I 137 6.30 20.72 43.61
C HIS I 137 5.77 19.86 42.47
N SER I 138 6.70 19.44 41.60
CA SER I 138 6.42 18.52 40.49
C SER I 138 7.48 17.43 40.49
N THR I 139 7.03 16.19 40.31
CA THR I 139 7.92 15.07 39.98
C THR I 139 7.37 14.43 38.72
N ILE I 140 8.16 14.36 37.66
CA ILE I 140 7.70 13.77 36.40
C ILE I 140 8.73 12.76 35.92
N ASN I 141 8.35 11.48 35.96
CA ASN I 141 9.21 10.37 35.54
C ASN I 141 8.71 9.79 34.23
N ASN I 142 9.65 9.25 33.46
CA ASN I 142 9.24 8.47 32.32
C ASN I 142 8.59 7.16 32.79
N LEU I 143 7.92 6.48 31.86
CA LEU I 143 6.96 5.46 32.26
C LEU I 143 7.60 4.33 33.04
N GLY I 144 8.90 4.06 32.81
CA GLY I 144 9.61 2.93 33.39
C GLY I 144 10.22 3.11 34.77
N ILE I 145 10.26 4.32 35.31
CA ILE I 145 10.95 4.61 36.56
C ILE I 145 9.92 4.92 37.62
N GLY I 146 9.81 4.04 38.63
CA GLY I 146 8.88 4.28 39.71
C GLY I 146 9.29 5.46 40.57
N ARG I 147 8.29 6.06 41.22
CA ARG I 147 8.52 7.20 42.09
C ARG I 147 8.80 6.72 43.52
N SER I 148 8.97 7.69 44.44
CA SER I 148 9.35 7.43 45.81
C SER I 148 8.34 8.08 46.75
N VAL I 149 7.65 7.27 47.56
CA VAL I 149 6.78 7.87 48.57
C VAL I 149 7.62 8.62 49.60
N ASP I 150 8.84 8.15 49.85
CA ASP I 150 9.71 8.80 50.83
C ASP I 150 10.04 10.24 50.41
N GLU I 151 10.44 10.43 49.16
CA GLU I 151 10.80 11.78 48.72
C GLU I 151 9.57 12.68 48.66
N THR I 152 8.40 12.11 48.32
CA THR I 152 7.16 12.88 48.36
C THR I 152 6.89 13.36 49.78
N MET I 153 7.08 12.47 50.76
CA MET I 153 6.92 12.83 52.17
C MET I 153 7.89 13.93 52.58
N ARG I 154 9.15 13.82 52.14
CA ARG I 154 10.15 14.81 52.52
C ARG I 154 9.76 16.19 51.99
N THR I 155 9.45 16.27 50.70
CA THR I 155 9.10 17.55 50.09
C THR I 155 7.85 18.13 50.74
N LEU I 156 6.84 17.29 50.99
CA LEU I 156 5.62 17.73 51.64
C LEU I 156 5.88 18.29 53.02
N GLN I 157 6.71 17.60 53.81
CA GLN I 157 7.05 18.08 55.14
C GLN I 157 7.85 19.38 55.08
N ALA I 158 8.72 19.52 54.08
CA ALA I 158 9.45 20.77 53.91
C ALA I 158 8.50 21.92 53.60
N LEU I 159 7.53 21.68 52.70
CA LEU I 159 6.58 22.72 52.33
C LEU I 159 5.72 23.13 53.53
N GLN I 160 5.23 22.15 54.28
CA GLN I 160 4.44 22.49 55.46
C GLN I 160 5.29 23.25 56.47
N TYR I 161 6.55 22.85 56.62
CA TYR I 161 7.43 23.56 57.55
C TYR I 161 7.59 25.02 57.16
N ILE I 162 7.96 25.30 55.90
CA ILE I 162 8.19 26.68 55.54
C ILE I 162 6.88 27.47 55.47
N GLN I 163 5.73 26.80 55.33
CA GLN I 163 4.46 27.54 55.35
C GLN I 163 3.99 27.83 56.77
N GLU I 164 4.40 27.02 57.75
CA GLU I 164 4.12 27.34 59.15
C GLU I 164 5.14 28.33 59.71
N ASN I 165 6.37 28.33 59.17
CA ASN I 165 7.41 29.28 59.56
C ASN I 165 7.79 30.11 58.33
N PRO I 166 6.99 31.12 58.00
CA PRO I 166 7.18 31.84 56.73
C PRO I 166 8.48 32.61 56.64
N ASP I 167 9.27 32.69 57.71
CA ASP I 167 10.57 33.35 57.68
C ASP I 167 11.69 32.37 57.43
N GLU I 168 11.39 31.09 57.27
CA GLU I 168 12.36 30.04 57.03
C GLU I 168 12.21 29.49 55.63
N VAL I 169 13.32 28.91 55.14
CA VAL I 169 13.33 28.12 53.91
C VAL I 169 14.18 26.89 54.19
N CYS I 170 13.99 25.84 53.39
CA CYS I 170 14.60 24.55 53.69
C CYS I 170 15.80 24.27 52.81
N PRO I 171 16.99 24.03 53.37
CA PRO I 171 18.17 23.75 52.56
C PRO I 171 18.08 22.42 51.83
N ALA I 172 19.08 22.13 51.01
CA ALA I 172 19.15 20.86 50.31
C ALA I 172 19.07 19.70 51.30
N GLY I 173 18.31 18.68 50.94
CA GLY I 173 18.19 17.46 51.72
C GLY I 173 17.51 17.60 53.07
N TRP I 174 16.87 18.73 53.33
CA TRP I 174 16.28 19.00 54.63
C TRP I 174 15.27 17.93 55.03
N LYS I 175 15.39 17.44 56.26
CA LYS I 175 14.43 16.56 56.86
C LYS I 175 13.90 17.21 58.13
N PRO I 176 12.73 16.80 58.62
CA PRO I 176 12.25 17.32 59.91
C PRO I 176 13.28 17.06 61.01
N GLY I 177 13.54 18.08 61.79
CA GLY I 177 14.57 18.04 62.81
C GLY I 177 15.86 18.74 62.43
N GLU I 178 16.13 18.90 61.13
CA GLU I 178 17.33 19.59 60.68
C GLU I 178 17.15 21.10 60.76
N LYS I 179 18.28 21.81 60.87
CA LYS I 179 18.25 23.26 60.91
C LYS I 179 17.88 23.80 59.53
N SER I 180 17.00 24.79 59.52
CA SER I 180 16.70 25.57 58.34
C SER I 180 17.50 26.88 58.37
N MET I 181 17.14 27.82 57.50
CA MET I 181 17.81 29.11 57.45
C MET I 181 16.82 30.19 57.04
N LYS I 182 17.17 31.44 57.36
CA LYS I 182 16.37 32.61 57.01
C LYS I 182 16.86 33.22 55.70
N PRO I 183 16.03 33.27 54.62
CA PRO I 183 16.51 33.83 53.35
C PRO I 183 16.69 35.35 53.38
N ASP I 184 17.82 35.77 53.93
CA ASP I 184 18.18 37.18 54.10
C ASP I 184 19.71 37.23 54.14
N PRO I 185 20.34 38.10 53.35
CA PRO I 185 21.82 38.12 53.31
C PRO I 185 22.49 38.18 54.67
N LYS I 186 21.99 38.98 55.61
CA LYS I 186 22.65 39.11 56.91
C LYS I 186 22.22 38.05 57.92
N LEU I 187 21.05 37.44 57.72
CA LEU I 187 20.58 36.43 58.66
C LEU I 187 20.99 35.02 58.26
N SER I 188 21.22 34.79 56.96
CA SER I 188 21.69 33.50 56.46
C SER I 188 23.08 33.14 56.97
N LYS I 189 23.91 34.15 57.24
CA LYS I 189 25.27 33.89 57.73
C LYS I 189 25.25 33.07 59.01
N GLU I 190 24.17 33.23 59.80
CA GLU I 190 23.97 32.39 60.98
C GLU I 190 23.98 30.91 60.60
N TYR I 191 23.26 30.54 59.54
CA TYR I 191 23.31 29.16 59.06
C TYR I 191 24.67 28.81 58.49
N PHE I 192 25.28 29.72 57.74
CA PHE I 192 26.49 29.37 56.99
C PHE I 192 27.75 29.27 57.83
N SER I 193 27.63 29.28 59.16
CA SER I 193 28.83 29.19 60.00
C SER I 193 29.24 27.77 60.32
N ALA I 194 28.31 26.81 60.32
CA ALA I 194 28.62 25.44 60.70
C ALA I 194 29.28 24.69 59.54
N ILE I 195 30.44 24.09 59.81
CA ILE I 195 31.19 23.33 58.79
C ILE I 195 30.76 21.86 58.82
N PRO J 2 5.17 16.94 26.28
CA PRO J 2 5.88 17.25 27.51
C PRO J 2 7.39 17.20 27.31
N LEU J 3 8.16 17.85 28.18
CA LEU J 3 9.62 17.74 28.10
C LEU J 3 10.08 16.33 28.41
N VAL J 4 9.52 15.71 29.45
CA VAL J 4 9.94 14.36 29.84
C VAL J 4 9.52 13.37 28.76
N GLY J 5 10.44 12.51 28.36
CA GLY J 5 10.22 11.59 27.28
C GLY J 5 10.78 12.03 25.94
N ASN J 6 11.37 13.22 25.86
CA ASN J 6 11.85 13.75 24.59
C ASN J 6 13.28 14.27 24.71
N LYS J 7 13.90 14.52 23.55
CA LYS J 7 15.23 15.10 23.52
C LYS J 7 15.25 16.47 24.18
N ALA J 8 16.28 16.72 24.97
CA ALA J 8 16.39 18.01 25.66
C ALA J 8 16.61 19.14 24.64
N PRO J 9 16.06 20.31 24.92
CA PRO J 9 16.36 21.47 24.06
C PRO J 9 17.84 21.79 24.14
N ASP J 10 18.50 21.74 22.99
CA ASP J 10 19.94 21.97 22.96
C ASP J 10 20.24 23.43 23.26
N PHE J 11 21.40 23.65 23.88
CA PHE J 11 21.91 25.00 24.08
C PHE J 11 23.43 24.98 24.02
N GLU J 12 23.99 26.15 23.76
CA GLU J 12 25.42 26.40 23.89
C GLU J 12 25.56 27.68 24.68
N ALA J 13 26.26 27.62 25.82
CA ALA J 13 26.31 28.73 26.76
C ALA J 13 27.68 28.82 27.41
N GLU J 14 28.02 30.00 27.89
CA GLU J 14 29.23 30.16 28.67
C GLU J 14 29.02 29.64 30.08
N ALA J 15 30.12 29.23 30.70
CA ALA J 15 30.08 28.65 32.03
C ALA J 15 31.40 28.92 32.74
N VAL J 16 31.40 28.70 34.05
CA VAL J 16 32.61 28.76 34.86
C VAL J 16 32.96 27.34 35.25
N PHE J 17 34.21 26.96 35.04
CA PHE J 17 34.70 25.66 35.44
C PHE J 17 36.16 25.80 35.83
N ASP J 18 36.49 25.31 37.03
CA ASP J 18 37.84 25.44 37.58
C ASP J 18 38.30 26.90 37.59
N GLN J 19 37.37 27.79 37.91
CA GLN J 19 37.61 29.25 37.93
C GLN J 19 38.12 29.77 36.59
N GLU J 20 37.71 29.14 35.50
CA GLU J 20 37.99 29.61 34.14
C GLU J 20 36.67 29.70 33.38
N PHE J 21 36.65 30.56 32.35
CA PHE J 21 35.48 30.70 31.48
C PHE J 21 35.55 29.68 30.36
N ILE J 22 34.50 28.87 30.22
CA ILE J 22 34.41 27.86 29.18
C ILE J 22 33.08 28.01 28.47
N LYS J 23 32.90 27.20 27.42
CA LYS J 23 31.62 27.01 26.75
C LYS J 23 31.15 25.58 26.96
N VAL J 24 29.84 25.41 27.05
CA VAL J 24 29.20 24.12 27.27
C VAL J 24 28.07 23.99 26.27
N LYS J 25 28.08 22.90 25.51
CA LYS J 25 27.04 22.54 24.55
C LYS J 25 26.43 21.22 24.99
N LEU J 26 25.11 21.21 25.24
CA LEU J 26 24.48 20.06 25.88
C LEU J 26 24.55 18.82 25.00
N SER J 27 24.30 18.96 23.70
CA SER J 27 24.38 17.83 22.79
C SER J 27 25.77 17.21 22.75
N ASP J 28 26.81 17.92 23.19
CA ASP J 28 28.15 17.36 23.26
C ASP J 28 28.24 16.20 24.24
N TYR J 29 27.30 16.08 25.17
CA TYR J 29 27.33 14.95 26.10
C TYR J 29 26.62 13.73 25.57
N ILE J 30 25.86 13.88 24.47
CA ILE J 30 25.17 12.74 23.88
C ILE J 30 26.19 11.70 23.47
N GLY J 31 25.91 10.44 23.79
CA GLY J 31 26.84 9.35 23.54
C GLY J 31 27.96 9.22 24.53
N LYS J 32 28.16 10.21 25.40
CA LYS J 32 29.31 10.22 26.31
C LYS J 32 28.90 10.11 27.77
N LYS J 33 28.01 10.98 28.26
CA LYS J 33 27.62 10.91 29.67
C LYS J 33 26.14 11.23 29.83
N TYR J 34 25.56 10.69 30.90
CA TYR J 34 24.31 11.20 31.43
C TYR J 34 24.52 12.61 31.96
N VAL J 35 23.47 13.42 31.94
CA VAL J 35 23.54 14.80 32.41
C VAL J 35 22.48 15.03 33.48
N ILE J 36 22.88 15.61 34.59
CA ILE J 36 21.97 16.13 35.59
C ILE J 36 22.02 17.64 35.46
N LEU J 37 20.98 18.22 34.85
CA LEU J 37 20.91 19.65 34.58
C LEU J 37 19.96 20.29 35.58
N PHE J 38 20.49 21.09 36.50
CA PHE J 38 19.64 21.72 37.50
C PHE J 38 19.77 23.24 37.45
N PHE J 39 18.62 23.90 37.55
CA PHE J 39 18.46 25.34 37.60
C PHE J 39 18.29 25.81 39.05
N TYR J 40 18.75 27.01 39.32
CA TYR J 40 18.46 27.69 40.57
C TYR J 40 18.21 29.16 40.26
N PRO J 41 17.51 29.89 41.16
CA PRO J 41 17.09 31.25 40.83
C PRO J 41 18.19 32.30 40.65
N LEU J 42 19.06 32.49 41.63
CA LEU J 42 20.02 33.59 41.58
C LEU J 42 21.29 33.22 42.31
N ASP J 43 22.39 33.87 41.93
CA ASP J 43 23.62 33.77 42.69
C ASP J 43 23.50 34.58 43.99
N PHE J 44 24.31 34.17 44.98
CA PHE J 44 24.39 34.85 46.28
C PHE J 44 23.07 34.77 47.05
N THR J 45 22.39 33.63 46.95
CA THR J 45 21.16 33.44 47.72
C THR J 45 21.42 32.37 48.79
N PHE J 46 20.40 31.58 49.11
CA PHE J 46 20.41 30.91 50.42
C PHE J 46 20.22 29.41 50.32
N VAL J 47 19.12 28.95 49.71
CA VAL J 47 18.98 27.53 49.43
C VAL J 47 19.95 27.12 48.32
N SER J 48 20.08 27.97 47.30
CA SER J 48 20.88 27.66 46.12
C SER J 48 22.31 27.25 46.46
N PRO J 49 23.06 27.95 47.33
CA PRO J 49 24.42 27.46 47.64
C PRO J 49 24.42 26.09 48.28
N THR J 50 23.45 25.77 49.14
CA THR J 50 23.41 24.44 49.74
C THR J 50 23.19 23.36 48.68
N GLU J 51 22.35 23.66 47.68
CA GLU J 51 22.18 22.70 46.58
C GLU J 51 23.45 22.56 45.76
N ILE J 52 24.07 23.70 45.41
CA ILE J 52 25.24 23.70 44.54
C ILE J 52 26.40 22.95 45.19
N THR J 53 26.70 23.28 46.45
CA THR J 53 27.80 22.60 47.13
C THR J 53 27.43 21.16 47.49
N ALA J 54 26.16 20.86 47.76
CA ALA J 54 25.78 19.48 47.98
C ALA J 54 26.10 18.62 46.76
N PHE J 55 25.74 19.09 45.56
CA PHE J 55 26.08 18.31 44.38
C PHE J 55 27.59 18.28 44.18
N SER J 56 28.28 19.38 44.51
CA SER J 56 29.72 19.42 44.32
C SER J 56 30.44 18.41 45.21
N ASP J 57 30.02 18.30 46.47
CA ASP J 57 30.71 17.40 47.39
C ASP J 57 30.52 15.95 46.98
N ARG J 58 29.40 15.63 46.33
CA ARG J 58 29.12 14.27 45.89
C ARG J 58 29.36 14.09 44.39
N HIS J 59 30.07 15.02 43.76
CA HIS J 59 30.28 14.92 42.32
C HIS J 59 31.00 13.63 41.93
N SER J 60 31.87 13.13 42.80
CA SER J 60 32.62 11.92 42.46
C SER J 60 31.69 10.72 42.30
N GLU J 61 30.64 10.64 43.13
CA GLU J 61 29.68 9.55 43.00
C GLU J 61 28.98 9.58 41.65
N PHE J 62 28.64 10.76 41.15
CA PHE J 62 28.00 10.85 39.84
C PHE J 62 29.00 10.59 38.73
N GLU J 63 30.26 11.03 38.91
CA GLU J 63 31.27 10.81 37.88
C GLU J 63 31.55 9.32 37.69
N LYS J 64 31.58 8.57 38.79
CA LYS J 64 31.75 7.12 38.68
C LYS J 64 30.57 6.45 38.01
N LEU J 65 29.40 7.09 38.00
CA LEU J 65 28.21 6.58 37.30
C LEU J 65 28.06 7.17 35.91
N ASN J 66 29.13 7.72 35.36
CA ASN J 66 29.16 8.28 34.01
C ASN J 66 28.14 9.40 33.84
N THR J 67 28.08 10.29 34.83
CA THR J 67 27.10 11.37 34.85
C THR J 67 27.81 12.68 35.16
N GLU J 68 27.51 13.70 34.39
CA GLU J 68 28.00 15.05 34.64
C GLU J 68 26.89 15.88 35.27
N VAL J 69 27.29 16.80 36.15
CA VAL J 69 26.36 17.74 36.77
C VAL J 69 26.57 19.11 36.15
N LEU J 70 25.45 19.79 35.85
CA LEU J 70 25.46 21.13 35.27
C LEU J 70 24.45 22.01 36.00
N GLY J 71 24.95 23.08 36.62
CA GLY J 71 24.10 24.08 37.24
C GLY J 71 23.90 25.27 36.33
N VAL J 72 22.69 25.82 36.35
CA VAL J 72 22.33 26.94 35.49
C VAL J 72 21.55 27.97 36.30
N SER J 73 21.88 29.24 36.10
CA SER J 73 21.05 30.33 36.59
C SER J 73 21.17 31.50 35.63
N VAL J 74 20.30 32.50 35.81
CA VAL J 74 20.29 33.63 34.88
C VAL J 74 21.43 34.59 35.14
N ASP J 75 22.25 34.36 36.17
CA ASP J 75 23.39 35.26 36.42
C ASP J 75 24.49 35.05 35.38
N SER J 76 25.35 36.05 35.27
CA SER J 76 26.48 36.01 34.36
C SER J 76 27.63 35.20 34.94
N VAL J 77 28.62 34.92 34.09
CA VAL J 77 29.80 34.20 34.53
C VAL J 77 30.63 35.02 35.50
N PHE J 78 30.46 36.36 35.51
CA PHE J 78 31.22 37.15 36.47
C PHE J 78 30.63 37.04 37.88
N SER J 79 29.29 36.97 37.99
CA SER J 79 28.66 36.62 39.26
C SER J 79 29.03 35.22 39.70
N HIS J 80 28.98 34.26 38.77
CA HIS J 80 29.36 32.89 39.12
C HIS J 80 30.78 32.85 39.66
N LEU J 81 31.71 33.45 38.92
CA LEU J 81 33.11 33.41 39.34
C LEU J 81 33.30 34.10 40.68
N ALA J 82 32.64 35.25 40.88
CA ALA J 82 32.71 35.89 42.19
C ALA J 82 32.19 34.96 43.29
N TRP J 83 31.15 34.18 43.00
CA TRP J 83 30.56 33.33 44.02
C TRP J 83 31.45 32.12 44.33
N VAL J 84 32.10 31.56 43.31
CA VAL J 84 33.05 30.48 43.55
C VAL J 84 34.19 30.96 44.43
N GLN J 85 34.64 32.20 44.23
CA GLN J 85 35.76 32.76 44.98
C GLN J 85 35.36 33.30 46.34
N THR J 86 34.12 33.08 46.77
CA THR J 86 33.69 33.40 48.11
C THR J 86 33.68 32.11 48.94
N ASP J 87 34.12 32.21 50.19
CA ASP J 87 34.17 31.05 51.08
C ASP J 87 32.77 30.54 51.41
N ARG J 88 32.67 29.20 51.56
CA ARG J 88 31.39 28.60 51.93
C ARG J 88 30.92 29.11 53.28
N LYS J 89 31.86 29.38 54.19
CA LYS J 89 31.48 29.92 55.50
C LYS J 89 30.82 31.29 55.37
N SER J 90 31.07 32.00 54.28
CA SER J 90 30.47 33.31 54.04
C SER J 90 29.23 33.23 53.14
N GLY J 91 28.66 32.03 52.98
CA GLY J 91 27.55 31.84 52.07
C GLY J 91 27.95 31.64 50.63
N GLY J 92 29.24 31.48 50.35
CA GLY J 92 29.73 31.30 49.00
C GLY J 92 29.76 29.84 48.60
N LEU J 93 30.37 29.58 47.45
CA LEU J 93 30.43 28.23 46.92
C LEU J 93 31.77 27.56 47.16
N GLY J 94 32.85 28.33 47.29
CA GLY J 94 34.13 27.66 47.25
C GLY J 94 34.34 27.06 45.88
N ASP J 95 35.30 26.16 45.79
CA ASP J 95 35.58 25.53 44.51
C ASP J 95 34.54 24.46 44.21
N LEU J 96 34.15 24.38 42.93
CA LEU J 96 33.11 23.50 42.44
C LEU J 96 33.70 22.42 41.56
N ASN J 97 33.09 21.24 41.59
CA ASN J 97 33.58 20.11 40.82
C ASN J 97 32.96 20.01 39.43
N TYR J 98 32.06 20.92 39.07
CA TYR J 98 31.35 20.84 37.79
C TYR J 98 31.05 22.25 37.31
N PRO J 99 30.66 22.42 36.04
CA PRO J 99 30.46 23.77 35.50
C PRO J 99 29.21 24.47 36.02
N LEU J 100 29.34 25.78 36.22
CA LEU J 100 28.22 26.68 36.50
C LEU J 100 27.88 27.42 35.22
N ILE J 101 26.70 27.14 34.66
CA ILE J 101 26.29 27.67 33.37
C ILE J 101 25.54 28.98 33.59
N SER J 102 25.80 29.94 32.71
CA SER J 102 25.19 31.26 32.75
C SER J 102 24.10 31.36 31.69
N ASP J 103 22.87 31.64 32.11
CA ASP J 103 21.76 31.83 31.17
C ASP J 103 21.38 33.32 31.08
N VAL J 104 22.30 34.18 30.64
CA VAL J 104 22.09 35.62 30.77
C VAL J 104 20.89 36.08 29.96
N THR J 105 20.68 35.50 28.79
CA THR J 105 19.51 35.86 27.99
C THR J 105 18.23 35.16 28.44
N LYS J 106 18.32 34.24 29.40
CA LYS J 106 17.20 33.49 29.98
C LYS J 106 16.59 32.49 29.00
N SER J 107 17.21 32.29 27.83
CA SER J 107 16.65 31.40 26.84
C SER J 107 16.67 29.94 27.29
N ILE J 108 17.69 29.51 28.04
CA ILE J 108 17.75 28.11 28.46
C ILE J 108 16.62 27.81 29.44
N SER J 109 16.46 28.67 30.46
CA SER J 109 15.35 28.54 31.40
C SER J 109 14.01 28.54 30.68
N LYS J 110 13.87 29.40 29.68
CA LYS J 110 12.62 29.49 28.93
C LYS J 110 12.34 28.19 28.18
N SER J 111 13.36 27.60 27.56
CA SER J 111 13.11 26.38 26.77
C SER J 111 12.81 25.17 27.66
N PHE J 112 13.29 25.19 28.90
CA PHE J 112 12.99 24.11 29.84
C PHE J 112 11.77 24.40 30.68
N GLY J 113 11.04 25.48 30.40
CA GLY J 113 9.81 25.79 31.10
C GLY J 113 9.94 26.11 32.57
N VAL J 114 11.11 26.52 33.04
CA VAL J 114 11.34 26.83 34.45
C VAL J 114 11.45 28.32 34.70
N LEU J 115 11.28 29.14 33.67
CA LEU J 115 11.43 30.59 33.82
C LEU J 115 10.15 31.20 34.37
N ILE J 116 10.26 31.86 35.52
CA ILE J 116 9.21 32.72 36.04
C ILE J 116 9.28 34.05 35.28
N HIS J 117 8.31 34.28 34.38
CA HIS J 117 8.37 35.47 33.54
C HIS J 117 8.18 36.74 34.35
N ASP J 118 7.34 36.69 35.39
CA ASP J 118 7.17 37.85 36.28
C ASP J 118 8.51 38.32 36.85
N GLN J 119 9.36 37.38 37.25
CA GLN J 119 10.56 37.71 38.02
C GLN J 119 11.86 37.51 37.26
N GLY J 120 11.83 36.88 36.09
CA GLY J 120 13.06 36.75 35.32
C GLY J 120 14.08 35.80 35.88
N ILE J 121 13.66 34.85 36.73
CA ILE J 121 14.54 33.86 37.30
C ILE J 121 13.90 32.49 37.13
N ALA J 122 14.69 31.45 37.34
CA ALA J 122 14.21 30.08 37.16
C ALA J 122 13.77 29.48 38.48
N LEU J 123 12.81 28.55 38.40
CA LEU J 123 12.45 27.70 39.51
C LEU J 123 13.57 26.71 39.82
N ARG J 124 13.42 25.97 40.92
CA ARG J 124 14.36 24.91 41.26
C ARG J 124 13.98 23.64 40.49
N GLY J 125 14.23 23.68 39.18
CA GLY J 125 13.99 22.54 38.31
C GLY J 125 15.26 21.74 38.05
N LEU J 126 15.13 20.41 38.08
CA LEU J 126 16.24 19.51 37.79
C LEU J 126 15.80 18.47 36.77
N PHE J 127 16.68 18.16 35.81
CA PHE J 127 16.36 17.29 34.70
C PHE J 127 17.46 16.24 34.55
N ILE J 128 17.08 14.97 34.45
CA ILE J 128 18.02 13.89 34.20
C ILE J 128 17.89 13.51 32.73
N ILE J 129 19.01 13.60 32.02
CA ILE J 129 19.10 13.42 30.58
C ILE J 129 20.00 12.22 30.34
N ASP J 130 19.54 11.31 29.50
CA ASP J 130 20.31 10.10 29.29
C ASP J 130 21.35 10.32 28.19
N LYS J 131 22.12 9.27 27.90
CA LYS J 131 23.20 9.36 26.92
C LYS J 131 22.67 9.65 25.52
N GLU J 132 21.38 9.43 25.30
CA GLU J 132 20.75 9.74 24.03
C GLU J 132 20.30 11.19 23.97
N GLY J 133 20.42 11.92 25.07
CA GLY J 133 19.96 13.29 25.11
C GLY J 133 18.50 13.45 25.46
N VAL J 134 17.84 12.40 25.95
CA VAL J 134 16.40 12.41 26.19
C VAL J 134 16.13 12.67 27.67
N ILE J 135 15.22 13.60 27.96
CA ILE J 135 14.83 13.88 29.33
C ILE J 135 13.99 12.72 29.86
N GLN J 136 14.41 12.16 30.99
CA GLN J 136 13.73 11.03 31.61
C GLN J 136 13.11 11.34 32.96
N HIS J 137 13.49 12.43 33.61
CA HIS J 137 13.02 12.75 34.95
C HIS J 137 13.07 14.27 35.15
N SER J 138 12.08 14.77 35.88
CA SER J 138 12.00 16.19 36.23
C SER J 138 11.61 16.33 37.71
N THR J 139 12.33 17.20 38.43
CA THR J 139 11.91 17.67 39.75
C THR J 139 11.88 19.18 39.70
N ILE J 140 10.73 19.78 39.99
CA ILE J 140 10.59 21.23 39.95
C ILE J 140 9.96 21.68 41.27
N ASN J 141 10.73 22.41 42.06
CA ASN J 141 10.29 22.93 43.36
C ASN J 141 10.11 24.43 43.31
N ASN J 142 9.17 24.91 44.11
CA ASN J 142 9.11 26.34 44.32
C ASN J 142 10.34 26.77 45.13
N LEU J 143 10.58 28.10 45.15
CA LEU J 143 11.90 28.62 45.49
C LEU J 143 12.35 28.28 46.92
N GLY J 144 11.41 28.09 47.84
CA GLY J 144 11.79 27.90 49.23
C GLY J 144 12.16 26.48 49.64
N ILE J 145 11.99 25.48 48.79
CA ILE J 145 12.16 24.07 49.17
C ILE J 145 13.36 23.50 48.43
N GLY J 146 14.42 23.20 49.18
CA GLY J 146 15.59 22.59 48.57
C GLY J 146 15.32 21.18 48.09
N ARG J 147 16.10 20.78 47.08
CA ARG J 147 15.97 19.47 46.47
C ARG J 147 16.82 18.46 47.24
N SER J 148 16.85 17.22 46.75
CA SER J 148 17.53 16.13 47.44
C SER J 148 18.53 15.47 46.50
N VAL J 149 19.81 15.48 46.89
CA VAL J 149 20.83 14.76 46.14
C VAL J 149 20.58 13.27 46.18
N ASP J 150 20.05 12.76 47.31
CA ASP J 150 19.79 11.33 47.43
C ASP J 150 18.75 10.85 46.42
N GLU J 151 17.63 11.57 46.31
CA GLU J 151 16.60 11.15 45.37
C GLU J 151 17.05 11.30 43.93
N THR J 152 17.86 12.32 43.65
CA THR J 152 18.43 12.43 42.31
C THR J 152 19.30 11.21 42.01
N MET J 153 20.12 10.80 42.99
CA MET J 153 20.96 9.62 42.83
C MET J 153 20.11 8.37 42.59
N ARG J 154 19.03 8.22 43.36
CA ARG J 154 18.15 7.07 43.19
C ARG J 154 17.54 7.04 41.80
N THR J 155 16.97 8.17 41.36
CA THR J 155 16.33 8.21 40.05
C THR J 155 17.32 7.91 38.93
N LEU J 156 18.53 8.47 39.03
CA LEU J 156 19.57 8.19 38.05
C LEU J 156 19.95 6.70 38.05
N GLN J 157 20.10 6.10 39.23
CA GLN J 157 20.47 4.69 39.27
C GLN J 157 19.35 3.82 38.72
N ALA J 158 18.10 4.18 38.98
CA ALA J 158 16.98 3.44 38.40
C ALA J 158 16.98 3.55 36.89
N LEU J 159 17.19 4.75 36.37
CA LEU J 159 17.20 4.91 34.91
C LEU J 159 18.33 4.11 34.29
N GLN J 160 19.53 4.19 34.83
CA GLN J 160 20.64 3.45 34.26
C GLN J 160 20.40 1.95 34.33
N TYR J 161 19.79 1.49 35.43
CA TYR J 161 19.46 0.08 35.57
C TYR J 161 18.50 -0.38 34.46
N ILE J 162 17.39 0.35 34.27
CA ILE J 162 16.44 -0.07 33.24
C ILE J 162 16.98 0.13 31.83
N GLN J 163 18.00 0.98 31.66
CA GLN J 163 18.57 1.12 30.33
C GLN J 163 19.60 0.03 30.02
N GLU J 164 20.26 -0.52 31.05
CA GLU J 164 21.11 -1.66 30.80
C GLU J 164 20.33 -2.96 30.68
N ASN J 165 19.20 -3.06 31.37
CA ASN J 165 18.31 -4.22 31.29
C ASN J 165 16.96 -3.76 30.75
N PRO J 166 16.87 -3.48 29.44
CA PRO J 166 15.68 -2.83 28.89
C PRO J 166 14.41 -3.65 29.01
N ASP J 167 14.51 -4.86 29.54
CA ASP J 167 13.34 -5.70 29.77
C ASP J 167 12.78 -5.60 31.19
N GLU J 168 13.39 -4.79 32.03
CA GLU J 168 12.94 -4.59 33.40
C GLU J 168 12.41 -3.17 33.57
N VAL J 169 11.62 -2.97 34.62
CA VAL J 169 11.20 -1.65 35.06
C VAL J 169 11.31 -1.60 36.59
N CYS J 170 11.40 -0.38 37.12
CA CYS J 170 11.68 -0.22 38.53
C CYS J 170 10.41 0.11 39.29
N PRO J 171 10.03 -0.71 40.26
CA PRO J 171 8.83 -0.41 41.04
C PRO J 171 8.99 0.84 41.90
N ALA J 172 7.92 1.21 42.60
CA ALA J 172 7.99 2.33 43.52
C ALA J 172 9.10 2.13 44.53
N GLY J 173 9.84 3.21 44.80
CA GLY J 173 10.89 3.20 45.81
C GLY J 173 12.10 2.35 45.48
N TRP J 174 12.23 1.90 44.23
CA TRP J 174 13.29 0.98 43.87
C TRP J 174 14.67 1.56 44.16
N LYS J 175 15.50 0.76 44.80
CA LYS J 175 16.92 1.02 45.03
C LYS J 175 17.72 -0.12 44.43
N PRO J 176 18.98 0.10 44.11
CA PRO J 176 19.83 -1.03 43.69
C PRO J 176 19.83 -2.11 44.76
N GLY J 177 19.62 -3.34 44.33
CA GLY J 177 19.45 -4.45 45.22
C GLY J 177 18.01 -4.87 45.42
N GLU J 178 17.06 -3.97 45.18
CA GLU J 178 15.65 -4.32 45.27
C GLU J 178 15.22 -5.06 44.00
N LYS J 179 14.17 -5.86 44.13
CA LYS J 179 13.67 -6.59 42.98
C LYS J 179 12.99 -5.64 42.00
N SER J 180 13.23 -5.85 40.71
CA SER J 180 12.52 -5.15 39.66
C SER J 180 11.36 -6.01 39.17
N MET J 181 10.76 -5.63 38.04
CA MET J 181 9.70 -6.43 37.46
C MET J 181 9.73 -6.29 35.95
N LYS J 182 9.16 -7.28 35.28
CA LYS J 182 9.04 -7.29 33.83
C LYS J 182 7.68 -6.76 33.42
N PRO J 183 7.62 -5.64 32.67
CA PRO J 183 6.31 -5.09 32.27
C PRO J 183 5.61 -5.94 31.22
N ASP J 184 5.06 -7.07 31.65
CA ASP J 184 4.46 -8.03 30.78
C ASP J 184 3.32 -8.62 31.60
N PRO J 185 2.11 -8.69 31.05
CA PRO J 185 0.98 -9.23 31.84
C PRO J 185 1.26 -10.58 32.47
N LYS J 186 1.97 -11.48 31.76
CA LYS J 186 2.21 -12.81 32.29
C LYS J 186 3.44 -12.90 33.18
N LEU J 187 4.48 -12.13 32.91
CA LEU J 187 5.71 -12.20 33.69
C LEU J 187 5.67 -11.33 34.94
N SER J 188 4.88 -10.26 34.93
CA SER J 188 4.77 -9.44 36.14
C SER J 188 4.21 -10.22 37.31
N LYS J 189 3.45 -11.28 37.03
CA LYS J 189 2.93 -12.12 38.11
C LYS J 189 4.06 -12.63 38.99
N GLU J 190 5.22 -12.93 38.38
CA GLU J 190 6.37 -13.39 39.14
C GLU J 190 6.73 -12.43 40.26
N TYR J 191 6.66 -11.12 39.99
CA TYR J 191 6.88 -10.13 41.03
C TYR J 191 5.70 -10.09 42.01
N PHE J 192 4.48 -10.03 41.47
CA PHE J 192 3.32 -9.80 42.32
C PHE J 192 3.02 -10.99 43.21
N SER J 193 3.50 -12.18 42.83
CA SER J 193 3.36 -13.34 43.69
C SER J 193 4.15 -13.20 44.99
N ALA J 194 5.20 -12.37 45.03
CA ALA J 194 5.98 -12.18 46.24
C ALA J 194 5.24 -11.36 47.31
N ILE J 195 4.02 -10.92 47.04
CA ILE J 195 3.27 -10.08 47.97
C ILE J 195 2.66 -10.93 49.09
#